data_6WS6
#
_entry.id   6WS6
#
_cell.length_a   132.590
_cell.length_b   132.590
_cell.length_c   301.240
_cell.angle_alpha   90.000
_cell.angle_beta   90.000
_cell.angle_gamma   90.000
#
_symmetry.space_group_name_H-M   'P 41 21 2'
#
loop_
_entity.id
_entity.type
_entity.pdbx_description
1 polymer 'S309 antigen-binding (Fab) fragment, heavy chain'
2 polymer 'S309 antigen-binding (Fab) fragment, light chain'
3 non-polymer "O-(O-(2-AMINOPROPYL)-O'-(2-METHOXYETHYL)POLYPROPYLENE GLYCOL 500)"
#
loop_
_entity_poly.entity_id
_entity_poly.type
_entity_poly.pdbx_seq_one_letter_code
_entity_poly.pdbx_strand_id
1 'polypeptide(L)'
;QVQLVQSGAEVKKPGASVKVSCKASGYPFTSYGISWVRQAPGQGLEWMGWISTYNGNTNYAQKFQGRVTMTTDTSTTTGY
MELRRLRSDDTAVYYCARDYTRGAWFGESLIGGFDNWGQGTLVTVSSASTKGPSVFPLAPSSKSTSGGTAALGCLVKDYF
PEPVTVSWNSGALTSGVHTFPAVLQSSGLYSLSSVVTVPSSSLGTQTYICNVNHKPSNTKVDKKVEPKSC
;
A,C,E
2 'polypeptide(L)'
;EIVLTQSPGTLSLSPGERATLSCRASQTVSSTSLAWYQQKPGQAPRLLIYGASSRATGIPDRFSGSGSGTDFTLTISRLE
PEDFAVYYCQQHDTSLTFGGGTKVEIKRTVAAPSVFIFPPSDEQLKSGTASVVCLLNNFYPREAKVQWKVDNALQSGNSQ
ESVTEQDSKDSTYSLSSTLTLSKADYEKHKVYACEVTHQGLSSPVTKSFNRGEC
;
B,D,F
#
# COMPACT_ATOMS: atom_id res chain seq x y z
N GLN A 1 11.91 -10.01 24.04
CA GLN A 1 11.39 -9.92 25.39
C GLN A 1 10.06 -9.18 25.43
N VAL A 2 10.00 -8.04 24.74
CA VAL A 2 8.83 -7.18 24.79
C VAL A 2 7.69 -7.84 24.02
N GLN A 3 6.56 -8.03 24.70
CA GLN A 3 5.36 -8.56 24.08
C GLN A 3 4.15 -7.76 24.54
N LEU A 4 3.19 -7.58 23.63
CA LEU A 4 1.95 -6.86 23.93
C LEU A 4 0.79 -7.72 23.43
N VAL A 5 0.08 -8.34 24.36
CA VAL A 5 -1.05 -9.20 24.05
C VAL A 5 -2.33 -8.47 24.45
N GLN A 6 -3.24 -8.31 23.50
CA GLN A 6 -4.49 -7.61 23.71
C GLN A 6 -5.63 -8.60 23.92
N SER A 7 -6.75 -8.09 24.43
CA SER A 7 -7.92 -8.92 24.67
C SER A 7 -8.57 -9.32 23.35
N GLY A 8 -9.49 -10.28 23.44
CA GLY A 8 -10.15 -10.81 22.27
C GLY A 8 -11.07 -9.80 21.61
N ALA A 9 -11.67 -10.24 20.50
CA ALA A 9 -12.57 -9.39 19.74
C ALA A 9 -13.86 -9.14 20.53
N GLU A 10 -14.48 -7.99 20.25
CA GLU A 10 -15.70 -7.57 20.94
C GLU A 10 -16.76 -7.20 19.92
N VAL A 11 -18.02 -7.45 20.29
CA VAL A 11 -19.18 -7.06 19.50
C VAL A 11 -20.15 -6.36 20.46
N LYS A 12 -20.38 -5.07 20.23
CA LYS A 12 -21.18 -4.26 21.13
C LYS A 12 -22.32 -3.58 20.38
N LYS A 13 -23.37 -3.25 21.13
CA LYS A 13 -24.49 -2.50 20.60
C LYS A 13 -24.18 -1.01 20.62
N PRO A 14 -24.83 -0.22 19.76
CA PRO A 14 -24.62 1.24 19.81
C PRO A 14 -25.07 1.82 21.14
N GLY A 15 -24.24 2.69 21.70
CA GLY A 15 -24.48 3.30 22.99
C GLY A 15 -23.78 2.61 24.15
N ALA A 16 -23.38 1.36 23.98
CA ALA A 16 -22.69 0.62 25.04
C ALA A 16 -21.23 1.05 25.09
N SER A 17 -20.43 0.36 25.89
CA SER A 17 -19.02 0.65 26.05
C SER A 17 -18.21 -0.63 25.85
N VAL A 18 -16.90 -0.45 25.73
CA VAL A 18 -15.97 -1.58 25.55
C VAL A 18 -14.66 -1.21 26.20
N LYS A 19 -14.09 -2.16 26.95
CA LYS A 19 -12.79 -1.98 27.59
C LYS A 19 -11.82 -3.01 26.99
N VAL A 20 -10.70 -2.52 26.46
CA VAL A 20 -9.69 -3.36 25.82
C VAL A 20 -8.46 -3.36 26.71
N SER A 21 -7.93 -4.54 26.99
CA SER A 21 -6.74 -4.71 27.81
C SER A 21 -5.51 -4.85 26.94
N CYS A 22 -4.36 -4.49 27.51
CA CYS A 22 -3.07 -4.54 26.82
C CYS A 22 -2.03 -5.05 27.83
N LYS A 23 -1.81 -6.36 27.82
CA LYS A 23 -0.86 -6.99 28.73
C LYS A 23 0.56 -6.77 28.21
N ALA A 24 1.39 -6.10 29.01
CA ALA A 24 2.78 -5.84 28.66
C ALA A 24 3.70 -6.70 29.50
N SER A 25 4.86 -7.03 28.93
CA SER A 25 5.85 -7.85 29.62
C SER A 25 7.17 -7.76 28.85
N GLY A 26 8.27 -7.95 29.58
CA GLY A 26 9.59 -8.00 28.98
C GLY A 26 10.42 -6.74 29.16
N TYR A 27 9.83 -5.67 29.66
CA TYR A 27 10.52 -4.40 29.82
C TYR A 27 10.03 -3.72 31.09
N PRO A 28 10.82 -2.79 31.64
CA PRO A 28 10.33 -1.99 32.77
C PRO A 28 9.04 -1.27 32.43
N PHE A 29 7.93 -1.75 32.99
CA PHE A 29 6.61 -1.29 32.56
C PHE A 29 6.40 0.19 32.85
N THR A 30 6.89 0.67 33.99
CA THR A 30 6.66 2.04 34.41
C THR A 30 7.67 3.02 33.80
N SER A 31 8.51 2.58 32.86
CA SER A 31 9.47 3.46 32.22
C SER A 31 9.05 3.91 30.83
N TYR A 32 8.06 3.25 30.24
CA TYR A 32 7.55 3.60 28.92
C TYR A 32 6.07 3.91 29.00
N GLY A 33 5.62 4.85 28.18
CA GLY A 33 4.20 5.11 28.06
C GLY A 33 3.52 4.11 27.14
N ILE A 34 2.19 4.18 27.13
CA ILE A 34 1.36 3.32 26.28
C ILE A 34 0.47 4.21 25.42
N SER A 35 0.56 4.04 24.12
CA SER A 35 -0.28 4.75 23.17
C SER A 35 -1.30 3.80 22.57
N TRP A 36 -2.46 4.34 22.20
CA TRP A 36 -3.55 3.57 21.63
C TRP A 36 -3.92 4.14 20.28
N VAL A 37 -3.99 3.28 19.27
CA VAL A 37 -4.32 3.66 17.90
C VAL A 37 -5.38 2.71 17.38
N ARG A 38 -6.42 3.25 16.76
CA ARG A 38 -7.46 2.44 16.13
C ARG A 38 -7.40 2.62 14.62
N GLN A 39 -7.93 1.63 13.90
CA GLN A 39 -7.91 1.62 12.45
C GLN A 39 -9.21 1.05 11.93
N ALA A 40 -10.06 1.91 11.37
CA ALA A 40 -11.30 1.46 10.77
C ALA A 40 -11.02 0.57 9.56
N PRO A 41 -11.89 -0.38 9.26
CA PRO A 41 -11.66 -1.27 8.12
C PRO A 41 -11.61 -0.48 6.82
N GLY A 42 -10.43 -0.50 6.18
CA GLY A 42 -10.20 0.21 4.94
C GLY A 42 -9.55 1.56 5.11
N GLN A 43 -9.74 2.20 6.27
CA GLN A 43 -9.18 3.51 6.53
C GLN A 43 -7.81 3.38 7.19
N GLY A 44 -7.17 4.53 7.46
CA GLY A 44 -5.84 4.55 7.99
C GLY A 44 -5.81 4.56 9.51
N LEU A 45 -4.61 4.80 10.05
CA LEU A 45 -4.40 4.83 11.48
C LEU A 45 -4.94 6.13 12.07
N GLU A 46 -5.47 6.03 13.29
CA GLU A 46 -6.05 7.18 13.99
C GLU A 46 -5.60 7.13 15.44
N TRP A 47 -4.79 8.10 15.85
CA TRP A 47 -4.29 8.15 17.22
C TRP A 47 -5.42 8.48 18.19
N MET A 48 -5.48 7.75 19.29
CA MET A 48 -6.52 7.94 20.29
C MET A 48 -6.01 8.69 21.53
N GLY A 49 -4.90 8.25 22.10
CA GLY A 49 -4.39 8.92 23.28
C GLY A 49 -3.09 8.28 23.75
N TRP A 50 -2.56 8.85 24.82
CA TRP A 50 -1.31 8.40 25.43
C TRP A 50 -1.48 8.44 26.94
N ILE A 51 -0.89 7.47 27.63
CA ILE A 51 -0.98 7.38 29.08
C ILE A 51 0.38 7.01 29.64
N SER A 52 0.74 7.65 30.75
CA SER A 52 1.98 7.35 31.47
C SER A 52 1.73 6.21 32.44
N THR A 53 2.53 5.15 32.32
CA THR A 53 2.42 4.02 33.24
C THR A 53 2.99 4.34 34.62
N TYR A 54 3.61 5.50 34.80
CA TYR A 54 4.17 5.89 36.10
C TYR A 54 3.12 6.66 36.91
N ASN A 55 2.87 7.91 36.54
CA ASN A 55 1.96 8.75 37.30
C ASN A 55 0.49 8.58 36.88
N GLY A 56 0.24 8.05 35.70
CA GLY A 56 -1.13 7.85 35.24
C GLY A 56 -1.72 8.99 34.44
N ASN A 57 -0.93 10.01 34.11
CA ASN A 57 -1.44 11.11 33.31
C ASN A 57 -1.82 10.64 31.91
N THR A 58 -2.85 11.26 31.36
CA THR A 58 -3.38 10.90 30.06
C THR A 58 -3.46 12.12 29.16
N ASN A 59 -3.25 11.90 27.87
CA ASN A 59 -3.36 12.93 26.83
C ASN A 59 -4.17 12.31 25.69
N TYR A 60 -5.49 12.54 25.71
CA TYR A 60 -6.39 11.99 24.71
C TYR A 60 -6.50 12.92 23.51
N ALA A 61 -6.82 12.33 22.36
CA ALA A 61 -7.12 13.13 21.17
C ALA A 61 -8.46 13.84 21.34
N GLN A 62 -8.57 15.02 20.73
CA GLN A 62 -9.77 15.83 20.89
C GLN A 62 -11.01 15.14 20.35
N LYS A 63 -10.85 14.20 19.41
CA LYS A 63 -12.01 13.51 18.86
C LYS A 63 -12.64 12.57 19.87
N PHE A 64 -11.86 12.04 20.81
CA PHE A 64 -12.34 11.06 21.76
C PHE A 64 -12.43 11.58 23.19
N GLN A 65 -12.11 12.85 23.44
CA GLN A 65 -12.19 13.39 24.78
C GLN A 65 -13.64 13.40 25.25
N GLY A 66 -13.89 12.74 26.38
CA GLY A 66 -15.22 12.57 26.93
C GLY A 66 -15.77 11.17 26.78
N ARG A 67 -15.28 10.40 25.81
CA ARG A 67 -15.72 9.03 25.62
C ARG A 67 -14.65 8.00 25.98
N VAL A 68 -13.38 8.37 25.92
CA VAL A 68 -12.29 7.43 26.16
C VAL A 68 -11.73 7.65 27.57
N THR A 69 -11.31 6.56 28.19
CA THR A 69 -10.70 6.61 29.52
C THR A 69 -9.64 5.51 29.57
N MET A 70 -8.37 5.91 29.60
CA MET A 70 -7.26 4.97 29.62
C MET A 70 -6.71 4.84 31.03
N THR A 71 -6.55 3.60 31.48
CA THR A 71 -6.00 3.31 32.79
C THR A 71 -4.98 2.19 32.68
N THR A 72 -4.03 2.16 33.61
CA THR A 72 -3.02 1.12 33.65
C THR A 72 -2.98 0.51 35.04
N ASP A 73 -2.71 -0.80 35.08
CA ASP A 73 -2.57 -1.54 36.32
C ASP A 73 -1.11 -1.96 36.44
N THR A 74 -0.33 -1.20 37.22
CA THR A 74 1.09 -1.47 37.35
C THR A 74 1.36 -2.81 38.03
N SER A 75 0.46 -3.24 38.91
CA SER A 75 0.65 -4.53 39.58
C SER A 75 0.55 -5.69 38.62
N THR A 76 -0.20 -5.53 37.54
CA THR A 76 -0.35 -6.58 36.52
C THR A 76 0.29 -6.19 35.20
N THR A 77 0.94 -5.04 35.11
CA THR A 77 1.59 -4.56 33.89
C THR A 77 0.63 -4.62 32.70
N THR A 78 -0.60 -4.19 32.93
CA THR A 78 -1.65 -4.24 31.92
C THR A 78 -2.23 -2.85 31.71
N GLY A 79 -2.28 -2.41 30.46
CA GLY A 79 -2.92 -1.15 30.10
C GLY A 79 -4.33 -1.40 29.60
N TYR A 80 -5.22 -0.47 29.91
CA TYR A 80 -6.62 -0.58 29.55
C TYR A 80 -7.06 0.64 28.74
N MET A 81 -8.12 0.44 27.96
CA MET A 81 -8.69 1.53 27.15
C MET A 81 -10.19 1.30 27.06
N GLU A 82 -10.96 2.18 27.68
CA GLU A 82 -12.42 2.09 27.69
C GLU A 82 -13.01 3.20 26.83
N LEU A 83 -13.87 2.81 25.88
CA LEU A 83 -14.54 3.74 24.99
C LEU A 83 -16.05 3.60 25.20
N ARG A 84 -16.66 4.64 25.76
CA ARG A 84 -18.07 4.63 26.08
C ARG A 84 -18.90 5.30 24.98
N ARG A 85 -20.21 5.06 25.03
CA ARG A 85 -21.17 5.60 24.07
C ARG A 85 -20.75 5.29 22.64
N LEU A 86 -20.57 3.99 22.38
CA LEU A 86 -20.10 3.53 21.08
C LEU A 86 -21.13 3.82 20.00
N ARG A 87 -20.65 4.33 18.87
CA ARG A 87 -21.45 4.53 17.67
C ARG A 87 -21.00 3.56 16.59
N SER A 88 -21.76 3.52 15.50
CA SER A 88 -21.49 2.56 14.43
C SER A 88 -20.10 2.76 13.83
N ASP A 89 -19.67 4.02 13.68
CA ASP A 89 -18.37 4.30 13.08
C ASP A 89 -17.20 4.04 14.03
N ASP A 90 -17.46 3.59 15.26
CA ASP A 90 -16.37 3.17 16.13
C ASP A 90 -15.87 1.76 15.82
N THR A 91 -16.52 1.06 14.89
CA THR A 91 -16.09 -0.28 14.52
C THR A 91 -14.71 -0.23 13.88
N ALA A 92 -13.70 -0.70 14.60
CA ALA A 92 -12.32 -0.62 14.14
C ALA A 92 -11.47 -1.62 14.91
N VAL A 93 -10.24 -1.78 14.46
CA VAL A 93 -9.24 -2.58 15.17
C VAL A 93 -8.43 -1.65 16.05
N TYR A 94 -8.50 -1.88 17.37
CA TYR A 94 -7.85 -1.01 18.35
C TYR A 94 -6.51 -1.61 18.74
N TYR A 95 -5.43 -0.86 18.52
CA TYR A 95 -4.08 -1.29 18.83
C TYR A 95 -3.56 -0.57 20.07
N CYS A 96 -2.66 -1.24 20.78
CA CYS A 96 -1.87 -0.62 21.83
C CYS A 96 -0.40 -0.80 21.50
N ALA A 97 0.42 0.18 21.88
CA ALA A 97 1.83 0.14 21.52
C ALA A 97 2.65 0.78 22.64
N ARG A 98 3.85 0.24 22.84
CA ARG A 98 4.79 0.85 23.77
C ARG A 98 5.28 2.17 23.21
N ASP A 99 4.98 3.26 23.91
CA ASP A 99 5.26 4.59 23.41
C ASP A 99 6.65 5.06 23.82
N TYR A 100 7.36 5.66 22.87
CA TYR A 100 8.60 6.37 23.13
C TYR A 100 8.59 7.72 22.42
N THR A 101 7.45 8.42 22.50
CA THR A 101 7.35 9.78 22.02
C THR A 101 7.16 10.80 23.14
N ARG A 102 6.75 10.36 24.33
CA ARG A 102 6.57 11.23 25.47
C ARG A 102 7.06 10.52 26.72
N GLY A 103 7.83 11.21 27.54
CA GLY A 103 8.38 10.60 28.74
C GLY A 103 7.28 10.25 29.73
N ALA A 104 7.32 9.02 30.24
CA ALA A 104 6.33 8.58 31.22
C ALA A 104 6.55 9.18 32.60
N TRP A 105 7.66 9.89 32.81
CA TRP A 105 7.98 10.48 34.10
C TRP A 105 7.81 11.99 34.13
N PHE A 106 8.29 12.69 33.11
CA PHE A 106 8.23 14.15 33.07
C PHE A 106 7.55 14.69 31.82
N GLY A 107 7.01 13.83 30.96
CA GLY A 107 6.30 14.30 29.79
C GLY A 107 7.15 14.97 28.74
N GLU A 108 8.46 14.76 28.76
CA GLU A 108 9.34 15.37 27.77
C GLU A 108 9.17 14.69 26.42
N SER A 109 9.47 15.45 25.36
CA SER A 109 9.41 14.90 24.01
C SER A 109 10.59 13.97 23.78
N LEU A 110 10.31 12.79 23.24
CA LEU A 110 11.33 11.77 23.03
C LEU A 110 11.60 11.57 21.55
N ILE A 111 12.82 11.16 21.23
CA ILE A 111 13.22 10.88 19.85
C ILE A 111 12.95 9.39 19.62
N GLY A 112 11.72 9.10 19.20
CA GLY A 112 11.34 7.72 18.96
C GLY A 112 9.91 7.63 18.46
N GLY A 113 9.33 6.45 18.62
CA GLY A 113 7.97 6.22 18.18
C GLY A 113 7.28 5.10 18.93
N PHE A 114 6.47 4.32 18.22
CA PHE A 114 5.78 3.16 18.79
C PHE A 114 6.55 1.92 18.34
N ASP A 115 7.49 1.47 19.19
CA ASP A 115 8.37 0.37 18.80
C ASP A 115 7.61 -0.94 18.71
N ASN A 116 7.08 -1.41 19.83
CA ASN A 116 6.35 -2.68 19.87
C ASN A 116 4.85 -2.41 19.89
N TRP A 117 4.12 -3.17 19.08
CA TRP A 117 2.68 -3.04 18.96
C TRP A 117 2.00 -4.31 19.44
N GLY A 118 0.70 -4.19 19.74
CA GLY A 118 -0.10 -5.36 20.06
C GLY A 118 -0.73 -5.97 18.83
N GLN A 119 -1.34 -7.15 19.01
CA GLN A 119 -1.97 -7.82 17.89
C GLN A 119 -3.26 -7.14 17.45
N GLY A 120 -3.78 -6.21 18.22
CA GLY A 120 -5.00 -5.51 17.85
C GLY A 120 -6.24 -6.17 18.39
N THR A 121 -7.27 -5.35 18.62
CA THR A 121 -8.55 -5.81 19.13
C THR A 121 -9.64 -5.28 18.21
N LEU A 122 -10.33 -6.19 17.51
CA LEU A 122 -11.42 -5.81 16.62
C LEU A 122 -12.69 -5.62 17.44
N VAL A 123 -13.18 -4.39 17.49
CA VAL A 123 -14.42 -4.05 18.18
C VAL A 123 -15.45 -3.70 17.12
N THR A 124 -16.55 -4.46 17.10
CA THR A 124 -17.61 -4.28 16.11
C THR A 124 -18.84 -3.71 16.81
N VAL A 125 -19.22 -2.50 16.42
CA VAL A 125 -20.38 -1.82 16.98
C VAL A 125 -21.48 -1.83 15.93
N SER A 126 -22.57 -2.52 16.22
CA SER A 126 -23.70 -2.59 15.31
C SER A 126 -24.95 -2.97 16.09
N SER A 127 -26.09 -2.43 15.65
CA SER A 127 -27.37 -2.75 16.27
C SER A 127 -27.93 -4.08 15.79
N ALA A 128 -27.25 -4.76 14.88
CA ALA A 128 -27.72 -6.04 14.37
C ALA A 128 -27.42 -7.16 15.36
N SER A 129 -28.22 -8.21 15.29
CA SER A 129 -28.04 -9.41 16.11
C SER A 129 -27.43 -10.53 15.27
N THR A 130 -27.05 -11.60 15.96
CA THR A 130 -26.44 -12.74 15.29
C THR A 130 -27.46 -13.44 14.39
N LYS A 131 -27.10 -13.60 13.12
CA LYS A 131 -27.97 -14.25 12.15
C LYS A 131 -27.14 -15.11 11.21
N GLY A 132 -27.64 -16.30 10.92
CA GLY A 132 -26.97 -17.21 10.02
C GLY A 132 -27.08 -16.79 8.58
N PRO A 133 -26.06 -17.08 7.78
CA PRO A 133 -26.08 -16.67 6.38
C PRO A 133 -26.92 -17.60 5.52
N SER A 134 -27.57 -17.00 4.51
CA SER A 134 -28.30 -17.74 3.50
C SER A 134 -27.40 -17.91 2.28
N VAL A 135 -27.07 -19.16 1.95
CA VAL A 135 -26.14 -19.47 0.88
C VAL A 135 -26.94 -19.79 -0.38
N PHE A 136 -26.74 -18.99 -1.43
CA PHE A 136 -27.40 -19.20 -2.70
C PHE A 136 -26.37 -19.50 -3.79
N PRO A 137 -26.68 -20.40 -4.72
CA PRO A 137 -25.70 -20.77 -5.74
C PRO A 137 -25.67 -19.77 -6.89
N LEU A 138 -24.45 -19.47 -7.35
CA LEU A 138 -24.25 -18.68 -8.56
C LEU A 138 -23.99 -19.66 -9.70
N ALA A 139 -25.09 -20.17 -10.26
CA ALA A 139 -25.00 -21.23 -11.25
C ALA A 139 -24.36 -20.73 -12.54
N PRO A 140 -23.46 -21.51 -13.14
CA PRO A 140 -22.85 -21.11 -14.41
C PRO A 140 -23.72 -21.49 -15.61
N SER A 141 -23.41 -20.86 -16.73
CA SER A 141 -24.09 -21.12 -18.00
C SER A 141 -23.20 -20.59 -19.11
N SER A 142 -23.79 -20.41 -20.30
CA SER A 142 -23.03 -19.86 -21.42
C SER A 142 -22.66 -18.39 -21.20
N LYS A 143 -23.39 -17.68 -20.35
CA LYS A 143 -23.03 -16.31 -20.04
C LYS A 143 -21.76 -16.23 -19.20
N SER A 144 -21.45 -17.29 -18.46
CA SER A 144 -20.24 -17.35 -17.65
C SER A 144 -19.18 -18.25 -18.32
N THR A 145 -18.96 -18.04 -19.61
CA THR A 145 -17.96 -18.81 -20.36
C THR A 145 -17.15 -17.84 -21.21
N SER A 146 -15.92 -17.57 -20.79
CA SER A 146 -14.98 -16.75 -21.55
C SER A 146 -13.94 -17.70 -22.14
N GLY A 147 -14.25 -18.24 -23.31
CA GLY A 147 -13.41 -19.26 -23.92
C GLY A 147 -13.73 -20.61 -23.32
N GLY A 148 -12.69 -21.35 -22.94
CA GLY A 148 -12.87 -22.61 -22.26
C GLY A 148 -13.02 -22.51 -20.76
N THR A 149 -12.94 -21.30 -20.20
CA THR A 149 -13.04 -21.10 -18.77
C THR A 149 -14.46 -20.74 -18.38
N ALA A 150 -14.95 -21.36 -17.32
CA ALA A 150 -16.27 -21.10 -16.78
C ALA A 150 -16.16 -20.66 -15.33
N ALA A 151 -17.11 -19.84 -14.90
CA ALA A 151 -17.12 -19.27 -13.56
C ALA A 151 -18.40 -19.67 -12.83
N LEU A 152 -18.24 -20.05 -11.56
CA LEU A 152 -19.37 -20.37 -10.70
C LEU A 152 -18.99 -20.03 -9.27
N GLY A 153 -19.99 -19.72 -8.46
CA GLY A 153 -19.71 -19.32 -7.10
C GLY A 153 -20.90 -19.48 -6.19
N CYS A 154 -20.76 -18.94 -4.98
CA CYS A 154 -21.80 -18.96 -3.96
C CYS A 154 -22.02 -17.55 -3.42
N LEU A 155 -23.25 -17.28 -3.01
CA LEU A 155 -23.63 -15.97 -2.48
C LEU A 155 -23.94 -16.13 -1.00
N VAL A 156 -23.00 -15.71 -0.16
CA VAL A 156 -23.19 -15.72 1.30
C VAL A 156 -23.85 -14.39 1.65
N LYS A 157 -25.17 -14.40 1.77
CA LYS A 157 -25.95 -13.18 1.91
C LYS A 157 -26.65 -13.13 3.25
N ASP A 158 -26.73 -11.92 3.83
CA ASP A 158 -27.48 -11.66 5.06
C ASP A 158 -26.95 -12.46 6.24
N TYR A 159 -25.92 -11.95 6.90
CA TYR A 159 -25.39 -12.58 8.11
C TYR A 159 -24.71 -11.53 8.97
N PHE A 160 -24.51 -11.88 10.24
CA PHE A 160 -23.85 -11.00 11.20
C PHE A 160 -23.43 -11.83 12.39
N PRO A 161 -22.22 -11.61 12.94
CA PRO A 161 -21.23 -10.68 12.40
C PRO A 161 -20.15 -11.38 11.58
N GLU A 162 -19.09 -10.65 11.26
CA GLU A 162 -17.94 -11.23 10.60
C GLU A 162 -17.22 -12.19 11.56
N PRO A 163 -16.49 -13.17 11.02
CA PRO A 163 -16.32 -13.49 9.61
C PRO A 163 -17.06 -14.75 9.17
N VAL A 164 -16.88 -15.12 7.90
CA VAL A 164 -17.32 -16.40 7.37
C VAL A 164 -16.20 -16.96 6.52
N THR A 165 -16.04 -18.28 6.57
CA THR A 165 -15.01 -18.97 5.79
C THR A 165 -15.69 -19.82 4.72
N VAL A 166 -15.24 -19.67 3.48
CA VAL A 166 -15.79 -20.40 2.34
C VAL A 166 -14.69 -21.24 1.73
N SER A 167 -14.96 -22.52 1.52
CA SER A 167 -14.05 -23.43 0.86
C SER A 167 -14.81 -24.22 -0.19
N TRP A 168 -14.08 -24.72 -1.18
CA TRP A 168 -14.65 -25.44 -2.31
C TRP A 168 -14.14 -26.87 -2.32
N ASN A 169 -15.07 -27.83 -2.41
CA ASN A 169 -14.75 -29.25 -2.41
C ASN A 169 -13.93 -29.63 -1.18
N SER A 170 -14.41 -29.19 -0.02
CA SER A 170 -13.74 -29.44 1.26
C SER A 170 -12.31 -28.92 1.27
N GLY A 171 -12.06 -27.83 0.55
CA GLY A 171 -10.74 -27.24 0.49
C GLY A 171 -9.83 -27.80 -0.58
N ALA A 172 -10.33 -28.69 -1.44
CA ALA A 172 -9.49 -29.26 -2.49
C ALA A 172 -9.34 -28.35 -3.70
N LEU A 173 -10.26 -27.41 -3.88
CA LEU A 173 -10.23 -26.48 -5.00
C LEU A 173 -9.89 -25.09 -4.43
N THR A 174 -8.61 -24.73 -4.49
CA THR A 174 -8.15 -23.43 -4.02
C THR A 174 -7.59 -22.55 -5.11
N SER A 175 -6.95 -23.11 -6.13
CA SER A 175 -6.42 -22.31 -7.22
C SER A 175 -7.55 -21.72 -8.05
N GLY A 176 -7.48 -20.42 -8.31
CA GLY A 176 -8.49 -19.74 -9.07
C GLY A 176 -9.74 -19.38 -8.30
N VAL A 177 -9.69 -19.42 -6.97
CA VAL A 177 -10.84 -19.10 -6.12
C VAL A 177 -10.68 -17.67 -5.63
N HIS A 178 -11.78 -16.91 -5.65
CA HIS A 178 -11.79 -15.53 -5.18
C HIS A 178 -12.96 -15.37 -4.21
N THR A 179 -12.66 -15.20 -2.93
CA THR A 179 -13.66 -14.90 -1.91
C THR A 179 -13.58 -13.40 -1.62
N PHE A 180 -14.57 -12.65 -2.08
CA PHE A 180 -14.52 -11.20 -2.01
C PHE A 180 -14.82 -10.73 -0.59
N PRO A 181 -14.23 -9.59 -0.20
CA PRO A 181 -14.56 -9.01 1.11
C PRO A 181 -16.03 -8.69 1.22
N ALA A 182 -16.59 -8.93 2.40
CA ALA A 182 -18.02 -8.72 2.60
C ALA A 182 -18.37 -7.24 2.58
N VAL A 183 -19.50 -6.92 1.96
CA VAL A 183 -20.03 -5.56 1.96
C VAL A 183 -21.10 -5.48 3.04
N LEU A 184 -21.19 -4.31 3.67
CA LEU A 184 -22.16 -4.09 4.74
C LEU A 184 -23.43 -3.49 4.13
N GLN A 185 -24.47 -4.32 4.05
CA GLN A 185 -25.74 -3.87 3.47
C GLN A 185 -26.43 -2.86 4.38
N SER A 186 -27.43 -2.18 3.83
CA SER A 186 -28.16 -1.17 4.59
C SER A 186 -28.95 -1.79 5.75
N SER A 187 -29.26 -3.08 5.68
CA SER A 187 -29.99 -3.75 6.75
C SER A 187 -29.11 -4.10 7.95
N GLY A 188 -27.83 -3.73 7.92
CA GLY A 188 -26.91 -4.05 8.99
C GLY A 188 -26.27 -5.43 8.88
N LEU A 189 -26.69 -6.24 7.93
CA LEU A 189 -26.14 -7.58 7.74
C LEU A 189 -25.08 -7.56 6.64
N TYR A 190 -24.10 -8.45 6.78
CA TYR A 190 -23.02 -8.58 5.81
C TYR A 190 -23.43 -9.50 4.67
N SER A 191 -22.68 -9.41 3.57
CA SER A 191 -22.94 -10.24 2.40
C SER A 191 -21.69 -10.25 1.53
N LEU A 192 -21.28 -11.44 1.11
CA LEU A 192 -20.14 -11.58 0.21
C LEU A 192 -20.43 -12.69 -0.80
N SER A 193 -19.52 -12.84 -1.75
CA SER A 193 -19.60 -13.89 -2.76
C SER A 193 -18.22 -14.50 -2.93
N SER A 194 -18.19 -15.81 -3.15
CA SER A 194 -16.94 -16.54 -3.39
C SER A 194 -17.08 -17.30 -4.69
N VAL A 195 -16.26 -16.94 -5.68
CA VAL A 195 -16.33 -17.53 -7.01
C VAL A 195 -15.07 -18.34 -7.28
N VAL A 196 -15.13 -19.14 -8.35
CA VAL A 196 -13.99 -19.95 -8.77
C VAL A 196 -14.10 -20.23 -10.25
N THR A 197 -13.00 -20.06 -10.98
CA THR A 197 -12.97 -20.32 -12.42
C THR A 197 -12.58 -21.78 -12.66
N VAL A 198 -13.38 -22.47 -13.47
CA VAL A 198 -13.15 -23.88 -13.77
C VAL A 198 -13.29 -24.08 -15.28
N PRO A 199 -12.66 -25.12 -15.82
CA PRO A 199 -12.81 -25.40 -17.25
C PRO A 199 -14.25 -25.73 -17.59
N SER A 200 -14.72 -25.19 -18.72
CA SER A 200 -16.10 -25.42 -19.14
C SER A 200 -16.36 -26.88 -19.49
N SER A 201 -15.32 -27.65 -19.82
CA SER A 201 -15.51 -29.06 -20.13
C SER A 201 -15.91 -29.88 -18.92
N SER A 202 -15.65 -29.39 -17.71
CA SER A 202 -15.92 -30.12 -16.48
C SER A 202 -17.22 -29.69 -15.81
N LEU A 203 -18.08 -28.96 -16.50
CA LEU A 203 -19.31 -28.50 -15.88
C LEU A 203 -20.34 -29.61 -15.76
N GLY A 204 -20.30 -30.60 -16.66
CA GLY A 204 -21.27 -31.68 -16.63
C GLY A 204 -20.82 -32.86 -15.81
N THR A 205 -19.52 -33.13 -15.79
CA THR A 205 -18.98 -34.29 -15.10
C THR A 205 -18.61 -33.98 -13.64
N GLN A 206 -17.85 -32.91 -13.43
CA GLN A 206 -17.37 -32.59 -12.09
C GLN A 206 -18.49 -32.06 -11.21
N THR A 207 -18.28 -32.16 -9.90
CA THR A 207 -19.22 -31.67 -8.90
C THR A 207 -18.54 -30.57 -8.09
N TYR A 208 -19.14 -29.39 -8.08
CA TYR A 208 -18.61 -28.23 -7.38
C TYR A 208 -19.57 -27.84 -6.26
N ILE A 209 -19.03 -27.66 -5.05
CA ILE A 209 -19.83 -27.36 -3.88
C ILE A 209 -19.01 -26.48 -2.95
N CYS A 210 -19.64 -25.41 -2.45
CA CYS A 210 -18.99 -24.49 -1.53
C CYS A 210 -19.36 -24.85 -0.10
N ASN A 211 -18.39 -24.72 0.81
CA ASN A 211 -18.57 -25.03 2.23
C ASN A 211 -18.50 -23.70 3.00
N VAL A 212 -19.66 -23.18 3.38
CA VAL A 212 -19.76 -21.92 4.09
C VAL A 212 -19.88 -22.21 5.59
N ASN A 213 -19.01 -21.58 6.37
CA ASN A 213 -18.97 -21.75 7.82
C ASN A 213 -19.12 -20.40 8.50
N HIS A 214 -20.08 -20.32 9.43
CA HIS A 214 -20.31 -19.10 10.20
C HIS A 214 -20.38 -19.49 11.67
N LYS A 215 -19.30 -19.25 12.40
CA LYS A 215 -19.15 -19.66 13.79
C LYS A 215 -20.09 -18.93 14.75
N PRO A 216 -20.28 -17.61 14.63
CA PRO A 216 -21.18 -16.92 15.59
C PRO A 216 -22.59 -17.49 15.60
N SER A 217 -23.11 -17.94 14.46
CA SER A 217 -24.43 -18.54 14.39
C SER A 217 -24.38 -20.06 14.36
N ASN A 218 -23.18 -20.65 14.35
CA ASN A 218 -23.00 -22.11 14.28
C ASN A 218 -23.71 -22.68 13.06
N THR A 219 -23.51 -22.04 11.92
CA THR A 219 -24.14 -22.42 10.67
C THR A 219 -23.10 -23.01 9.73
N LYS A 220 -23.33 -24.25 9.30
CA LYS A 220 -22.46 -24.92 8.33
C LYS A 220 -23.33 -25.36 7.16
N VAL A 221 -23.12 -24.73 6.01
CA VAL A 221 -23.94 -24.97 4.82
C VAL A 221 -23.05 -25.49 3.71
N ASP A 222 -23.48 -26.58 3.07
CA ASP A 222 -22.79 -27.20 1.94
C ASP A 222 -23.73 -27.12 0.74
N LYS A 223 -23.63 -26.02 -0.01
CA LYS A 223 -24.51 -25.78 -1.16
C LYS A 223 -23.79 -26.24 -2.43
N LYS A 224 -24.42 -27.16 -3.15
CA LYS A 224 -23.88 -27.66 -4.41
C LYS A 224 -24.28 -26.74 -5.55
N VAL A 225 -23.29 -26.27 -6.31
CA VAL A 225 -23.50 -25.36 -7.42
C VAL A 225 -23.52 -26.18 -8.71
N GLU A 226 -24.69 -26.29 -9.32
CA GLU A 226 -24.83 -27.05 -10.56
C GLU A 226 -25.16 -26.12 -11.72
N PRO A 227 -24.61 -26.37 -12.90
CA PRO A 227 -24.97 -25.57 -14.08
C PRO A 227 -26.44 -25.79 -14.44
N LYS A 228 -27.17 -24.69 -14.58
CA LYS A 228 -28.63 -24.76 -14.74
C LYS A 228 -28.96 -24.96 -16.22
N SER A 229 -29.40 -26.17 -16.56
CA SER A 229 -29.86 -26.51 -17.91
C SER A 229 -28.83 -26.15 -18.99
N GLU B 1 -3.88 21.57 15.28
CA GLU B 1 -3.22 20.30 15.00
C GLU B 1 -2.37 20.40 13.73
N ILE B 2 -1.43 19.47 13.58
CA ILE B 2 -0.54 19.42 12.42
C ILE B 2 -1.01 18.25 11.55
N VAL B 3 -1.56 18.57 10.39
CA VAL B 3 -2.12 17.57 9.48
C VAL B 3 -1.00 17.07 8.57
N LEU B 4 -0.85 15.75 8.51
CA LEU B 4 0.13 15.11 7.63
C LEU B 4 -0.60 14.58 6.40
N THR B 5 -0.15 15.01 5.22
CA THR B 5 -0.74 14.61 3.96
C THR B 5 0.28 13.80 3.17
N GLN B 6 -0.08 12.57 2.82
CA GLN B 6 0.78 11.67 2.06
C GLN B 6 0.25 11.56 0.65
N SER B 7 1.14 11.72 -0.34
CA SER B 7 0.80 11.62 -1.74
C SER B 7 1.88 10.81 -2.45
N PRO B 8 1.49 9.89 -3.35
CA PRO B 8 0.09 9.59 -3.68
C PRO B 8 -0.53 8.60 -2.71
N GLY B 9 -1.87 8.47 -2.74
CA GLY B 9 -2.52 7.49 -1.90
C GLY B 9 -2.14 6.06 -2.25
N THR B 10 -1.83 5.81 -3.52
CA THR B 10 -1.39 4.50 -3.98
C THR B 10 -0.23 4.68 -4.94
N LEU B 11 0.88 3.99 -4.67
CA LEU B 11 2.08 4.07 -5.48
C LEU B 11 2.28 2.72 -6.18
N SER B 12 2.20 2.73 -7.52
CA SER B 12 2.30 1.51 -8.32
C SER B 12 3.69 1.44 -8.92
N LEU B 13 4.52 0.56 -8.36
CA LEU B 13 5.88 0.35 -8.83
C LEU B 13 6.17 -1.13 -8.90
N SER B 14 7.00 -1.52 -9.87
CA SER B 14 7.37 -2.92 -10.02
C SER B 14 8.45 -3.29 -9.00
N PRO B 15 8.50 -4.56 -8.57
CA PRO B 15 9.52 -4.97 -7.60
C PRO B 15 10.92 -4.83 -8.17
N GLY B 16 11.76 -4.05 -7.47
CA GLY B 16 13.11 -3.77 -7.88
C GLY B 16 13.40 -2.29 -8.04
N GLU B 17 12.37 -1.51 -8.33
CA GLU B 17 12.54 -0.07 -8.50
C GLU B 17 12.68 0.62 -7.14
N ARG B 18 13.09 1.88 -7.18
CA ARG B 18 13.22 2.70 -5.98
C ARG B 18 11.92 3.44 -5.74
N ALA B 19 11.48 3.44 -4.48
CA ALA B 19 10.23 4.08 -4.09
C ALA B 19 10.52 5.30 -3.20
N THR B 20 9.84 6.40 -3.49
CA THR B 20 9.95 7.62 -2.70
C THR B 20 8.56 8.04 -2.25
N LEU B 21 8.34 8.06 -0.94
CA LEU B 21 7.04 8.37 -0.36
C LEU B 21 7.13 9.70 0.37
N SER B 22 6.29 10.64 0.00
CA SER B 22 6.31 11.98 0.57
C SER B 22 5.36 12.08 1.77
N CYS B 23 5.68 13.03 2.66
CA CYS B 23 4.84 13.29 3.83
C CYS B 23 4.94 14.79 4.13
N ARG B 24 4.05 15.56 3.51
CA ARG B 24 4.00 17.00 3.71
C ARG B 24 3.16 17.34 4.94
N ALA B 25 3.63 18.29 5.73
CA ALA B 25 2.95 18.72 6.95
C ALA B 25 2.39 20.12 6.77
N SER B 26 1.29 20.39 7.49
CA SER B 26 0.68 21.73 7.43
C SER B 26 1.52 22.77 8.13
N GLN B 27 2.36 22.37 9.08
CA GLN B 27 3.25 23.26 9.79
C GLN B 27 4.65 22.67 9.82
N THR B 28 5.61 23.45 10.29
CA THR B 28 6.98 22.97 10.43
C THR B 28 7.05 21.96 11.58
N VAL B 29 7.44 20.74 11.27
CA VAL B 29 7.55 19.67 12.25
C VAL B 29 9.02 19.47 12.60
N SER B 30 9.30 19.32 13.89
CA SER B 30 10.66 19.03 14.34
C SER B 30 11.14 17.71 13.74
N SER B 31 12.38 17.72 13.24
CA SER B 31 12.92 16.52 12.60
C SER B 31 13.02 15.35 13.58
N THR B 32 13.21 15.64 14.86
CA THR B 32 13.35 14.60 15.87
C THR B 32 12.03 13.99 16.30
N SER B 33 10.90 14.44 15.73
CA SER B 33 9.59 13.97 16.15
C SER B 33 8.77 13.40 14.99
N LEU B 34 9.41 13.05 13.88
CA LEU B 34 8.74 12.45 12.74
C LEU B 34 9.12 10.98 12.63
N ALA B 35 8.11 10.13 12.46
CA ALA B 35 8.32 8.69 12.39
C ALA B 35 7.59 8.11 11.20
N TRP B 36 8.12 7.00 10.69
CA TRP B 36 7.50 6.26 9.59
C TRP B 36 7.15 4.86 10.07
N TYR B 37 6.02 4.35 9.59
CA TYR B 37 5.53 3.04 9.98
C TYR B 37 5.16 2.22 8.76
N GLN B 38 5.33 0.91 8.86
CA GLN B 38 4.93 -0.03 7.82
C GLN B 38 3.86 -0.96 8.37
N GLN B 39 2.82 -1.21 7.58
CA GLN B 39 1.74 -2.11 7.95
C GLN B 39 1.51 -3.09 6.81
N LYS B 40 1.99 -4.32 6.97
CA LYS B 40 1.74 -5.36 5.99
C LYS B 40 0.27 -5.79 6.08
N PRO B 41 -0.30 -6.32 4.99
CA PRO B 41 -1.72 -6.70 5.01
C PRO B 41 -2.02 -7.72 6.10
N GLY B 42 -2.94 -7.34 7.00
CA GLY B 42 -3.36 -8.24 8.06
C GLY B 42 -2.44 -8.29 9.26
N GLN B 43 -1.59 -7.30 9.45
CA GLN B 43 -0.66 -7.26 10.57
C GLN B 43 -0.68 -5.90 11.24
N ALA B 44 -0.12 -5.84 12.44
CA ALA B 44 -0.01 -4.58 13.15
C ALA B 44 1.07 -3.70 12.52
N PRO B 45 0.96 -2.38 12.67
CA PRO B 45 2.02 -1.49 12.15
C PRO B 45 3.37 -1.79 12.80
N ARG B 46 4.42 -1.44 12.08
CA ARG B 46 5.79 -1.67 12.51
C ARG B 46 6.60 -0.40 12.32
N LEU B 47 7.32 0.01 13.36
CA LEU B 47 8.12 1.22 13.29
C LEU B 47 9.29 1.04 12.35
N LEU B 48 9.35 1.89 11.31
CA LEU B 48 10.44 1.85 10.35
C LEU B 48 11.49 2.91 10.69
N ILE B 49 11.11 4.18 10.55
CA ILE B 49 12.01 5.31 10.75
C ILE B 49 11.52 6.10 11.96
N TYR B 50 12.47 6.56 12.77
CA TYR B 50 12.18 7.47 13.88
C TYR B 50 13.13 8.66 13.79
N GLY B 51 12.63 9.83 14.15
CA GLY B 51 13.44 11.03 14.01
C GLY B 51 13.79 11.35 12.57
N ALA B 52 12.83 11.19 11.66
CA ALA B 52 12.94 11.57 10.25
C ALA B 52 13.94 10.70 9.48
N SER B 53 15.13 10.49 10.04
CA SER B 53 16.20 9.85 9.28
C SER B 53 16.77 8.58 9.93
N SER B 54 16.47 8.29 11.19
CA SER B 54 17.03 7.14 11.87
C SER B 54 16.07 5.96 11.77
N ARG B 55 16.60 4.82 11.31
CA ARG B 55 15.79 3.61 11.17
C ARG B 55 15.78 2.82 12.48
N ALA B 56 14.70 2.07 12.68
CA ALA B 56 14.51 1.31 13.91
C ALA B 56 15.30 0.00 13.87
N THR B 57 15.24 -0.74 14.97
CA THR B 57 15.98 -1.99 15.07
C THR B 57 15.33 -3.07 14.21
N GLY B 58 16.16 -3.75 13.42
CA GLY B 58 15.67 -4.82 12.57
C GLY B 58 15.10 -4.37 11.24
N ILE B 59 15.45 -3.18 10.78
CA ILE B 59 14.96 -2.63 9.52
C ILE B 59 16.07 -2.74 8.48
N PRO B 60 15.81 -3.28 7.29
CA PRO B 60 16.87 -3.41 6.29
C PRO B 60 17.42 -2.07 5.86
N ASP B 61 18.64 -2.10 5.31
CA ASP B 61 19.32 -0.89 4.90
C ASP B 61 18.65 -0.19 3.73
N ARG B 62 17.77 -0.89 3.00
CA ARG B 62 17.09 -0.28 1.86
C ARG B 62 16.11 0.80 2.30
N PHE B 63 15.64 0.76 3.54
CA PHE B 63 14.75 1.78 4.07
C PHE B 63 15.57 2.95 4.62
N SER B 64 15.15 4.16 4.28
CA SER B 64 15.84 5.36 4.74
C SER B 64 14.89 6.55 4.65
N GLY B 65 14.99 7.44 5.63
CA GLY B 65 14.17 8.64 5.64
C GLY B 65 14.98 9.91 5.58
N SER B 66 14.37 10.99 5.11
CA SER B 66 15.05 12.27 4.98
C SER B 66 14.01 13.38 5.03
N GLY B 67 14.49 14.61 4.96
CA GLY B 67 13.62 15.77 4.96
C GLY B 67 13.67 16.53 6.29
N SER B 68 13.24 17.79 6.22
CA SER B 68 13.19 18.64 7.40
C SER B 68 12.11 19.70 7.21
N GLY B 69 11.62 20.22 8.32
CA GLY B 69 10.59 21.24 8.27
C GLY B 69 9.21 20.69 7.96
N THR B 70 8.77 20.85 6.72
CA THR B 70 7.46 20.38 6.30
C THR B 70 7.52 19.25 5.27
N ASP B 71 8.62 19.10 4.55
CA ASP B 71 8.75 18.09 3.52
C ASP B 71 9.62 16.93 4.04
N PHE B 72 9.06 15.73 3.97
CA PHE B 72 9.77 14.52 4.37
C PHE B 72 9.58 13.44 3.32
N THR B 73 10.55 12.53 3.22
CA THR B 73 10.54 11.51 2.17
C THR B 73 11.09 10.21 2.72
N LEU B 74 10.28 9.15 2.65
CA LEU B 74 10.74 7.80 2.94
C LEU B 74 11.17 7.14 1.63
N THR B 75 12.36 6.55 1.63
CA THR B 75 12.96 6.01 0.42
C THR B 75 13.27 4.52 0.60
N ILE B 76 12.82 3.71 -0.35
CA ILE B 76 13.15 2.30 -0.42
C ILE B 76 14.03 2.10 -1.64
N SER B 77 15.31 1.79 -1.43
CA SER B 77 16.27 1.74 -2.54
C SER B 77 15.90 0.65 -3.54
N ARG B 78 15.51 -0.52 -3.06
CA ARG B 78 15.12 -1.64 -3.91
C ARG B 78 13.87 -2.27 -3.33
N LEU B 79 12.75 -2.18 -4.05
CA LEU B 79 11.50 -2.72 -3.57
C LEU B 79 11.52 -4.24 -3.59
N GLU B 80 11.46 -4.85 -2.41
CA GLU B 80 11.36 -6.29 -2.25
C GLU B 80 9.91 -6.73 -2.27
N PRO B 81 9.64 -8.02 -2.52
CA PRO B 81 8.24 -8.48 -2.53
C PRO B 81 7.51 -8.22 -1.23
N GLU B 82 8.18 -8.37 -0.08
CA GLU B 82 7.54 -8.11 1.20
C GLU B 82 7.39 -6.62 1.48
N ASP B 83 8.06 -5.76 0.72
CA ASP B 83 7.99 -4.33 0.95
C ASP B 83 6.72 -3.68 0.40
N PHE B 84 5.89 -4.44 -0.31
CA PHE B 84 4.65 -3.90 -0.87
C PHE B 84 3.58 -3.92 0.22
N ALA B 85 3.39 -2.78 0.86
CA ALA B 85 2.40 -2.63 1.93
C ALA B 85 2.01 -1.16 2.01
N VAL B 86 1.36 -0.79 3.11
CA VAL B 86 0.95 0.59 3.36
C VAL B 86 1.92 1.21 4.35
N TYR B 87 2.29 2.46 4.10
CA TYR B 87 3.25 3.17 4.93
C TYR B 87 2.61 4.45 5.45
N TYR B 88 2.74 4.68 6.76
CA TYR B 88 2.21 5.87 7.41
C TYR B 88 3.34 6.68 8.00
N CYS B 89 3.23 8.00 7.92
CA CYS B 89 4.14 8.91 8.59
C CYS B 89 3.44 9.52 9.79
N GLN B 90 4.18 9.71 10.88
CA GLN B 90 3.62 10.15 12.14
C GLN B 90 4.51 11.25 12.74
N GLN B 91 3.86 12.28 13.28
CA GLN B 91 4.56 13.37 13.94
C GLN B 91 4.02 13.54 15.36
N HIS B 92 4.90 13.88 16.29
CA HIS B 92 4.50 14.22 17.65
C HIS B 92 5.14 15.53 18.10
N ASP B 93 5.37 16.44 17.15
CA ASP B 93 5.83 17.78 17.50
C ASP B 93 4.77 18.53 18.28
N THR B 94 3.53 18.55 17.76
CA THR B 94 2.39 19.13 18.44
C THR B 94 1.30 18.06 18.52
N SER B 95 1.01 17.59 19.72
CA SER B 95 0.06 16.50 19.97
C SER B 95 0.58 15.28 19.20
N LEU B 96 -0.26 14.57 18.45
CA LEU B 96 0.18 13.43 17.67
C LEU B 96 -0.79 13.23 16.52
N THR B 97 -0.24 12.97 15.33
CA THR B 97 -1.06 12.83 14.13
C THR B 97 -0.39 11.86 13.17
N PHE B 98 -1.19 10.95 12.62
CA PHE B 98 -0.74 10.05 11.57
C PHE B 98 -1.09 10.62 10.20
N GLY B 99 -0.40 10.08 9.18
CA GLY B 99 -0.68 10.45 7.81
C GLY B 99 -1.82 9.64 7.22
N GLY B 100 -2.21 10.02 6.00
CA GLY B 100 -3.24 9.29 5.30
C GLY B 100 -2.84 7.88 4.91
N GLY B 101 -1.54 7.64 4.75
CA GLY B 101 -1.06 6.34 4.34
C GLY B 101 -0.83 6.25 2.85
N THR B 102 0.19 5.49 2.46
CA THR B 102 0.53 5.28 1.06
C THR B 102 0.68 3.79 0.81
N LYS B 103 -0.22 3.23 0.00
CA LYS B 103 -0.18 1.83 -0.36
C LYS B 103 0.74 1.64 -1.56
N VAL B 104 1.80 0.88 -1.38
CA VAL B 104 2.75 0.59 -2.45
C VAL B 104 2.24 -0.63 -3.21
N GLU B 105 1.76 -0.40 -4.43
CA GLU B 105 1.15 -1.44 -5.25
C GLU B 105 2.18 -2.03 -6.21
N ILE B 106 2.02 -3.31 -6.51
CA ILE B 106 2.86 -3.99 -7.49
C ILE B 106 2.39 -3.58 -8.89
N LYS B 107 3.26 -2.92 -9.63
CA LYS B 107 2.93 -2.49 -10.99
C LYS B 107 3.03 -3.67 -11.94
N ARG B 108 1.96 -3.95 -12.66
CA ARG B 108 1.87 -5.09 -13.56
C ARG B 108 1.46 -4.60 -14.95
N THR B 109 1.76 -5.41 -15.96
CA THR B 109 1.24 -5.15 -17.30
C THR B 109 -0.28 -5.17 -17.27
N VAL B 110 -0.87 -4.38 -18.17
CA VAL B 110 -2.33 -4.26 -18.21
C VAL B 110 -2.96 -5.61 -18.53
N ALA B 111 -4.00 -5.96 -17.77
CA ALA B 111 -4.70 -7.23 -17.92
C ALA B 111 -6.19 -6.97 -18.00
N ALA B 112 -6.83 -7.45 -19.06
CA ALA B 112 -8.26 -7.25 -19.24
C ALA B 112 -9.04 -8.20 -18.34
N PRO B 113 -10.17 -7.76 -17.80
CA PRO B 113 -10.96 -8.64 -16.93
C PRO B 113 -11.80 -9.63 -17.72
N SER B 114 -11.96 -10.82 -17.13
CA SER B 114 -12.88 -11.83 -17.64
C SER B 114 -14.23 -11.61 -16.97
N VAL B 115 -15.20 -11.10 -17.73
CA VAL B 115 -16.48 -10.68 -17.17
C VAL B 115 -17.44 -11.86 -17.19
N PHE B 116 -18.08 -12.11 -16.04
CA PHE B 116 -19.10 -13.14 -15.91
C PHE B 116 -20.31 -12.55 -15.20
N ILE B 117 -21.48 -13.11 -15.47
CA ILE B 117 -22.73 -12.65 -14.87
C ILE B 117 -23.52 -13.87 -14.40
N PHE B 118 -24.16 -13.74 -13.24
CA PHE B 118 -24.89 -14.84 -12.63
C PHE B 118 -26.33 -14.41 -12.37
N PRO B 119 -27.32 -15.12 -12.91
CA PRO B 119 -28.72 -14.81 -12.59
C PRO B 119 -29.03 -15.18 -11.15
N PRO B 120 -30.04 -14.55 -10.55
CA PRO B 120 -30.41 -14.93 -9.19
C PRO B 120 -31.01 -16.33 -9.15
N SER B 121 -30.57 -17.11 -8.17
CA SER B 121 -31.04 -18.48 -8.04
C SER B 121 -32.52 -18.53 -7.66
N ASP B 122 -33.18 -19.61 -8.06
CA ASP B 122 -34.58 -19.79 -7.69
C ASP B 122 -34.77 -19.99 -6.19
N GLU B 123 -33.73 -20.45 -5.50
CA GLU B 123 -33.81 -20.55 -4.04
C GLU B 123 -33.96 -19.17 -3.41
N GLN B 124 -33.20 -18.19 -3.91
CA GLN B 124 -33.33 -16.83 -3.39
C GLN B 124 -34.61 -16.17 -3.87
N LEU B 125 -35.07 -16.50 -5.07
CA LEU B 125 -36.31 -15.93 -5.58
C LEU B 125 -37.52 -16.35 -4.74
N LYS B 126 -37.43 -17.51 -4.09
CA LYS B 126 -38.51 -17.97 -3.21
C LYS B 126 -38.60 -17.15 -1.93
N SER B 127 -37.61 -16.31 -1.64
CA SER B 127 -37.62 -15.46 -0.46
C SER B 127 -37.98 -14.01 -0.77
N GLY B 128 -38.39 -13.72 -2.01
CA GLY B 128 -38.78 -12.38 -2.37
C GLY B 128 -37.62 -11.42 -2.60
N THR B 129 -36.48 -11.93 -3.05
CA THR B 129 -35.31 -11.09 -3.30
C THR B 129 -34.52 -11.68 -4.45
N ALA B 130 -34.04 -10.81 -5.34
CA ALA B 130 -33.25 -11.23 -6.49
C ALA B 130 -31.91 -10.48 -6.46
N SER B 131 -30.82 -11.24 -6.54
CA SER B 131 -29.48 -10.69 -6.54
C SER B 131 -28.76 -11.11 -7.81
N VAL B 132 -28.36 -10.13 -8.61
CA VAL B 132 -27.59 -10.36 -9.82
C VAL B 132 -26.14 -9.99 -9.55
N VAL B 133 -25.22 -10.88 -9.91
CA VAL B 133 -23.80 -10.71 -9.60
C VAL B 133 -23.03 -10.59 -10.91
N CYS B 134 -22.25 -9.52 -11.03
CA CYS B 134 -21.33 -9.32 -12.15
C CYS B 134 -19.92 -9.55 -11.65
N LEU B 135 -19.21 -10.48 -12.29
CA LEU B 135 -17.88 -10.90 -11.85
C LEU B 135 -16.83 -10.34 -12.79
N LEU B 136 -15.86 -9.62 -12.23
CA LEU B 136 -14.70 -9.12 -12.95
C LEU B 136 -13.49 -9.85 -12.40
N ASN B 137 -12.96 -10.80 -13.17
CA ASN B 137 -11.94 -11.73 -12.70
C ASN B 137 -10.58 -11.36 -13.29
N ASN B 138 -9.60 -11.14 -12.41
CA ASN B 138 -8.19 -10.96 -12.78
C ASN B 138 -7.99 -9.83 -13.78
N PHE B 139 -7.78 -8.61 -13.28
CA PHE B 139 -7.54 -7.46 -14.14
C PHE B 139 -6.60 -6.49 -13.44
N TYR B 140 -5.83 -5.76 -14.25
CA TYR B 140 -4.94 -4.72 -13.77
C TYR B 140 -4.94 -3.60 -14.81
N PRO B 141 -5.00 -2.32 -14.38
CA PRO B 141 -4.99 -1.86 -12.98
C PRO B 141 -6.33 -2.05 -12.25
N ARG B 142 -6.36 -1.59 -11.00
CA ARG B 142 -7.53 -1.79 -10.15
C ARG B 142 -8.73 -0.98 -10.64
N GLU B 143 -8.49 0.18 -11.24
CA GLU B 143 -9.58 1.06 -11.64
C GLU B 143 -10.43 0.41 -12.73
N ALA B 144 -11.73 0.36 -12.49
CA ALA B 144 -12.68 -0.20 -13.45
C ALA B 144 -13.99 0.56 -13.35
N LYS B 145 -14.97 0.16 -14.17
CA LYS B 145 -16.27 0.80 -14.18
C LYS B 145 -17.33 -0.25 -14.50
N VAL B 146 -18.29 -0.42 -13.61
CA VAL B 146 -19.36 -1.39 -13.75
C VAL B 146 -20.69 -0.65 -13.71
N GLN B 147 -21.47 -0.77 -14.80
CA GLN B 147 -22.79 -0.16 -14.91
C GLN B 147 -23.83 -1.25 -15.10
N TRP B 148 -24.88 -1.22 -14.29
CA TRP B 148 -25.98 -2.17 -14.40
C TRP B 148 -27.07 -1.58 -15.29
N LYS B 149 -27.44 -2.32 -16.33
CA LYS B 149 -28.49 -1.91 -17.25
C LYS B 149 -29.58 -2.95 -17.26
N VAL B 150 -30.80 -2.55 -16.88
CA VAL B 150 -31.96 -3.42 -16.83
C VAL B 150 -32.97 -2.89 -17.83
N ASP B 151 -33.15 -3.61 -18.95
CA ASP B 151 -33.98 -3.15 -20.07
C ASP B 151 -33.52 -1.79 -20.56
N ASN B 152 -32.21 -1.68 -20.78
CA ASN B 152 -31.50 -0.48 -21.25
C ASN B 152 -31.54 0.66 -20.23
N ALA B 153 -32.16 0.48 -19.07
CA ALA B 153 -32.24 1.52 -18.06
C ALA B 153 -31.06 1.40 -17.10
N LEU B 154 -30.30 2.48 -16.96
CA LEU B 154 -29.13 2.46 -16.09
C LEU B 154 -29.56 2.41 -14.63
N GLN B 155 -28.97 1.48 -13.87
CA GLN B 155 -29.27 1.31 -12.46
C GLN B 155 -28.23 2.05 -11.62
N SER B 156 -28.71 2.76 -10.59
CA SER B 156 -27.84 3.50 -9.70
C SER B 156 -28.45 3.52 -8.31
N GLY B 157 -27.60 3.32 -7.30
CA GLY B 157 -28.06 3.34 -5.93
C GLY B 157 -28.69 2.06 -5.45
N ASN B 158 -28.48 0.94 -6.16
CA ASN B 158 -29.06 -0.34 -5.76
C ASN B 158 -28.09 -1.48 -6.02
N SER B 159 -26.79 -1.22 -5.94
CA SER B 159 -25.79 -2.25 -6.17
C SER B 159 -24.56 -1.95 -5.33
N GLN B 160 -23.95 -2.99 -4.78
CA GLN B 160 -22.73 -2.89 -4.02
C GLN B 160 -21.65 -3.76 -4.66
N GLU B 161 -20.44 -3.21 -4.75
CA GLU B 161 -19.31 -3.93 -5.34
C GLU B 161 -18.21 -4.11 -4.30
N SER B 162 -17.39 -5.14 -4.52
CA SER B 162 -16.30 -5.47 -3.62
C SER B 162 -15.08 -5.87 -4.46
N VAL B 163 -13.91 -5.40 -4.05
CA VAL B 163 -12.67 -5.66 -4.76
C VAL B 163 -11.73 -6.42 -3.82
N THR B 164 -11.12 -7.48 -4.35
CA THR B 164 -10.16 -8.25 -3.58
C THR B 164 -8.83 -7.51 -3.48
N GLU B 165 -7.97 -7.99 -2.59
CA GLU B 165 -6.62 -7.47 -2.52
C GLU B 165 -5.83 -7.92 -3.75
N GLN B 166 -4.67 -7.29 -3.95
CA GLN B 166 -3.82 -7.64 -5.07
C GLN B 166 -3.33 -9.08 -4.91
N ASP B 167 -3.61 -9.90 -5.92
CA ASP B 167 -3.31 -11.33 -5.82
C ASP B 167 -1.81 -11.55 -5.66
N SER B 168 -1.45 -12.45 -4.74
CA SER B 168 -0.05 -12.69 -4.44
C SER B 168 0.68 -13.41 -5.57
N LYS B 169 -0.04 -14.01 -6.51
CA LYS B 169 0.58 -14.77 -7.59
C LYS B 169 0.83 -13.89 -8.82
N ASP B 170 -0.25 -13.40 -9.43
CA ASP B 170 -0.16 -12.65 -10.68
C ASP B 170 -0.33 -11.14 -10.50
N SER B 171 -0.46 -10.67 -9.26
CA SER B 171 -0.58 -9.24 -8.95
C SER B 171 -1.73 -8.61 -9.72
N THR B 172 -2.93 -9.18 -9.53
CA THR B 172 -4.12 -8.74 -10.23
C THR B 172 -5.24 -8.51 -9.22
N TYR B 173 -6.32 -7.90 -9.70
CA TYR B 173 -7.48 -7.58 -8.89
C TYR B 173 -8.72 -8.27 -9.43
N SER B 174 -9.72 -8.41 -8.56
CA SER B 174 -11.01 -8.99 -8.94
C SER B 174 -12.12 -8.19 -8.28
N LEU B 175 -13.22 -8.02 -9.01
CA LEU B 175 -14.35 -7.22 -8.55
C LEU B 175 -15.62 -8.05 -8.60
N SER B 176 -16.54 -7.76 -7.69
CA SER B 176 -17.81 -8.47 -7.58
C SER B 176 -18.91 -7.45 -7.27
N SER B 177 -19.64 -7.04 -8.29
CA SER B 177 -20.78 -6.13 -8.13
C SER B 177 -22.05 -6.93 -8.01
N THR B 178 -22.86 -6.61 -6.99
CA THR B 178 -24.09 -7.35 -6.69
C THR B 178 -25.28 -6.40 -6.80
N LEU B 179 -26.11 -6.60 -7.83
CA LEU B 179 -27.33 -5.84 -8.00
C LEU B 179 -28.46 -6.55 -7.27
N THR B 180 -29.05 -5.88 -6.28
CA THR B 180 -30.10 -6.45 -5.44
C THR B 180 -31.43 -5.79 -5.78
N LEU B 181 -32.42 -6.61 -6.12
CA LEU B 181 -33.76 -6.13 -6.42
C LEU B 181 -34.78 -7.06 -5.78
N SER B 182 -35.98 -6.53 -5.56
CA SER B 182 -37.07 -7.35 -5.06
C SER B 182 -37.57 -8.30 -6.14
N LYS B 183 -38.22 -9.38 -5.71
CA LYS B 183 -38.75 -10.34 -6.66
C LYS B 183 -39.78 -9.70 -7.58
N ALA B 184 -40.57 -8.77 -7.05
CA ALA B 184 -41.56 -8.07 -7.88
C ALA B 184 -40.87 -7.21 -8.94
N ASP B 185 -39.90 -6.39 -8.52
CA ASP B 185 -39.18 -5.55 -9.47
C ASP B 185 -38.35 -6.38 -10.43
N TYR B 186 -37.89 -7.56 -10.01
CA TYR B 186 -37.08 -8.40 -10.88
C TYR B 186 -37.91 -9.00 -12.01
N GLU B 187 -39.17 -9.34 -11.73
CA GLU B 187 -40.05 -9.94 -12.72
C GLU B 187 -40.73 -8.91 -13.61
N LYS B 188 -40.45 -7.62 -13.44
CA LYS B 188 -41.01 -6.59 -14.28
C LYS B 188 -40.21 -6.36 -15.56
N HIS B 189 -38.98 -6.86 -15.62
CA HIS B 189 -38.09 -6.59 -16.75
C HIS B 189 -37.55 -7.90 -17.30
N LYS B 190 -36.81 -7.81 -18.41
CA LYS B 190 -36.33 -8.98 -19.13
C LYS B 190 -34.82 -9.02 -19.22
N VAL B 191 -34.18 -8.03 -19.84
CA VAL B 191 -32.75 -8.06 -20.10
C VAL B 191 -32.00 -7.49 -18.91
N TYR B 192 -31.05 -8.26 -18.38
CA TYR B 192 -30.18 -7.82 -17.30
C TYR B 192 -28.73 -7.92 -17.77
N ALA B 193 -28.03 -6.79 -17.73
CA ALA B 193 -26.67 -6.72 -18.25
C ALA B 193 -25.82 -5.80 -17.38
N CYS B 194 -24.54 -6.13 -17.29
CA CYS B 194 -23.55 -5.26 -16.65
C CYS B 194 -22.48 -4.93 -17.68
N GLU B 195 -22.25 -3.64 -17.92
CA GLU B 195 -21.25 -3.18 -18.87
C GLU B 195 -19.97 -2.86 -18.11
N VAL B 196 -18.88 -3.52 -18.48
CA VAL B 196 -17.60 -3.39 -17.80
C VAL B 196 -16.66 -2.59 -18.69
N THR B 197 -16.11 -1.52 -18.15
CA THR B 197 -15.14 -0.68 -18.85
C THR B 197 -13.79 -0.79 -18.15
N HIS B 198 -12.75 -1.13 -18.91
CA HIS B 198 -11.42 -1.29 -18.35
C HIS B 198 -10.38 -0.90 -19.39
N GLN B 199 -9.16 -0.61 -18.90
CA GLN B 199 -8.09 -0.20 -19.79
C GLN B 199 -7.69 -1.32 -20.75
N GLY B 200 -7.74 -2.57 -20.28
CA GLY B 200 -7.39 -3.70 -21.12
C GLY B 200 -8.43 -4.07 -22.15
N LEU B 201 -9.56 -3.37 -22.19
CA LEU B 201 -10.63 -3.65 -23.14
C LEU B 201 -10.69 -2.52 -24.15
N SER B 202 -10.57 -2.86 -25.44
CA SER B 202 -10.68 -1.85 -26.49
C SER B 202 -12.06 -1.22 -26.50
N SER B 203 -13.09 -1.98 -26.16
CA SER B 203 -14.45 -1.51 -26.03
C SER B 203 -15.07 -2.13 -24.79
N PRO B 204 -15.98 -1.44 -24.12
CA PRO B 204 -16.59 -2.00 -22.91
C PRO B 204 -17.33 -3.30 -23.20
N VAL B 205 -17.09 -4.30 -22.35
CA VAL B 205 -17.67 -5.63 -22.51
C VAL B 205 -19.01 -5.67 -21.78
N THR B 206 -20.02 -6.23 -22.42
CA THR B 206 -21.36 -6.35 -21.86
C THR B 206 -21.76 -7.82 -21.86
N LYS B 207 -21.99 -8.36 -20.67
CA LYS B 207 -22.49 -9.72 -20.50
C LYS B 207 -23.93 -9.64 -20.01
N SER B 208 -24.85 -10.24 -20.75
CA SER B 208 -26.27 -10.09 -20.50
C SER B 208 -26.94 -11.46 -20.41
N PHE B 209 -28.17 -11.46 -19.90
CA PHE B 209 -29.01 -12.64 -19.89
C PHE B 209 -30.46 -12.19 -19.79
N ASN B 210 -31.34 -12.88 -20.52
CA ASN B 210 -32.76 -12.60 -20.50
C ASN B 210 -33.43 -13.42 -19.41
N ARG B 211 -34.27 -12.78 -18.60
CA ARG B 211 -34.93 -13.45 -17.50
C ARG B 211 -35.89 -14.52 -18.03
N GLY B 212 -35.83 -15.70 -17.41
CA GLY B 212 -36.68 -16.81 -17.80
C GLY B 212 -36.15 -17.65 -18.94
N GLU B 213 -34.90 -17.48 -19.34
CA GLU B 213 -34.32 -18.25 -20.43
C GLU B 213 -33.03 -18.95 -20.01
N GLN C 1 16.35 1.78 17.88
CA GLN C 1 16.73 3.08 18.42
C GLN C 1 17.86 2.93 19.43
N VAL C 2 17.87 1.80 20.13
CA VAL C 2 18.87 1.56 21.16
C VAL C 2 20.23 1.32 20.51
N GLN C 3 21.24 2.05 20.97
CA GLN C 3 22.60 1.88 20.49
C GLN C 3 23.58 2.42 21.52
N LEU C 4 24.69 1.72 21.71
CA LEU C 4 25.73 2.10 22.65
C LEU C 4 27.02 2.32 21.87
N VAL C 5 27.55 3.54 21.94
CA VAL C 5 28.77 3.92 21.24
C VAL C 5 29.85 4.14 22.28
N GLN C 6 30.83 3.23 22.32
CA GLN C 6 31.95 3.36 23.24
C GLN C 6 33.01 4.28 22.66
N SER C 7 34.02 4.58 23.48
CA SER C 7 35.13 5.41 23.04
C SER C 7 36.08 4.60 22.16
N GLY C 8 36.99 5.31 21.51
CA GLY C 8 37.95 4.69 20.65
C GLY C 8 38.98 3.88 21.41
N ALA C 9 39.86 3.23 20.66
CA ALA C 9 40.92 2.43 21.26
C ALA C 9 41.93 3.31 21.96
N GLU C 10 42.55 2.76 23.01
CA GLU C 10 43.55 3.47 23.80
C GLU C 10 44.74 2.56 24.06
N VAL C 11 45.93 3.15 24.05
CA VAL C 11 47.18 2.44 24.31
C VAL C 11 47.68 2.89 25.68
N LYS C 12 48.04 1.91 26.52
CA LYS C 12 48.49 2.19 27.88
C LYS C 12 49.72 1.35 28.20
N LYS C 13 50.40 1.73 29.27
CA LYS C 13 51.59 1.04 29.76
C LYS C 13 51.27 0.31 31.06
N PRO C 14 52.04 -0.73 31.40
CA PRO C 14 51.79 -1.45 32.65
C PRO C 14 51.96 -0.54 33.86
N GLY C 15 50.93 -0.48 34.69
CA GLY C 15 50.91 0.35 35.87
C GLY C 15 50.05 1.59 35.77
N ALA C 16 49.60 1.95 34.58
CA ALA C 16 48.78 3.13 34.38
C ALA C 16 47.30 2.75 34.53
N SER C 17 46.40 3.60 34.05
CA SER C 17 44.97 3.35 34.12
C SER C 17 44.33 3.69 32.78
N VAL C 18 43.08 3.27 32.62
CA VAL C 18 42.33 3.51 31.40
C VAL C 18 40.85 3.65 31.75
N LYS C 19 40.20 4.63 31.14
CA LYS C 19 38.77 4.87 31.33
C LYS C 19 38.09 4.84 29.97
N VAL C 20 37.09 3.98 29.82
CA VAL C 20 36.34 3.81 28.59
C VAL C 20 34.94 4.36 28.80
N SER C 21 34.51 5.25 27.90
CA SER C 21 33.17 5.80 27.95
C SER C 21 32.20 4.91 27.19
N CYS C 22 30.92 5.23 27.30
CA CYS C 22 29.87 4.43 26.64
C CYS C 22 28.64 5.32 26.49
N LYS C 23 28.52 5.98 25.35
CA LYS C 23 27.39 6.86 25.07
C LYS C 23 26.14 6.03 24.75
N ALA C 24 25.06 6.28 25.47
CA ALA C 24 23.82 5.57 25.30
C ALA C 24 22.74 6.50 24.76
N SER C 25 21.83 5.94 23.97
CA SER C 25 20.75 6.70 23.38
C SER C 25 19.65 5.75 22.90
N GLY C 26 18.43 6.25 22.91
CA GLY C 26 17.29 5.51 22.38
C GLY C 26 16.47 4.75 23.39
N TYR C 27 16.69 4.95 24.69
CA TYR C 27 15.96 4.23 25.72
C TYR C 27 16.10 4.99 27.03
N PRO C 28 15.19 4.76 27.99
CA PRO C 28 15.38 5.34 29.33
C PRO C 28 16.68 4.90 29.96
N PHE C 29 17.64 5.84 30.04
CA PHE C 29 18.98 5.49 30.50
C PHE C 29 19.00 5.05 31.95
N THR C 30 18.14 5.61 32.79
CA THR C 30 18.12 5.32 34.21
C THR C 30 17.23 4.14 34.57
N SER C 31 16.68 3.44 33.58
CA SER C 31 15.84 2.28 33.84
C SER C 31 16.55 0.95 33.60
N TYR C 32 17.70 0.97 32.94
CA TYR C 32 18.48 -0.24 32.68
C TYR C 32 19.89 -0.05 33.23
N GLY C 33 20.45 -1.13 33.77
CA GLY C 33 21.83 -1.10 34.21
C GLY C 33 22.80 -1.29 33.06
N ILE C 34 24.06 -1.00 33.32
CA ILE C 34 25.13 -1.15 32.35
C ILE C 34 26.11 -2.18 32.86
N SER C 35 26.40 -3.18 32.03
CA SER C 35 27.39 -4.21 32.33
C SER C 35 28.60 -4.05 31.44
N TRP C 36 29.74 -4.54 31.92
CA TRP C 36 31.01 -4.44 31.20
C TRP C 36 31.63 -5.82 31.11
N VAL C 37 31.92 -6.27 29.90
CA VAL C 37 32.50 -7.58 29.65
C VAL C 37 33.70 -7.40 28.73
N ARG C 38 34.87 -7.84 29.18
CA ARG C 38 36.07 -7.81 28.36
C ARG C 38 36.34 -9.19 27.78
N GLN C 39 37.09 -9.22 26.68
CA GLN C 39 37.40 -10.45 25.97
C GLN C 39 38.81 -10.36 25.42
N ALA C 40 39.72 -11.17 25.98
CA ALA C 40 41.09 -11.20 25.49
C ALA C 40 41.13 -11.77 24.07
N PRO C 41 42.10 -11.35 23.26
CA PRO C 41 42.20 -11.89 21.90
C PRO C 41 42.43 -13.40 21.90
N GLY C 42 41.43 -14.15 21.43
CA GLY C 42 41.47 -15.59 21.42
C GLY C 42 40.80 -16.25 22.60
N GLN C 43 40.61 -15.52 23.70
CA GLN C 43 39.95 -16.06 24.88
C GLN C 43 38.45 -15.74 24.85
N GLY C 44 37.74 -16.31 25.80
CA GLY C 44 36.30 -16.15 25.88
C GLY C 44 35.92 -14.85 26.58
N LEU C 45 34.61 -14.73 26.85
CA LEU C 45 34.07 -13.56 27.52
C LEU C 45 34.37 -13.62 29.01
N GLU C 46 34.60 -12.44 29.59
CA GLU C 46 34.91 -12.33 31.02
C GLU C 46 34.11 -11.17 31.60
N TRP C 47 33.23 -11.49 32.55
CA TRP C 47 32.42 -10.45 33.18
C TRP C 47 33.26 -9.64 34.16
N MET C 48 33.07 -8.31 34.13
CA MET C 48 33.81 -7.40 34.99
C MET C 48 32.96 -6.82 36.11
N GLY C 49 31.80 -6.26 35.80
CA GLY C 49 30.96 -5.69 36.83
C GLY C 49 29.68 -5.15 36.25
N TRP C 50 28.80 -4.70 37.16
CA TRP C 50 27.50 -4.15 36.81
C TRP C 50 27.30 -2.87 37.61
N ILE C 51 26.62 -1.90 36.99
CA ILE C 51 26.38 -0.61 37.62
C ILE C 51 24.95 -0.19 37.35
N SER C 52 24.31 0.40 38.36
CA SER C 52 22.96 0.96 38.21
C SER C 52 23.07 2.41 37.78
N THR C 53 22.42 2.75 36.67
CA THR C 53 22.42 4.12 36.17
C THR C 53 21.43 5.03 36.90
N TYR C 54 20.71 4.50 37.89
CA TYR C 54 19.73 5.28 38.64
C TYR C 54 20.25 5.75 39.99
N ASN C 55 20.94 4.88 40.73
CA ASN C 55 21.46 5.24 42.05
C ASN C 55 22.96 5.03 42.17
N GLY C 56 23.65 4.74 41.06
CA GLY C 56 25.09 4.58 41.09
C GLY C 56 25.59 3.33 41.79
N ASN C 57 24.70 2.41 42.15
CA ASN C 57 25.12 1.18 42.81
C ASN C 57 25.90 0.30 41.84
N THR C 58 26.94 -0.36 42.35
CA THR C 58 27.82 -1.18 41.54
C THR C 58 27.93 -2.58 42.14
N ASN C 59 28.38 -3.53 41.31
CA ASN C 59 28.60 -4.90 41.74
C ASN C 59 29.70 -5.48 40.85
N TYR C 60 30.94 -5.25 41.23
CA TYR C 60 32.08 -5.73 40.47
C TYR C 60 32.36 -7.19 40.78
N ALA C 61 33.20 -7.80 39.94
CA ALA C 61 33.66 -9.16 40.20
C ALA C 61 34.78 -9.14 41.22
N GLN C 62 34.93 -10.26 41.94
CA GLN C 62 35.96 -10.35 42.97
C GLN C 62 37.35 -10.29 42.38
N LYS C 63 37.51 -10.62 41.09
CA LYS C 63 38.81 -10.52 40.44
C LYS C 63 39.19 -9.07 40.16
N PHE C 64 38.21 -8.19 40.02
CA PHE C 64 38.45 -6.80 39.63
C PHE C 64 38.12 -5.80 40.73
N GLN C 65 37.81 -6.27 41.93
CA GLN C 65 37.54 -5.35 43.03
C GLN C 65 38.82 -4.63 43.44
N GLY C 66 38.68 -3.35 43.78
CA GLY C 66 39.82 -2.51 44.10
C GLY C 66 40.51 -1.88 42.92
N ARG C 67 40.24 -2.36 41.70
CA ARG C 67 40.82 -1.80 40.48
C ARG C 67 39.80 -1.10 39.58
N VAL C 68 38.55 -1.57 39.58
CA VAL C 68 37.53 -1.06 38.68
C VAL C 68 36.64 -0.09 39.45
N THR C 69 36.37 1.06 38.84
CA THR C 69 35.44 2.05 39.38
C THR C 69 34.54 2.52 38.25
N MET C 70 33.29 2.04 38.26
CA MET C 70 32.32 2.35 37.22
C MET C 70 31.45 3.52 37.66
N THR C 71 31.27 4.49 36.77
CA THR C 71 30.43 5.66 37.03
C THR C 71 29.58 5.94 35.80
N THR C 72 28.51 6.70 36.02
CA THR C 72 27.61 7.11 34.95
C THR C 72 27.27 8.58 35.11
N ASP C 73 26.89 9.21 34.00
CA ASP C 73 26.45 10.60 33.98
C ASP C 73 25.05 10.64 33.38
N THR C 74 24.07 10.95 34.22
CA THR C 74 22.68 10.95 33.76
C THR C 74 22.42 12.07 32.75
N SER C 75 23.08 13.22 32.90
CA SER C 75 22.83 14.34 32.01
C SER C 75 23.26 14.03 30.58
N THR C 76 24.26 13.17 30.40
CA THR C 76 24.75 12.80 29.08
C THR C 76 24.47 11.35 28.73
N THR C 77 23.85 10.58 29.63
CA THR C 77 23.53 9.16 29.41
C THR C 77 24.78 8.39 28.95
N THR C 78 25.88 8.61 29.66
CA THR C 78 27.15 7.98 29.33
C THR C 78 27.67 7.22 30.55
N GLY C 79 28.05 5.97 30.34
CA GLY C 79 28.63 5.14 31.39
C GLY C 79 30.14 5.02 31.19
N TYR C 80 30.87 5.13 32.30
CA TYR C 80 32.32 5.06 32.28
C TYR C 80 32.80 3.85 33.07
N MET C 81 33.94 3.31 32.65
CA MET C 81 34.54 2.16 33.31
C MET C 81 36.04 2.42 33.42
N GLU C 82 36.51 2.63 34.65
CA GLU C 82 37.93 2.87 34.91
C GLU C 82 38.58 1.58 35.41
N LEU C 83 39.83 1.37 35.01
CA LEU C 83 40.60 0.19 35.42
C LEU C 83 42.03 0.63 35.70
N ARG C 84 42.42 0.61 36.98
CA ARG C 84 43.74 1.06 37.41
C ARG C 84 44.68 -0.12 37.58
N ARG C 85 45.98 0.20 37.67
CA ARG C 85 47.04 -0.78 37.84
C ARG C 85 46.96 -1.86 36.74
N LEU C 86 47.15 -1.40 35.50
CA LEU C 86 47.00 -2.28 34.35
C LEU C 86 48.16 -3.28 34.27
N ARG C 87 47.84 -4.46 33.75
CA ARG C 87 48.79 -5.55 33.61
C ARG C 87 48.91 -5.93 32.14
N SER C 88 49.91 -6.77 31.84
CA SER C 88 50.13 -7.19 30.47
C SER C 88 48.99 -8.05 29.95
N ASP C 89 48.44 -8.91 30.81
CA ASP C 89 47.35 -9.80 30.41
C ASP C 89 45.99 -9.12 30.39
N ASP C 90 45.92 -7.84 30.75
CA ASP C 90 44.67 -7.09 30.69
C ASP C 90 44.32 -6.61 29.28
N THR C 91 45.18 -6.87 28.30
CA THR C 91 44.91 -6.51 26.92
C THR C 91 43.71 -7.30 26.41
N ALA C 92 42.62 -6.60 26.12
CA ALA C 92 41.39 -7.25 25.71
C ALA C 92 40.51 -6.24 24.98
N VAL C 93 39.36 -6.71 24.50
CA VAL C 93 38.35 -5.86 23.89
C VAL C 93 37.24 -5.66 24.92
N TYR C 94 37.14 -4.44 25.44
CA TYR C 94 36.21 -4.13 26.52
C TYR C 94 34.86 -3.71 25.93
N TYR C 95 33.83 -4.49 26.19
CA TYR C 95 32.50 -4.25 25.66
C TYR C 95 31.61 -3.59 26.72
N CYS C 96 30.71 -2.73 26.26
CA CYS C 96 29.72 -2.08 27.10
C CYS C 96 28.35 -2.45 26.59
N ALA C 97 27.56 -3.13 27.41
CA ALA C 97 26.26 -3.64 27.02
C ALA C 97 25.19 -3.20 28.02
N ARG C 98 23.98 -3.01 27.51
CA ARG C 98 22.85 -2.67 28.36
C ARG C 98 22.38 -3.92 29.10
N ASP C 99 22.29 -3.83 30.42
CA ASP C 99 21.97 -4.97 31.25
C ASP C 99 20.48 -5.04 31.55
N TYR C 100 19.92 -6.24 31.48
CA TYR C 100 18.58 -6.54 31.94
C TYR C 100 18.60 -7.81 32.77
N THR C 101 19.60 -7.95 33.64
CA THR C 101 19.71 -9.07 34.56
C THR C 101 19.50 -8.67 36.01
N ARG C 102 20.03 -7.53 36.43
CA ARG C 102 19.81 -6.99 37.76
C ARG C 102 19.12 -5.63 37.62
N GLY C 103 18.05 -5.43 38.39
CA GLY C 103 17.30 -4.19 38.29
C GLY C 103 18.12 -3.01 38.76
N ALA C 104 18.09 -1.93 37.98
CA ALA C 104 18.82 -0.72 38.32
C ALA C 104 18.16 0.09 39.42
N TRP C 105 17.00 -0.33 39.90
CA TRP C 105 16.26 0.39 40.93
C TRP C 105 16.30 -0.28 42.29
N PHE C 106 16.15 -1.60 42.35
CA PHE C 106 16.16 -2.33 43.61
C PHE C 106 17.06 -3.55 43.58
N GLY C 107 17.85 -3.72 42.52
CA GLY C 107 18.77 -4.84 42.44
C GLY C 107 18.13 -6.20 42.23
N GLU C 108 16.82 -6.24 41.98
CA GLU C 108 16.13 -7.52 41.83
C GLU C 108 16.59 -8.24 40.57
N SER C 109 16.41 -9.56 40.58
CA SER C 109 16.76 -10.38 39.43
C SER C 109 15.74 -10.20 38.32
N LEU C 110 16.22 -10.03 37.09
CA LEU C 110 15.37 -9.83 35.93
C LEU C 110 15.47 -11.01 34.98
N ILE C 111 14.44 -11.19 34.18
CA ILE C 111 14.39 -12.27 33.19
C ILE C 111 14.85 -11.67 31.87
N GLY C 112 16.18 -11.66 31.68
CA GLY C 112 16.76 -11.13 30.46
C GLY C 112 18.26 -11.35 30.39
N GLY C 113 18.95 -10.47 29.68
CA GLY C 113 20.39 -10.57 29.54
C GLY C 113 20.97 -9.26 29.05
N PHE C 114 22.05 -9.35 28.29
CA PHE C 114 22.70 -8.19 27.70
C PHE C 114 22.20 -8.07 26.26
N ASP C 115 21.12 -7.30 26.08
CA ASP C 115 20.47 -7.23 24.78
C ASP C 115 21.30 -6.44 23.78
N ASN C 116 21.52 -5.16 24.04
CA ASN C 116 22.28 -4.30 23.15
C ASN C 116 23.71 -4.17 23.65
N TRP C 117 24.67 -4.36 22.74
CA TRP C 117 26.08 -4.27 23.06
C TRP C 117 26.72 -3.09 22.33
N GLY C 118 27.91 -2.71 22.80
CA GLY C 118 28.68 -1.68 22.13
C GLY C 118 29.59 -2.25 21.06
N GLN C 119 30.24 -1.35 20.33
CA GLN C 119 31.15 -1.77 19.27
C GLN C 119 32.43 -2.37 19.82
N GLY C 120 32.73 -2.15 21.09
CA GLY C 120 33.95 -2.68 21.68
C GLY C 120 35.09 -1.69 21.66
N THR C 121 35.88 -1.67 22.73
CA THR C 121 37.04 -0.78 22.85
C THR C 121 38.28 -1.61 23.10
N LEU C 122 39.27 -1.49 22.22
CA LEU C 122 40.51 -2.22 22.36
C LEU C 122 41.45 -1.45 23.27
N VAL C 123 41.89 -2.09 24.35
CA VAL C 123 42.79 -1.49 25.32
C VAL C 123 44.02 -2.40 25.41
N THR C 124 45.12 -1.99 24.77
CA THR C 124 46.36 -2.74 24.77
C THR C 124 47.29 -2.18 25.83
N VAL C 125 47.79 -3.04 26.71
CA VAL C 125 48.68 -2.66 27.79
C VAL C 125 50.01 -3.38 27.58
N SER C 126 51.04 -2.63 27.24
CA SER C 126 52.37 -3.20 27.02
C SER C 126 53.41 -2.10 27.22
N SER C 127 54.59 -2.51 27.68
CA SER C 127 55.66 -1.55 27.92
C SER C 127 56.21 -0.97 26.62
N ALA C 128 55.95 -1.61 25.48
CA ALA C 128 56.43 -1.12 24.21
C ALA C 128 55.60 0.08 23.75
N SER C 129 56.25 1.01 23.06
CA SER C 129 55.59 2.19 22.54
C SER C 129 55.14 1.94 21.10
N THR C 130 54.45 2.94 20.53
CA THR C 130 53.96 2.82 19.16
C THR C 130 55.12 2.85 18.18
N LYS C 131 55.11 1.91 17.24
CA LYS C 131 56.17 1.80 16.24
C LYS C 131 55.57 1.41 14.90
N GLY C 132 56.30 1.70 13.83
CA GLY C 132 55.87 1.38 12.50
C GLY C 132 56.27 -0.01 12.07
N PRO C 133 55.49 -0.62 11.19
CA PRO C 133 55.79 -1.98 10.73
C PRO C 133 56.90 -2.00 9.69
N SER C 134 57.54 -3.15 9.58
CA SER C 134 58.59 -3.41 8.60
C SER C 134 58.08 -4.50 7.66
N VAL C 135 57.84 -4.13 6.40
CA VAL C 135 57.28 -5.05 5.42
C VAL C 135 58.41 -5.70 4.64
N PHE C 136 58.39 -7.03 4.56
CA PHE C 136 59.37 -7.79 3.79
C PHE C 136 58.63 -8.70 2.82
N PRO C 137 59.00 -8.72 1.54
CA PRO C 137 58.28 -9.56 0.58
C PRO C 137 58.62 -11.03 0.75
N LEU C 138 57.63 -11.87 0.47
CA LEU C 138 57.76 -13.33 0.52
C LEU C 138 57.75 -13.83 -0.92
N ALA C 139 58.94 -13.94 -1.51
CA ALA C 139 59.05 -14.35 -2.90
C ALA C 139 58.70 -15.83 -3.04
N PRO C 140 57.99 -16.22 -4.10
CA PRO C 140 57.63 -17.62 -4.36
C PRO C 140 58.81 -18.47 -4.81
N LEU C 152 53.07 -16.58 -2.83
CA LEU C 152 53.70 -15.31 -2.47
C LEU C 152 52.84 -14.53 -1.47
N GLY C 153 53.48 -13.60 -0.77
CA GLY C 153 52.75 -12.81 0.21
C GLY C 153 53.63 -11.71 0.78
N CYS C 154 53.07 -11.01 1.75
CA CYS C 154 53.75 -9.92 2.44
C CYS C 154 53.88 -10.25 3.92
N LEU C 155 55.02 -9.88 4.51
CA LEU C 155 55.32 -10.16 5.90
C LEU C 155 55.37 -8.84 6.67
N VAL C 156 54.36 -8.59 7.48
CA VAL C 156 54.28 -7.40 8.32
C VAL C 156 54.78 -7.80 9.70
N LYS C 157 56.03 -7.46 9.99
CA LYS C 157 56.68 -7.84 11.24
C LYS C 157 57.08 -6.60 12.03
N ASP C 158 57.09 -6.76 13.36
CA ASP C 158 57.55 -5.73 14.30
C ASP C 158 56.73 -4.44 14.17
N TYR C 159 55.60 -4.38 14.87
CA TYR C 159 54.80 -3.16 14.92
C TYR C 159 53.95 -3.19 16.18
N PHE C 160 53.48 -2.01 16.58
CA PHE C 160 52.67 -1.87 17.79
C PHE C 160 51.87 -0.58 17.73
N PRO C 161 50.56 -0.63 18.04
CA PRO C 161 49.83 -1.86 18.36
C PRO C 161 48.89 -2.30 17.25
N GLU C 162 47.94 -3.16 17.60
CA GLU C 162 46.93 -3.62 16.65
C GLU C 162 45.96 -2.48 16.32
N PRO C 163 45.29 -2.55 15.16
CA PRO C 163 45.43 -3.55 14.09
C PRO C 163 46.11 -2.99 12.84
N VAL C 164 46.12 -3.80 11.78
CA VAL C 164 46.60 -3.38 10.47
C VAL C 164 45.67 -3.94 9.41
N THR C 165 45.41 -3.16 8.38
CA THR C 165 44.57 -3.57 7.26
C THR C 165 45.45 -3.90 6.06
N VAL C 166 45.24 -5.07 5.47
CA VAL C 166 46.05 -5.55 4.35
C VAL C 166 45.13 -5.81 3.17
N SER C 167 45.45 -5.19 2.04
CA SER C 167 44.74 -5.40 0.78
C SER C 167 45.75 -5.58 -0.34
N TRP C 168 45.31 -6.22 -1.41
CA TRP C 168 46.17 -6.53 -2.55
C TRP C 168 45.70 -5.77 -3.78
N ASN C 169 46.66 -5.19 -4.51
CA ASN C 169 46.39 -4.42 -5.73
C ASN C 169 45.40 -3.29 -5.46
N SER C 170 45.60 -2.59 -4.35
CA SER C 170 44.73 -1.50 -3.93
C SER C 170 43.28 -1.97 -3.78
N GLY C 171 43.11 -3.19 -3.32
CA GLY C 171 41.79 -3.76 -3.12
C GLY C 171 41.23 -4.53 -4.31
N ALA C 172 42.01 -4.71 -5.36
CA ALA C 172 41.51 -5.43 -6.54
C ALA C 172 41.56 -6.94 -6.32
N LEU C 173 42.75 -7.49 -6.09
CA LEU C 173 42.92 -8.92 -5.86
C LEU C 173 42.40 -9.26 -4.47
N THR C 174 41.22 -9.85 -4.40
CA THR C 174 40.59 -10.23 -3.14
C THR C 174 40.37 -11.72 -2.98
N SER C 175 40.06 -12.44 -4.06
CA SER C 175 39.83 -13.87 -3.96
C SER C 175 41.16 -14.61 -3.78
N GLY C 176 41.18 -15.55 -2.84
CA GLY C 176 42.39 -16.30 -2.57
C GLY C 176 43.36 -15.65 -1.62
N VAL C 177 42.91 -14.66 -0.86
CA VAL C 177 43.75 -13.92 0.08
C VAL C 177 43.47 -14.43 1.49
N HIS C 178 44.55 -14.67 2.25
CA HIS C 178 44.45 -15.14 3.62
C HIS C 178 45.34 -14.26 4.49
N THR C 179 44.73 -13.28 5.16
CA THR C 179 45.44 -12.40 6.09
C THR C 179 45.40 -13.03 7.47
N PHE C 180 46.55 -13.56 7.92
CA PHE C 180 46.60 -14.26 9.19
C PHE C 180 46.59 -13.28 10.36
N PRO C 181 45.96 -13.66 11.47
CA PRO C 181 45.99 -12.81 12.66
C PRO C 181 47.41 -12.66 13.19
N ALA C 182 47.67 -11.51 13.81
CA ALA C 182 49.00 -11.20 14.31
C ALA C 182 49.30 -12.00 15.57
N VAL C 183 50.56 -12.40 15.71
CA VAL C 183 51.04 -13.08 16.92
C VAL C 183 51.95 -12.13 17.66
N LEU C 184 51.92 -12.23 18.99
CA LEU C 184 52.72 -11.36 19.85
C LEU C 184 54.05 -12.05 20.14
N GLN C 185 55.14 -11.50 19.61
CA GLN C 185 56.46 -12.06 19.84
C GLN C 185 56.93 -11.76 21.26
N SER C 186 58.10 -12.29 21.61
CA SER C 186 58.65 -12.06 22.94
C SER C 186 59.11 -10.63 23.13
N SER C 187 59.28 -9.87 22.05
CA SER C 187 59.71 -8.48 22.13
C SER C 187 58.56 -7.52 22.39
N GLY C 188 57.32 -7.98 22.28
CA GLY C 188 56.17 -7.12 22.47
C GLY C 188 55.63 -6.48 21.20
N LEU C 189 56.23 -6.74 20.05
CA LEU C 189 55.79 -6.20 18.79
C LEU C 189 55.03 -7.26 18.00
N TYR C 190 53.87 -6.88 17.48
CA TYR C 190 53.05 -7.82 16.71
C TYR C 190 53.70 -8.15 15.38
N SER C 191 53.26 -9.26 14.78
CA SER C 191 53.80 -9.71 13.50
C SER C 191 52.80 -10.70 12.89
N LEU C 192 52.46 -10.49 11.62
CA LEU C 192 51.55 -11.37 10.92
C LEU C 192 52.06 -11.57 9.50
N SER C 193 51.36 -12.44 8.76
CA SER C 193 51.65 -12.69 7.36
C SER C 193 50.35 -12.70 6.56
N SER C 194 50.43 -12.22 5.33
CA SER C 194 49.27 -12.16 4.44
C SER C 194 49.71 -12.64 3.07
N VAL C 195 49.24 -13.82 2.67
CA VAL C 195 49.62 -14.43 1.41
C VAL C 195 48.40 -14.47 0.49
N VAL C 196 48.66 -14.76 -0.79
CA VAL C 196 47.61 -14.86 -1.79
C VAL C 196 48.07 -15.83 -2.87
N THR C 197 47.21 -16.77 -3.24
CA THR C 197 47.54 -17.76 -4.25
C THR C 197 47.28 -17.21 -5.65
N PRO C 199 47.90 -17.95 -10.00
CA PRO C 199 48.39 -18.87 -11.03
C PRO C 199 49.91 -18.75 -11.26
N SER C 200 50.57 -19.90 -11.44
CA SER C 200 52.02 -19.91 -11.63
C SER C 200 52.43 -19.32 -12.97
N SER C 201 51.50 -19.14 -13.91
CA SER C 201 51.81 -18.59 -15.22
C SER C 201 51.83 -17.07 -15.24
N SER C 202 51.10 -16.42 -14.32
CA SER C 202 51.03 -14.97 -14.27
C SER C 202 52.07 -14.36 -13.34
N LEU C 203 53.07 -15.12 -12.92
CA LEU C 203 54.10 -14.61 -12.02
C LEU C 203 55.11 -13.73 -12.74
N GLY C 204 55.22 -13.82 -14.07
CA GLY C 204 56.16 -13.03 -14.81
C GLY C 204 55.52 -11.88 -15.57
N THR C 205 54.20 -11.92 -15.71
CA THR C 205 53.44 -10.89 -16.42
C THR C 205 52.72 -9.94 -15.47
N GLN C 206 51.90 -10.48 -14.59
CA GLN C 206 51.16 -9.65 -13.64
C GLN C 206 52.09 -9.14 -12.53
N THR C 207 51.68 -8.03 -11.92
CA THR C 207 52.44 -7.41 -10.83
C THR C 207 51.49 -7.19 -9.66
N TYR C 208 51.75 -7.87 -8.55
CA TYR C 208 50.94 -7.78 -7.35
C TYR C 208 51.70 -7.03 -6.26
N ILE C 209 50.99 -6.17 -5.54
CA ILE C 209 51.56 -5.38 -4.46
C ILE C 209 50.54 -5.26 -3.35
N CYS C 210 50.95 -5.54 -2.12
CA CYS C 210 50.04 -5.49 -0.99
C CYS C 210 49.94 -4.07 -0.45
N ASN C 211 48.74 -3.71 0.01
CA ASN C 211 48.47 -2.40 0.60
C ASN C 211 48.37 -2.57 2.10
N VAL C 212 49.45 -2.22 2.81
CA VAL C 212 49.51 -2.31 4.26
C VAL C 212 49.19 -0.94 4.84
N ASN C 213 48.47 -0.93 5.96
CA ASN C 213 48.07 0.30 6.62
C ASN C 213 48.14 0.11 8.12
N HIS C 214 48.87 1.00 8.80
CA HIS C 214 48.97 1.00 10.26
C HIS C 214 48.54 2.38 10.75
N LYS C 215 47.37 2.44 11.37
CA LYS C 215 46.81 3.74 11.77
C LYS C 215 47.60 4.39 12.92
N PRO C 216 47.95 3.70 14.01
CA PRO C 216 48.62 4.38 15.12
C PRO C 216 49.96 5.00 14.77
N SER C 217 50.58 4.62 13.65
CA SER C 217 51.86 5.18 13.25
C SER C 217 51.77 6.05 12.00
N ASN C 218 50.60 6.14 11.36
CA ASN C 218 50.43 6.94 10.15
C ASN C 218 51.42 6.53 9.05
N THR C 219 51.68 5.22 8.97
CA THR C 219 52.64 4.66 8.01
C THR C 219 51.90 3.70 7.08
N LYS C 220 51.06 4.25 6.21
CA LYS C 220 50.30 3.47 5.24
C LYS C 220 51.04 3.54 3.91
N VAL C 221 51.81 2.49 3.61
CA VAL C 221 52.60 2.41 2.40
C VAL C 221 52.32 1.08 1.71
N ASP C 222 52.77 0.97 0.47
CA ASP C 222 52.60 -0.23 -0.33
C ASP C 222 53.95 -0.79 -0.73
N LYS C 223 54.00 -2.10 -1.00
CA LYS C 223 55.22 -2.77 -1.40
C LYS C 223 54.88 -3.92 -2.31
N LYS C 224 55.74 -4.16 -3.30
CA LYS C 224 55.54 -5.23 -4.26
C LYS C 224 56.06 -6.56 -3.73
N GLU D 1 31.10 -20.13 44.10
CA GLU D 1 30.60 -19.65 42.81
C GLU D 1 29.91 -20.76 42.04
N ILE D 2 29.44 -20.44 40.84
CA ILE D 2 28.77 -21.40 39.95
C ILE D 2 29.40 -21.26 38.57
N VAL D 3 30.09 -22.30 38.13
CA VAL D 3 30.77 -22.30 36.84
C VAL D 3 29.89 -23.00 35.81
N LEU D 4 30.10 -22.65 34.55
CA LEU D 4 29.35 -23.22 33.44
C LEU D 4 30.30 -24.00 32.55
N THR D 5 29.87 -25.20 32.15
CA THR D 5 30.66 -26.09 31.31
C THR D 5 29.89 -26.41 30.04
N GLN D 6 30.44 -26.01 28.90
CA GLN D 6 29.83 -26.24 27.61
C GLN D 6 30.51 -27.42 26.91
N SER D 7 29.71 -28.32 26.34
CA SER D 7 30.22 -29.49 25.65
C SER D 7 29.44 -29.67 24.35
N PRO D 8 30.12 -29.91 23.23
CA PRO D 8 31.59 -29.97 23.16
C PRO D 8 32.22 -28.59 22.98
N GLY D 9 33.55 -28.54 22.88
CA GLY D 9 34.21 -27.28 22.61
C GLY D 9 34.06 -26.83 21.17
N THR D 10 34.00 -27.78 20.24
CA THR D 10 33.82 -27.48 18.82
C THR D 10 32.83 -28.48 18.24
N LEU D 11 31.71 -27.99 17.72
CA LEU D 11 30.66 -28.82 17.15
C LEU D 11 30.76 -28.72 15.63
N SER D 12 31.27 -29.77 15.00
CA SER D 12 31.44 -29.82 13.55
C SER D 12 30.23 -30.54 12.96
N LEU D 13 29.33 -29.76 12.35
CA LEU D 13 28.13 -30.31 11.73
C LEU D 13 27.91 -29.63 10.38
N SER D 14 27.39 -30.41 9.44
CA SER D 14 27.14 -29.88 8.10
C SER D 14 25.97 -28.90 8.13
N PRO D 15 25.98 -27.90 7.26
CA PRO D 15 24.86 -26.93 7.23
C PRO D 15 23.58 -27.60 6.77
N GLY D 16 22.50 -27.37 7.51
CA GLY D 16 21.19 -27.89 7.18
C GLY D 16 20.61 -28.84 8.20
N GLU D 17 21.42 -29.42 9.07
CA GLU D 17 20.95 -30.38 10.05
C GLU D 17 20.87 -29.75 11.44
N ARG D 18 20.23 -30.47 12.35
CA ARG D 18 20.00 -29.96 13.69
C ARG D 18 21.29 -29.94 14.51
N ALA D 19 21.50 -28.86 15.24
CA ALA D 19 22.67 -28.70 16.11
C ALA D 19 22.20 -28.48 17.54
N THR D 20 22.84 -29.15 18.48
CA THR D 20 22.48 -29.08 19.90
C THR D 20 23.72 -28.76 20.71
N LEU D 21 23.65 -27.71 21.51
CA LEU D 21 24.75 -27.28 22.36
C LEU D 21 24.37 -27.46 23.83
N SER D 22 25.37 -27.73 24.66
CA SER D 22 25.17 -28.01 26.07
C SER D 22 25.79 -26.91 26.92
N CYS D 23 25.24 -26.74 28.12
CA CYS D 23 25.74 -25.75 29.08
C CYS D 23 25.30 -26.21 30.47
N ARG D 24 26.17 -26.97 31.15
CA ARG D 24 25.86 -27.53 32.45
C ARG D 24 26.43 -26.64 33.55
N ALA D 25 25.56 -26.22 34.46
CA ALA D 25 26.00 -25.43 35.61
C ALA D 25 26.52 -26.34 36.71
N SER D 26 27.45 -25.81 37.51
CA SER D 26 28.04 -26.60 38.59
C SER D 26 26.98 -27.01 39.60
N GLN D 27 26.07 -26.10 39.94
CA GLN D 27 24.94 -26.38 40.81
C GLN D 27 23.69 -25.79 40.19
N THR D 28 22.55 -26.13 40.77
CA THR D 28 21.26 -25.73 40.19
C THR D 28 21.10 -24.22 40.23
N VAL D 29 20.68 -23.63 39.11
CA VAL D 29 20.47 -22.20 38.99
C VAL D 29 19.02 -21.96 38.56
N SER D 30 18.59 -20.71 38.68
CA SER D 30 17.25 -20.34 38.24
C SER D 30 17.14 -20.47 36.73
N SER D 31 16.04 -21.05 36.27
CA SER D 31 15.81 -21.18 34.83
C SER D 31 15.60 -19.82 34.17
N THR D 32 15.17 -18.82 34.92
CA THR D 32 14.99 -17.47 34.39
C THR D 32 16.27 -16.65 34.42
N SER D 33 17.42 -17.27 34.68
CA SER D 33 18.68 -16.56 34.78
C SER D 33 19.73 -16.98 33.77
N LEU D 34 19.52 -18.06 33.03
CA LEU D 34 20.49 -18.55 32.06
C LEU D 34 20.17 -18.00 30.68
N ALA D 35 21.19 -17.47 30.00
CA ALA D 35 21.03 -16.87 28.69
C ALA D 35 22.02 -17.51 27.71
N TRP D 36 21.88 -17.14 26.45
CA TRP D 36 22.76 -17.62 25.38
C TRP D 36 23.15 -16.45 24.50
N TYR D 37 24.39 -16.47 24.01
CA TYR D 37 24.93 -15.39 23.20
C TYR D 37 25.66 -15.95 21.98
N GLN D 38 25.46 -15.30 20.85
CA GLN D 38 26.14 -15.64 19.60
C GLN D 38 27.12 -14.53 19.26
N GLN D 39 28.34 -14.91 18.89
CA GLN D 39 29.39 -13.96 18.55
C GLN D 39 30.07 -14.41 17.26
N LYS D 40 29.99 -13.58 16.23
CA LYS D 40 30.73 -13.84 15.01
C LYS D 40 32.14 -13.28 15.13
N PRO D 41 33.12 -13.87 14.43
CA PRO D 41 34.51 -13.41 14.57
C PRO D 41 34.67 -11.96 14.15
N GLY D 42 35.09 -11.13 15.10
CA GLY D 42 35.28 -9.72 14.87
C GLY D 42 34.14 -8.84 15.33
N GLN D 43 32.95 -9.39 15.47
CA GLN D 43 31.77 -8.63 15.88
C GLN D 43 31.52 -8.79 17.38
N ALA D 44 30.64 -7.93 17.89
CA ALA D 44 30.28 -7.98 19.30
C ALA D 44 29.29 -9.12 19.56
N PRO D 45 29.25 -9.64 20.78
CA PRO D 45 28.27 -10.69 21.10
C PRO D 45 26.85 -10.17 20.95
N ARG D 46 25.93 -11.09 20.65
CA ARG D 46 24.53 -10.77 20.43
C ARG D 46 23.68 -11.65 21.32
N LEU D 47 22.69 -11.06 21.99
CA LEU D 47 21.80 -11.81 22.86
C LEU D 47 20.94 -12.75 22.02
N LEU D 48 21.09 -14.05 22.26
CA LEU D 48 20.40 -15.06 21.45
C LEU D 48 19.15 -15.56 22.17
N ILE D 49 19.32 -16.28 23.26
CA ILE D 49 18.23 -16.83 24.04
C ILE D 49 18.31 -16.26 25.45
N TYR D 50 17.17 -15.85 26.00
CA TYR D 50 17.05 -15.43 27.37
C TYR D 50 16.02 -16.30 28.09
N GLY D 51 16.13 -16.36 29.41
CA GLY D 51 15.23 -17.20 30.19
C GLY D 51 15.31 -18.66 29.84
N ALA D 52 16.50 -19.14 29.48
CA ALA D 52 16.79 -20.55 29.20
C ALA D 52 16.11 -21.07 27.94
N SER D 53 14.98 -20.47 27.54
CA SER D 53 14.21 -21.00 26.42
C SER D 53 13.72 -19.91 25.48
N SER D 54 13.34 -18.76 26.03
CA SER D 54 12.72 -17.72 25.23
C SER D 54 13.74 -17.08 24.29
N ARG D 55 13.29 -16.73 23.09
CA ARG D 55 14.14 -16.10 22.09
C ARG D 55 14.20 -14.60 22.32
N ALA D 56 15.40 -14.03 22.12
CA ALA D 56 15.55 -12.59 22.18
C ALA D 56 14.93 -11.94 20.94
N THR D 57 14.90 -10.62 20.95
CA THR D 57 14.28 -9.88 19.85
C THR D 57 15.08 -10.05 18.57
N GLY D 58 14.37 -10.30 17.47
CA GLY D 58 15.03 -10.43 16.17
C GLY D 58 15.78 -11.72 15.96
N ILE D 59 15.49 -12.75 16.75
CA ILE D 59 16.17 -14.04 16.65
C ILE D 59 15.28 -14.97 15.82
N PRO D 60 15.84 -15.66 14.82
CA PRO D 60 15.01 -16.55 13.98
C PRO D 60 14.38 -17.66 14.79
N ASP D 61 13.27 -18.18 14.28
CA ASP D 61 12.51 -19.22 14.96
C ASP D 61 13.26 -20.55 15.05
N ARG D 62 14.33 -20.74 14.28
CA ARG D 62 15.09 -21.98 14.35
C ARG D 62 15.89 -22.08 15.64
N PHE D 63 16.17 -20.97 16.31
CA PHE D 63 16.84 -21.01 17.60
C PHE D 63 15.84 -21.28 18.71
N SER D 64 16.28 -22.03 19.71
CA SER D 64 15.42 -22.36 20.84
C SER D 64 16.30 -22.83 21.99
N GLY D 65 15.73 -22.79 23.20
CA GLY D 65 16.44 -23.21 24.38
C GLY D 65 15.58 -24.11 25.25
N SER D 66 16.25 -24.83 26.15
CA SER D 66 15.57 -25.73 27.07
C SER D 66 16.52 -26.09 28.20
N GLY D 67 15.95 -26.37 29.36
CA GLY D 67 16.74 -26.78 30.50
C GLY D 67 16.12 -26.34 31.80
N SER D 68 16.52 -27.01 32.88
CA SER D 68 16.04 -26.68 34.22
C SER D 68 16.99 -27.31 35.23
N GLY D 69 17.44 -26.52 36.20
CA GLY D 69 18.37 -27.02 37.20
C GLY D 69 19.82 -26.77 36.84
N THR D 70 20.50 -27.83 36.38
CA THR D 70 21.89 -27.75 35.98
C THR D 70 22.10 -27.90 34.48
N ASP D 71 21.34 -28.79 33.84
CA ASP D 71 21.49 -29.07 32.42
C ASP D 71 20.67 -28.07 31.61
N PHE D 72 21.30 -27.45 30.62
CA PHE D 72 20.64 -26.52 29.72
C PHE D 72 21.08 -26.80 28.29
N THR D 73 20.23 -26.45 27.33
CA THR D 73 20.43 -26.82 25.94
C THR D 73 20.04 -25.68 25.02
N LEU D 74 20.92 -25.39 24.05
CA LEU D 74 20.61 -24.47 22.95
C LEU D 74 20.50 -25.29 21.68
N THR D 75 19.31 -25.28 21.07
CA THR D 75 19.01 -26.13 19.93
C THR D 75 18.71 -25.28 18.70
N ILE D 76 19.35 -25.61 17.58
CA ILE D 76 19.07 -24.99 16.29
C ILE D 76 18.48 -26.06 15.40
N SER D 77 17.23 -25.85 14.95
CA SER D 77 16.54 -26.87 14.17
C SER D 77 17.25 -27.11 12.83
N ARG D 78 17.71 -26.06 12.18
CA ARG D 78 18.44 -26.17 10.92
C ARG D 78 19.59 -25.18 10.93
N LEU D 79 20.76 -25.64 10.49
CA LEU D 79 21.96 -24.82 10.48
C LEU D 79 22.04 -24.01 9.19
N GLU D 80 22.22 -22.70 9.33
CA GLU D 80 22.39 -21.78 8.23
C GLU D 80 23.82 -21.27 8.17
N PRO D 81 24.27 -20.78 7.02
CA PRO D 81 25.64 -20.24 6.94
C PRO D 81 25.90 -19.09 7.90
N GLU D 82 24.87 -18.37 8.33
CA GLU D 82 25.03 -17.27 9.27
C GLU D 82 25.07 -17.74 10.72
N ASP D 83 24.83 -19.03 10.99
CA ASP D 83 24.78 -19.53 12.35
C ASP D 83 26.12 -20.08 12.83
N PHE D 84 27.04 -20.40 11.92
CA PHE D 84 28.32 -20.99 12.29
C PHE D 84 29.19 -19.93 12.95
N ALA D 85 29.23 -19.95 14.29
CA ALA D 85 30.03 -19.03 15.07
C ALA D 85 30.21 -19.63 16.46
N VAL D 86 30.79 -18.85 17.37
CA VAL D 86 30.96 -19.28 18.76
C VAL D 86 29.72 -18.88 19.55
N TYR D 87 29.38 -19.71 20.55
CA TYR D 87 28.20 -19.49 21.37
C TYR D 87 28.58 -19.59 22.83
N TYR D 88 28.19 -18.58 23.60
CA TYR D 88 28.44 -18.53 25.04
C TYR D 88 27.13 -18.59 25.80
N CYS D 89 27.17 -19.19 26.98
CA CYS D 89 26.05 -19.21 27.90
C CYS D 89 26.45 -18.53 29.20
N GLN D 90 25.54 -17.74 29.76
CA GLN D 90 25.80 -17.02 31.01
C GLN D 90 24.68 -17.32 32.00
N GLN D 91 24.86 -16.82 33.22
CA GLN D 91 23.86 -16.96 34.26
C GLN D 91 24.03 -15.82 35.25
N HIS D 92 22.90 -15.27 35.72
CA HIS D 92 22.91 -14.25 36.75
C HIS D 92 22.17 -14.71 38.00
N ASP D 93 22.16 -16.02 38.24
CA ASP D 93 21.56 -16.56 39.45
C ASP D 93 22.41 -16.21 40.67
N THR D 94 23.68 -16.62 40.67
CA THR D 94 24.64 -16.25 41.70
C THR D 94 25.78 -15.52 41.01
N SER D 95 25.86 -14.21 41.24
CA SER D 95 26.82 -13.32 40.57
C SER D 95 26.57 -13.44 39.06
N LEU D 96 27.61 -13.42 38.23
CA LEU D 96 27.42 -13.55 36.79
C LEU D 96 28.69 -14.17 36.19
N THR D 97 28.54 -15.36 35.62
CA THR D 97 29.65 -16.08 35.01
C THR D 97 29.25 -16.51 33.60
N PHE D 98 30.26 -16.69 32.76
CA PHE D 98 30.07 -17.15 31.39
C PHE D 98 30.47 -18.62 31.29
N GLY D 99 30.48 -19.14 30.06
CA GLY D 99 30.85 -20.51 29.79
C GLY D 99 32.13 -20.61 28.98
N GLY D 100 32.51 -21.87 28.71
CA GLY D 100 33.71 -22.14 27.94
C GLY D 100 33.59 -21.79 26.47
N GLY D 101 32.36 -21.60 25.98
CA GLY D 101 32.15 -21.26 24.59
C GLY D 101 32.25 -22.46 23.66
N THR D 102 31.26 -22.60 22.77
CA THR D 102 31.22 -23.67 21.79
C THR D 102 31.22 -23.07 20.39
N LYS D 103 32.18 -23.49 19.57
CA LYS D 103 32.30 -22.98 18.20
C LYS D 103 31.69 -24.00 17.24
N VAL D 104 30.64 -23.60 16.55
CA VAL D 104 29.99 -24.47 15.57
C VAL D 104 30.77 -24.37 14.26
N GLU D 105 31.36 -25.49 13.84
CA GLU D 105 32.21 -25.53 12.66
C GLU D 105 31.48 -26.20 11.50
N ILE D 106 31.79 -25.74 10.29
CA ILE D 106 31.23 -26.33 9.09
C ILE D 106 31.91 -27.66 8.81
N LYS D 107 31.12 -28.72 8.65
CA LYS D 107 31.64 -30.06 8.41
C LYS D 107 31.86 -30.26 6.91
N ARG D 108 33.06 -30.70 6.54
CA ARG D 108 33.40 -30.96 5.15
C ARG D 108 34.35 -32.15 5.09
N THR D 109 34.58 -32.64 3.87
CA THR D 109 35.52 -33.73 3.68
C THR D 109 36.94 -33.26 3.92
N VAL D 110 37.81 -34.21 4.30
CA VAL D 110 39.20 -33.87 4.61
C VAL D 110 39.91 -33.42 3.35
N ALA D 111 40.63 -32.31 3.44
CA ALA D 111 41.38 -31.75 2.32
C ALA D 111 42.84 -31.62 2.70
N ALA D 112 43.73 -31.98 1.77
CA ALA D 112 45.15 -31.92 2.04
C ALA D 112 45.65 -30.48 1.97
N PRO D 113 46.61 -30.10 2.80
CA PRO D 113 47.12 -28.73 2.79
C PRO D 113 48.07 -28.52 1.60
N SER D 114 48.53 -27.28 1.47
CA SER D 114 49.50 -26.90 0.45
C SER D 114 50.67 -26.23 1.16
N VAL D 115 51.73 -27.00 1.41
CA VAL D 115 52.89 -26.51 2.15
C VAL D 115 53.73 -25.65 1.23
N PHE D 116 54.12 -24.47 1.72
CA PHE D 116 54.97 -23.55 0.99
C PHE D 116 56.02 -22.98 1.93
N ILE D 117 57.29 -23.08 1.53
CA ILE D 117 58.40 -22.51 2.28
C ILE D 117 58.80 -21.19 1.65
N PHE D 118 58.98 -20.17 2.47
CA PHE D 118 59.30 -18.83 1.99
C PHE D 118 60.63 -18.37 2.56
N PRO D 119 61.52 -17.82 1.74
CA PRO D 119 62.83 -17.39 2.25
C PRO D 119 62.74 -16.02 2.89
N PRO D 120 63.65 -15.71 3.81
CA PRO D 120 63.66 -14.36 4.40
C PRO D 120 64.18 -13.34 3.40
N SER D 121 63.52 -12.19 3.34
CA SER D 121 63.90 -11.15 2.40
C SER D 121 65.27 -10.58 2.75
N ASP D 122 65.95 -10.04 1.73
CA ASP D 122 67.26 -9.45 1.96
C ASP D 122 67.18 -8.21 2.83
N GLU D 123 66.02 -7.53 2.84
CA GLU D 123 65.85 -6.38 3.72
C GLU D 123 65.85 -6.80 5.18
N GLN D 124 65.37 -8.00 5.48
CA GLN D 124 65.43 -8.50 6.86
C GLN D 124 66.86 -8.86 7.24
N LEU D 125 67.63 -9.42 6.32
CA LEU D 125 69.03 -9.70 6.58
C LEU D 125 69.84 -8.42 6.72
N LYS D 126 69.39 -7.34 6.08
CA LYS D 126 70.03 -6.04 6.23
C LYS D 126 69.69 -5.36 7.55
N SER D 127 68.70 -5.88 8.29
CA SER D 127 68.33 -5.35 9.59
C SER D 127 68.92 -6.15 10.75
N GLY D 128 69.42 -7.35 10.49
CA GLY D 128 70.03 -8.17 11.52
C GLY D 128 69.19 -9.31 12.04
N THR D 129 68.07 -9.63 11.39
CA THR D 129 67.19 -10.70 11.86
C THR D 129 66.51 -11.35 10.66
N ALA D 130 66.65 -12.66 10.53
CA ALA D 130 66.01 -13.42 9.48
C ALA D 130 64.78 -14.15 10.04
N SER D 131 63.80 -14.37 9.16
CA SER D 131 62.55 -15.02 9.55
C SER D 131 62.07 -15.89 8.40
N VAL D 132 61.89 -17.18 8.67
CA VAL D 132 61.36 -18.14 7.71
C VAL D 132 59.89 -18.36 8.00
N VAL D 133 59.07 -18.40 6.95
CA VAL D 133 57.62 -18.52 7.06
C VAL D 133 57.19 -19.79 6.35
N CYS D 134 56.61 -20.71 7.09
CA CYS D 134 56.03 -21.94 6.54
C CYS D 134 54.52 -21.76 6.41
N LEU D 135 54.00 -21.97 5.21
CA LEU D 135 52.60 -21.73 4.90
C LEU D 135 51.86 -23.06 4.72
N LEU D 136 50.66 -23.14 5.30
CA LEU D 136 49.75 -24.27 5.13
C LEU D 136 48.43 -23.72 4.60
N ASN D 137 48.23 -23.78 3.29
CA ASN D 137 47.10 -23.15 2.63
C ASN D 137 45.99 -24.18 2.41
N ASN D 138 44.80 -23.88 2.93
CA ASN D 138 43.59 -24.67 2.69
C ASN D 138 43.71 -26.10 3.18
N PHE D 139 43.18 -26.38 4.37
CA PHE D 139 43.19 -27.73 4.91
C PHE D 139 42.06 -27.89 5.91
N TYR D 140 41.65 -29.13 6.12
CA TYR D 140 40.61 -29.49 7.06
C TYR D 140 40.95 -30.85 7.64
N PRO D 141 40.79 -31.06 8.96
CA PRO D 141 40.28 -30.08 9.92
C PRO D 141 41.33 -29.09 10.40
N ARG D 142 41.04 -28.41 11.52
CA ARG D 142 41.93 -27.37 12.02
C ARG D 142 43.20 -27.95 12.62
N GLU D 143 43.11 -29.13 13.23
CA GLU D 143 44.26 -29.74 13.87
C GLU D 143 45.32 -30.10 12.84
N ALA D 144 46.51 -29.51 12.97
CA ALA D 144 47.61 -29.77 12.05
C ALA D 144 48.95 -29.54 12.73
N TRP D 148 59.62 -27.38 13.00
CA TRP D 148 60.78 -26.81 12.33
C TRP D 148 62.02 -27.66 12.55
N LYS D 149 62.58 -28.19 11.46
CA LYS D 149 63.78 -29.02 11.50
C LYS D 149 64.89 -28.27 10.76
N VAL D 150 65.51 -27.32 11.46
CA VAL D 150 66.61 -26.55 10.90
C VAL D 150 67.82 -27.46 10.75
N ASP D 151 68.15 -27.84 9.52
CA ASP D 151 69.23 -28.78 9.23
C ASP D 151 68.99 -30.10 9.97
N ASN D 152 67.77 -30.63 9.84
CA ASN D 152 67.37 -31.89 10.47
C ASN D 152 67.57 -31.84 11.98
N ALA D 153 67.20 -30.71 12.59
CA ALA D 153 67.32 -30.53 14.03
C ALA D 153 66.10 -29.76 14.52
N LEU D 154 65.29 -30.39 15.36
CA LEU D 154 64.07 -29.76 15.86
C LEU D 154 64.43 -28.60 16.78
N GLN D 155 64.06 -27.39 16.37
CA GLN D 155 64.30 -26.18 17.16
C GLN D 155 62.97 -25.68 17.68
N SER D 156 62.75 -25.85 18.99
CA SER D 156 61.52 -25.43 19.63
C SER D 156 61.76 -24.21 20.51
N GLY D 157 60.68 -23.49 20.80
CA GLY D 157 60.78 -22.30 21.62
C GLY D 157 61.28 -21.07 20.90
N ASN D 158 61.19 -21.03 19.56
CA ASN D 158 61.65 -19.87 18.81
C ASN D 158 60.81 -19.64 17.55
N SER D 159 59.55 -20.05 17.56
CA SER D 159 58.67 -19.87 16.41
C SER D 159 57.24 -19.67 16.90
N GLN D 160 56.44 -18.99 16.07
CA GLN D 160 55.05 -18.72 16.37
C GLN D 160 54.22 -18.93 15.12
N GLU D 161 53.05 -19.56 15.29
CA GLU D 161 52.14 -19.83 14.19
C GLU D 161 50.81 -19.14 14.42
N SER D 162 50.05 -18.99 13.33
CA SER D 162 48.75 -18.33 13.39
C SER D 162 47.81 -19.00 12.40
N VAL D 163 46.55 -19.14 12.79
CA VAL D 163 45.53 -19.79 11.98
C VAL D 163 44.41 -18.79 11.71
N THR D 164 43.90 -18.80 10.48
CA THR D 164 42.83 -17.91 10.09
C THR D 164 41.47 -18.51 10.45
N GLU D 165 40.42 -17.76 10.20
CA GLU D 165 39.06 -18.25 10.41
C GLU D 165 38.68 -19.24 9.31
N GLN D 166 37.58 -19.94 9.53
CA GLN D 166 37.07 -20.87 8.53
C GLN D 166 36.55 -20.07 7.33
N ASP D 167 37.07 -20.39 6.14
CA ASP D 167 36.73 -19.62 4.95
C ASP D 167 35.25 -19.74 4.62
N SER D 168 34.69 -18.67 4.05
CA SER D 168 33.28 -18.61 3.72
C SER D 168 32.94 -19.34 2.42
N LYS D 169 33.94 -19.87 1.71
CA LYS D 169 33.71 -20.57 0.45
C LYS D 169 33.90 -22.07 0.62
N ASP D 170 35.13 -22.54 0.77
CA ASP D 170 35.41 -23.97 0.89
C ASP D 170 35.41 -24.45 2.33
N SER D 171 35.13 -23.57 3.30
CA SER D 171 35.05 -23.95 4.72
C SER D 171 36.37 -24.56 5.21
N THR D 172 37.49 -23.99 4.76
CA THR D 172 38.81 -24.49 5.12
C THR D 172 39.52 -23.49 6.02
N TYR D 173 40.68 -23.91 6.52
CA TYR D 173 41.52 -23.08 7.37
C TYR D 173 42.93 -23.00 6.77
N SER D 174 43.71 -22.04 7.27
CA SER D 174 45.07 -21.82 6.82
C SER D 174 45.96 -21.53 8.01
N LEU D 175 47.18 -22.04 7.98
CA LEU D 175 48.15 -21.87 9.06
C LEU D 175 49.39 -21.18 8.52
N SER D 176 50.00 -20.33 9.34
CA SER D 176 51.21 -19.58 8.96
C SER D 176 52.15 -19.54 10.16
N SER D 177 53.19 -20.37 10.13
CA SER D 177 54.21 -20.36 11.17
C SER D 177 55.38 -19.49 10.74
N THR D 178 56.08 -18.93 11.74
CA THR D 178 57.18 -18.02 11.50
C THR D 178 58.32 -18.36 12.45
N LEU D 179 59.43 -18.85 11.92
CA LEU D 179 60.62 -19.17 12.71
C LEU D 179 61.55 -17.96 12.71
N THR D 180 61.69 -17.31 13.86
CA THR D 180 62.51 -16.12 13.99
C THR D 180 63.87 -16.50 14.58
N LEU D 181 64.93 -16.01 13.93
CA LEU D 181 66.28 -16.31 14.38
C LEU D 181 67.18 -15.13 13.99
N SER D 182 68.20 -14.89 14.82
CA SER D 182 69.12 -13.79 14.57
C SER D 182 69.93 -14.05 13.30
N LYS D 183 70.51 -12.97 12.76
CA LYS D 183 71.31 -13.09 11.54
C LYS D 183 72.59 -13.87 11.77
N ALA D 184 73.09 -13.90 13.01
CA ALA D 184 74.30 -14.66 13.31
C ALA D 184 74.04 -16.15 13.27
N ASP D 185 73.01 -16.61 13.99
CA ASP D 185 72.68 -18.04 14.02
C ASP D 185 72.07 -18.51 12.71
N TYR D 186 71.58 -17.59 11.87
CA TYR D 186 71.00 -18.01 10.59
C TYR D 186 72.09 -18.41 9.61
N GLU D 187 73.22 -17.70 9.61
CA GLU D 187 74.33 -18.02 8.72
C GLU D 187 75.12 -19.24 9.17
N LYS D 188 74.93 -19.71 10.41
CA LYS D 188 75.63 -20.88 10.91
C LYS D 188 75.11 -22.17 10.29
N HIS D 189 73.94 -22.15 9.66
CA HIS D 189 73.32 -23.35 9.10
C HIS D 189 73.00 -23.11 7.63
N LYS D 190 72.44 -24.13 6.99
CA LYS D 190 72.11 -24.06 5.57
C LYS D 190 70.96 -23.10 5.31
N CYS D 194 60.22 -27.68 8.34
CA CYS D 194 58.81 -27.55 7.96
C CYS D 194 58.10 -28.90 7.94
N GLU D 195 58.03 -29.55 9.10
CA GLU D 195 57.33 -30.82 9.22
C GLU D 195 55.83 -30.56 9.27
N VAL D 196 55.09 -31.16 8.34
CA VAL D 196 53.65 -30.95 8.21
C VAL D 196 52.97 -32.30 8.40
N THR D 197 52.27 -32.45 9.51
CA THR D 197 51.52 -33.67 9.82
C THR D 197 50.03 -33.34 9.83
N HIS D 198 49.29 -33.93 8.90
CA HIS D 198 47.86 -33.70 8.79
C HIS D 198 47.18 -34.99 8.35
N GLN D 199 45.85 -34.99 8.46
CA GLN D 199 45.07 -36.17 8.06
C GLN D 199 45.08 -36.36 6.55
N GLY D 200 45.27 -35.28 5.79
CA GLY D 200 45.30 -35.37 4.34
C GLY D 200 46.70 -35.53 3.78
N SER D 202 48.65 -39.05 4.27
CA SER D 202 49.43 -40.28 4.22
C SER D 202 50.73 -40.14 5.00
N SER D 203 51.72 -39.51 4.36
CA SER D 203 53.03 -39.29 4.97
C SER D 203 53.26 -37.82 5.23
N PRO D 204 54.01 -37.47 6.28
CA PRO D 204 54.28 -36.05 6.55
C PRO D 204 55.14 -35.43 5.47
N VAL D 205 54.73 -34.24 5.02
CA VAL D 205 55.43 -33.52 3.95
C VAL D 205 56.35 -32.48 4.57
N THR D 206 57.57 -32.41 4.05
CA THR D 206 58.57 -31.45 4.52
C THR D 206 59.16 -30.73 3.32
N LYS D 207 59.09 -29.41 3.31
CA LYS D 207 59.61 -28.59 2.23
C LYS D 207 60.94 -27.96 2.65
N SER D 208 61.96 -28.14 1.84
CA SER D 208 63.28 -27.59 2.12
C SER D 208 63.43 -26.18 1.57
N GLN E 1 -40.24 23.18 -46.70
CA GLN E 1 -39.40 22.47 -45.73
C GLN E 1 -40.25 21.92 -44.59
N VAL E 2 -40.10 20.63 -44.30
CA VAL E 2 -40.84 20.00 -43.22
C VAL E 2 -40.27 20.48 -41.88
N GLN E 3 -41.09 21.15 -41.09
CA GLN E 3 -40.68 21.68 -39.80
C GLN E 3 -41.68 21.25 -38.73
N LEU E 4 -41.16 21.00 -37.53
CA LEU E 4 -41.98 20.68 -36.36
C LEU E 4 -41.52 21.58 -35.22
N VAL E 5 -42.34 22.55 -34.85
CA VAL E 5 -42.02 23.50 -33.79
C VAL E 5 -42.89 23.20 -32.58
N GLN E 6 -42.25 22.93 -31.45
CA GLN E 6 -42.95 22.62 -30.22
C GLN E 6 -43.01 23.83 -29.31
N SER E 7 -43.82 23.72 -28.26
CA SER E 7 -43.99 24.81 -27.31
C SER E 7 -42.74 24.98 -26.45
N GLY E 8 -42.70 26.08 -25.72
CA GLY E 8 -41.57 26.36 -24.86
C GLY E 8 -41.49 25.41 -23.68
N ALA E 9 -40.34 25.45 -23.01
CA ALA E 9 -40.12 24.59 -21.86
C ALA E 9 -41.03 24.96 -20.72
N GLU E 10 -41.54 23.95 -20.02
CA GLU E 10 -42.47 24.14 -18.91
C GLU E 10 -41.94 23.47 -17.66
N VAL E 11 -42.41 23.96 -16.51
CA VAL E 11 -42.12 23.40 -15.20
C VAL E 11 -43.44 23.13 -14.51
N LYS E 12 -43.59 21.94 -13.93
CA LYS E 12 -44.81 21.57 -13.25
C LYS E 12 -44.49 20.94 -11.90
N LYS E 13 -45.37 21.17 -10.93
CA LYS E 13 -45.24 20.52 -9.64
C LYS E 13 -45.65 19.04 -9.76
N PRO E 14 -45.09 18.17 -8.93
CA PRO E 14 -45.46 16.75 -8.98
C PRO E 14 -46.93 16.57 -8.65
N GLY E 15 -47.64 15.86 -9.54
CA GLY E 15 -49.07 15.65 -9.40
C GLY E 15 -49.92 16.47 -10.35
N ALA E 16 -49.33 17.44 -11.05
CA ALA E 16 -50.06 18.28 -11.97
C ALA E 16 -50.05 17.64 -13.36
N SER E 17 -50.38 18.41 -14.40
CA SER E 17 -50.40 17.91 -15.77
C SER E 17 -49.84 18.97 -16.70
N VAL E 18 -49.13 18.53 -17.73
CA VAL E 18 -48.52 19.41 -18.71
C VAL E 18 -49.02 19.02 -20.10
N LYS E 19 -49.23 20.03 -20.94
CA LYS E 19 -49.63 19.82 -22.33
C LYS E 19 -48.60 20.50 -23.23
N VAL E 20 -48.11 19.77 -24.23
CA VAL E 20 -47.10 20.25 -25.16
C VAL E 20 -47.71 20.31 -26.55
N SER E 21 -47.54 21.44 -27.23
CA SER E 21 -48.02 21.59 -28.59
C SER E 21 -46.90 21.25 -29.58
N CYS E 22 -47.27 21.12 -30.85
CA CYS E 22 -46.31 20.76 -31.90
C CYS E 22 -46.86 21.30 -33.23
N LYS E 23 -46.36 22.46 -33.63
CA LYS E 23 -46.79 23.08 -34.88
C LYS E 23 -46.09 22.42 -36.06
N ALA E 24 -46.88 21.96 -37.04
CA ALA E 24 -46.36 21.31 -38.23
C ALA E 24 -46.53 22.24 -39.43
N SER E 25 -45.62 22.10 -40.40
CA SER E 25 -45.65 22.90 -41.61
C SER E 25 -44.75 22.26 -42.65
N GLY E 26 -45.13 22.43 -43.91
CA GLY E 26 -44.33 21.94 -45.03
C GLY E 26 -44.70 20.58 -45.55
N TYR E 27 -45.82 20.01 -45.10
CA TYR E 27 -46.25 18.69 -45.56
C TYR E 27 -47.72 18.53 -45.22
N PRO E 28 -48.44 17.66 -45.95
CA PRO E 28 -49.85 17.42 -45.63
C PRO E 28 -50.02 16.87 -44.22
N PHE E 29 -50.65 17.68 -43.35
CA PHE E 29 -50.72 17.32 -41.94
C PHE E 29 -51.58 16.08 -41.71
N THR E 30 -52.70 15.97 -42.40
CA THR E 30 -53.62 14.85 -42.20
C THR E 30 -53.17 13.56 -42.88
N SER E 31 -51.98 13.55 -43.48
CA SER E 31 -51.45 12.36 -44.13
C SER E 31 -50.47 11.60 -43.27
N TYR E 32 -49.67 12.29 -42.47
CA TYR E 32 -48.67 11.68 -41.59
C TYR E 32 -49.15 11.72 -40.14
N GLY E 33 -48.96 10.62 -39.44
CA GLY E 33 -49.23 10.59 -38.02
C GLY E 33 -48.13 11.25 -37.22
N ILE E 34 -48.42 11.50 -35.95
CA ILE E 34 -47.48 12.13 -35.03
C ILE E 34 -47.17 11.17 -33.91
N SER E 35 -45.89 10.87 -33.72
CA SER E 35 -45.42 10.06 -32.61
C SER E 35 -44.65 10.93 -31.63
N TRP E 36 -44.78 10.62 -30.35
CA TRP E 36 -44.14 11.39 -29.29
C TRP E 36 -43.10 10.54 -28.59
N VAL E 37 -41.92 11.12 -28.36
CA VAL E 37 -40.81 10.44 -27.70
C VAL E 37 -40.21 11.40 -26.68
N ARG E 38 -40.01 10.91 -25.46
CA ARG E 38 -39.34 11.69 -24.43
C ARG E 38 -37.98 11.11 -24.13
N GLN E 39 -37.14 11.91 -23.50
CA GLN E 39 -35.75 11.52 -23.22
C GLN E 39 -35.30 12.21 -21.94
N ALA E 40 -35.12 11.42 -20.88
CA ALA E 40 -34.61 11.96 -19.63
C ALA E 40 -33.19 12.48 -19.82
N PRO E 41 -32.77 13.47 -19.03
CA PRO E 41 -31.39 14.00 -19.16
C PRO E 41 -30.37 12.90 -18.88
N GLY E 42 -29.47 12.68 -19.84
CA GLY E 42 -28.48 11.64 -19.74
C GLY E 42 -28.95 10.26 -20.12
N GLN E 43 -30.26 10.04 -20.22
CA GLN E 43 -30.82 8.75 -20.58
C GLN E 43 -31.09 8.70 -22.08
N GLY E 44 -31.64 7.56 -22.53
CA GLY E 44 -31.94 7.35 -23.92
C GLY E 44 -33.36 7.74 -24.28
N LEU E 45 -33.76 7.38 -25.50
CA LEU E 45 -35.09 7.69 -25.98
C LEU E 45 -36.12 6.71 -25.42
N GLU E 46 -37.36 7.16 -25.40
CA GLU E 46 -38.46 6.35 -24.89
C GLU E 46 -39.73 6.73 -25.63
N TRP E 47 -40.38 5.74 -26.25
CA TRP E 47 -41.60 5.99 -27.00
C TRP E 47 -42.78 6.19 -26.05
N MET E 48 -43.67 7.12 -26.42
CA MET E 48 -44.83 7.45 -25.61
C MET E 48 -46.14 7.03 -26.27
N GLY E 49 -46.33 7.33 -27.55
CA GLY E 49 -47.56 6.96 -28.21
C GLY E 49 -47.58 7.49 -29.64
N TRP E 50 -48.67 7.15 -30.33
CA TRP E 50 -48.87 7.53 -31.72
C TRP E 50 -50.31 7.94 -31.91
N ILE E 51 -50.52 8.97 -32.73
CA ILE E 51 -51.87 9.47 -33.02
C ILE E 51 -51.98 9.75 -34.50
N SER E 52 -53.15 9.43 -35.07
CA SER E 52 -53.43 9.70 -36.47
C SER E 52 -54.05 11.09 -36.60
N THR E 53 -53.48 11.91 -37.47
CA THR E 53 -53.99 13.24 -37.74
C THR E 53 -55.18 13.23 -38.71
N TYR E 54 -55.67 12.05 -39.07
CA TYR E 54 -56.79 11.91 -40.00
C TYR E 54 -58.09 11.56 -39.31
N ASN E 55 -58.08 10.55 -38.43
CA ASN E 55 -59.27 10.13 -37.71
C ASN E 55 -59.12 10.21 -36.20
N GLY E 56 -57.99 10.69 -35.69
CA GLY E 56 -57.80 10.84 -34.26
C GLY E 56 -57.54 9.57 -33.49
N ASN E 57 -57.30 8.46 -34.18
CA ASN E 57 -57.00 7.21 -33.50
C ASN E 57 -55.65 7.30 -32.80
N THR E 58 -55.64 6.95 -31.52
CA THR E 58 -54.42 7.01 -30.71
C THR E 58 -53.91 5.61 -30.42
N ASN E 59 -52.62 5.56 -30.07
CA ASN E 59 -51.97 4.30 -29.72
C ASN E 59 -50.83 4.56 -28.74
N TYR E 60 -51.16 4.71 -27.46
CA TYR E 60 -50.17 5.05 -26.46
C TYR E 60 -49.38 3.81 -26.03
N ALA E 61 -48.20 4.06 -25.47
CA ALA E 61 -47.41 2.98 -24.89
C ALA E 61 -48.11 2.44 -23.63
N GLN E 62 -47.84 1.18 -23.32
CA GLN E 62 -48.46 0.56 -22.16
C GLN E 62 -48.06 1.27 -20.87
N LYS E 63 -46.89 1.91 -20.85
CA LYS E 63 -46.41 2.57 -19.64
C LYS E 63 -47.21 3.83 -19.33
N PHE E 64 -47.73 4.51 -20.35
CA PHE E 64 -48.39 5.80 -20.17
C PHE E 64 -49.90 5.72 -20.38
N GLN E 65 -50.46 4.52 -20.56
CA GLN E 65 -51.89 4.39 -20.75
C GLN E 65 -52.62 4.80 -19.48
N GLY E 66 -53.51 5.78 -19.61
CA GLY E 66 -54.26 6.33 -18.49
C GLY E 66 -53.81 7.71 -18.07
N ARG E 67 -52.56 8.09 -18.39
CA ARG E 67 -52.05 9.41 -18.05
C ARG E 67 -51.84 10.32 -19.24
N VAL E 68 -51.54 9.76 -20.41
CA VAL E 68 -51.27 10.54 -21.62
C VAL E 68 -52.54 10.63 -22.46
N THR E 69 -52.75 11.79 -23.07
CA THR E 69 -53.88 12.01 -23.97
C THR E 69 -53.40 12.88 -25.12
N MET E 70 -53.36 12.32 -26.32
CA MET E 70 -52.87 13.02 -27.49
C MET E 70 -54.04 13.47 -28.35
N THR E 71 -53.97 14.72 -28.82
CA THR E 71 -55.00 15.30 -29.68
C THR E 71 -54.34 16.08 -30.80
N THR E 72 -55.04 16.20 -31.92
CA THR E 72 -54.56 16.96 -33.07
C THR E 72 -55.66 17.90 -33.55
N ASP E 73 -55.28 19.11 -33.91
CA ASP E 73 -56.19 20.09 -34.49
C ASP E 73 -55.86 20.24 -35.96
N THR E 74 -56.84 19.97 -36.83
CA THR E 74 -56.59 20.00 -38.26
C THR E 74 -56.45 21.42 -38.77
N SER E 75 -57.26 22.35 -38.27
CA SER E 75 -57.25 23.72 -38.78
C SER E 75 -55.92 24.41 -38.51
N THR E 76 -55.24 24.07 -37.43
CA THR E 76 -53.96 24.68 -37.08
C THR E 76 -52.78 23.77 -37.34
N THR E 77 -53.01 22.52 -37.74
CA THR E 77 -51.95 21.54 -37.98
C THR E 77 -51.00 21.44 -36.78
N THR E 78 -51.59 21.41 -35.58
CA THR E 78 -50.84 21.34 -34.34
C THR E 78 -51.19 20.06 -33.60
N GLY E 79 -50.18 19.33 -33.18
CA GLY E 79 -50.36 18.13 -32.38
C GLY E 79 -50.13 18.43 -30.91
N TYR E 80 -51.03 17.93 -30.07
CA TYR E 80 -50.98 18.15 -28.63
C TYR E 80 -50.74 16.83 -27.90
N MET E 81 -50.04 16.92 -26.77
CA MET E 81 -49.76 15.77 -25.93
C MET E 81 -49.83 16.20 -24.48
N GLU E 82 -50.78 15.64 -23.74
CA GLU E 82 -51.00 15.98 -22.34
C GLU E 82 -50.69 14.79 -21.46
N LEU E 83 -49.82 14.98 -20.48
CA LEU E 83 -49.44 13.94 -19.54
C LEU E 83 -49.89 14.38 -18.14
N ARG E 84 -50.79 13.61 -17.55
CA ARG E 84 -51.37 13.93 -16.25
C ARG E 84 -50.68 13.14 -15.14
N ARG E 85 -50.91 13.59 -13.91
CA ARG E 85 -50.33 12.98 -12.71
C ARG E 85 -48.81 12.86 -12.82
N LEU E 86 -48.18 14.01 -13.08
CA LEU E 86 -46.75 14.05 -13.27
C LEU E 86 -46.01 13.72 -11.97
N ARG E 87 -44.84 13.11 -12.12
CA ARG E 87 -43.97 12.79 -11.00
C ARG E 87 -42.54 13.19 -11.37
N SER E 88 -41.63 13.05 -10.41
CA SER E 88 -40.27 13.56 -10.57
C SER E 88 -39.56 12.93 -11.77
N ASP E 89 -39.70 11.61 -11.93
CA ASP E 89 -39.00 10.93 -13.01
C ASP E 89 -39.59 11.22 -14.39
N ASP E 90 -40.69 11.96 -14.47
CA ASP E 90 -41.20 12.42 -15.76
C ASP E 90 -40.40 13.58 -16.34
N THR E 91 -39.42 14.09 -15.60
CA THR E 91 -38.58 15.18 -16.08
C THR E 91 -37.76 14.73 -17.28
N ALA E 92 -38.09 15.23 -18.47
CA ALA E 92 -37.43 14.79 -19.68
C ALA E 92 -37.64 15.85 -20.77
N VAL E 93 -36.97 15.64 -21.89
CA VAL E 93 -37.16 16.48 -23.08
C VAL E 93 -38.14 15.74 -23.99
N TYR E 94 -39.34 16.27 -24.11
CA TYR E 94 -40.40 15.63 -24.88
C TYR E 94 -40.31 16.07 -26.34
N TYR E 95 -40.03 15.11 -27.22
CA TYR E 95 -39.87 15.38 -28.64
C TYR E 95 -41.16 15.07 -29.40
N CYS E 96 -41.33 15.76 -30.52
CA CYS E 96 -42.47 15.55 -31.42
C CYS E 96 -41.91 15.19 -32.79
N ALA E 97 -42.31 14.03 -33.30
CA ALA E 97 -41.78 13.52 -34.56
C ALA E 97 -42.91 13.20 -35.53
N ARG E 98 -42.61 13.36 -36.82
CA ARG E 98 -43.53 12.94 -37.87
C ARG E 98 -43.39 11.44 -38.08
N ASP E 99 -44.49 10.72 -37.95
CA ASP E 99 -44.47 9.26 -37.94
C ASP E 99 -44.72 8.70 -39.33
N TYR E 100 -43.86 7.75 -39.74
CA TYR E 100 -44.09 6.94 -40.93
C TYR E 100 -43.93 5.46 -40.57
N THR E 101 -44.43 5.08 -39.39
CA THR E 101 -44.47 3.69 -38.97
C THR E 101 -45.87 3.10 -38.97
N ARG E 102 -46.89 3.94 -38.80
CA ARG E 102 -48.28 3.50 -38.82
C ARG E 102 -49.08 4.46 -39.69
N GLY E 103 -49.85 3.92 -40.62
CA GLY E 103 -50.64 4.73 -41.53
C GLY E 103 -51.66 5.60 -40.81
N ALA E 104 -51.64 6.89 -41.11
CA ALA E 104 -52.58 7.80 -40.47
C ALA E 104 -54.01 7.61 -40.96
N TRP E 105 -54.20 6.92 -42.09
CA TRP E 105 -55.53 6.73 -42.68
C TRP E 105 -56.17 5.41 -42.29
N PHE E 106 -55.41 4.30 -42.34
CA PHE E 106 -55.97 2.99 -42.05
C PHE E 106 -55.20 2.24 -40.96
N GLY E 107 -54.25 2.89 -40.29
CA GLY E 107 -53.52 2.24 -39.23
C GLY E 107 -52.64 1.08 -39.67
N GLU E 108 -52.34 1.00 -40.96
CA GLU E 108 -51.54 -0.12 -41.47
C GLU E 108 -50.07 0.08 -41.12
N SER E 109 -49.32 -1.02 -41.17
CA SER E 109 -47.90 -0.98 -40.89
C SER E 109 -47.15 -0.35 -42.05
N LEU E 110 -46.26 0.59 -41.73
CA LEU E 110 -45.46 1.30 -42.73
C LEU E 110 -43.99 0.96 -42.57
N ILE E 111 -43.28 0.95 -43.69
CA ILE E 111 -41.84 0.71 -43.70
C ILE E 111 -41.16 2.07 -43.65
N GLY E 112 -40.80 2.51 -42.44
CA GLY E 112 -40.15 3.79 -42.27
C GLY E 112 -39.72 4.06 -40.85
N GLY E 113 -39.99 5.27 -40.36
CA GLY E 113 -39.63 5.65 -39.01
C GLY E 113 -40.04 7.06 -38.67
N PHE E 114 -39.30 7.70 -37.76
CA PHE E 114 -39.56 9.08 -37.38
C PHE E 114 -38.59 9.96 -38.17
N ASP E 115 -39.05 10.42 -39.34
CA ASP E 115 -38.16 11.12 -40.25
C ASP E 115 -37.84 12.53 -39.76
N ASN E 116 -38.86 13.32 -39.47
CA ASN E 116 -38.70 14.71 -39.04
C ASN E 116 -39.07 14.85 -37.57
N TRP E 117 -38.17 15.44 -36.80
CA TRP E 117 -38.34 15.63 -35.37
C TRP E 117 -38.48 17.12 -35.05
N GLY E 118 -38.97 17.40 -33.84
CA GLY E 118 -39.05 18.75 -33.34
C GLY E 118 -37.84 19.12 -32.49
N GLN E 119 -37.82 20.37 -32.06
CA GLN E 119 -36.70 20.85 -31.24
C GLN E 119 -36.79 20.37 -29.80
N GLY E 120 -37.88 19.71 -29.41
CA GLY E 120 -38.03 19.20 -28.07
C GLY E 120 -38.59 20.24 -27.11
N THR E 121 -39.20 19.74 -26.03
CA THR E 121 -39.78 20.58 -25.00
C THR E 121 -39.36 20.04 -23.65
N LEU E 122 -38.62 20.85 -22.89
CA LEU E 122 -38.15 20.44 -21.57
C LEU E 122 -39.28 20.60 -20.56
N VAL E 123 -39.66 19.50 -19.91
CA VAL E 123 -40.69 19.51 -18.88
C VAL E 123 -40.02 19.09 -17.58
N THR E 124 -39.66 20.07 -16.75
CA THR E 124 -39.03 19.82 -15.46
C THR E 124 -40.10 19.66 -14.40
N VAL E 125 -40.24 18.44 -13.88
CA VAL E 125 -41.22 18.14 -12.85
C VAL E 125 -40.47 18.00 -11.53
N SER E 126 -40.68 18.96 -10.63
CA SER E 126 -40.01 18.96 -9.34
C SER E 126 -40.80 19.81 -8.37
N SER E 127 -40.73 19.44 -7.09
CA SER E 127 -41.37 20.21 -6.03
C SER E 127 -40.57 21.46 -5.66
N ALA E 128 -39.43 21.68 -6.30
CA ALA E 128 -38.63 22.87 -6.03
C ALA E 128 -39.32 24.11 -6.61
N SER E 129 -38.84 25.26 -6.17
CA SER E 129 -39.39 26.54 -6.59
C SER E 129 -38.38 27.31 -7.44
N THR E 130 -38.89 28.28 -8.20
CA THR E 130 -38.04 29.09 -9.06
C THR E 130 -37.11 29.96 -8.21
N LYS E 131 -35.81 29.83 -8.43
CA LYS E 131 -34.82 30.57 -7.66
C LYS E 131 -33.69 31.01 -8.57
N GLY E 132 -33.27 32.26 -8.42
CA GLY E 132 -32.15 32.79 -9.17
C GLY E 132 -30.83 32.19 -8.71
N PRO E 133 -29.86 32.11 -9.60
CA PRO E 133 -28.57 31.51 -9.25
C PRO E 133 -27.66 32.45 -8.50
N SER E 134 -26.85 31.87 -7.62
CA SER E 134 -25.80 32.59 -6.90
C SER E 134 -24.47 32.26 -7.57
N VAL E 135 -23.80 33.29 -8.08
CA VAL E 135 -22.55 33.13 -8.83
C VAL E 135 -21.39 33.45 -7.91
N PHE E 136 -20.55 32.44 -7.63
CA PHE E 136 -19.37 32.62 -6.81
C PHE E 136 -18.10 32.48 -7.64
N PRO E 137 -17.10 33.32 -7.41
CA PRO E 137 -15.89 33.28 -8.23
C PRO E 137 -14.97 32.14 -7.83
N LEU E 138 -14.38 31.50 -8.85
CA LEU E 138 -13.35 30.48 -8.65
C LEU E 138 -12.01 31.15 -8.96
N ALA E 139 -11.43 31.79 -7.96
CA ALA E 139 -10.26 32.62 -8.18
C ALA E 139 -9.03 31.77 -8.43
N PRO E 140 -8.17 32.17 -9.36
CA PRO E 140 -6.91 31.46 -9.57
C PRO E 140 -5.84 31.93 -8.58
N SER E 141 -4.87 31.05 -8.34
CA SER E 141 -3.79 31.34 -7.41
C SER E 141 -2.58 30.49 -7.81
N SER E 142 -1.67 30.27 -6.86
CA SER E 142 -0.50 29.45 -7.13
C SER E 142 -0.85 27.99 -7.38
N LYS E 143 -2.00 27.53 -6.91
CA LYS E 143 -2.44 26.15 -7.11
C LYS E 143 -3.19 25.96 -8.42
N SER E 144 -3.62 27.04 -9.07
CA SER E 144 -4.33 26.97 -10.33
C SER E 144 -3.41 27.11 -11.54
N THR E 145 -2.10 27.19 -11.32
CA THR E 145 -1.15 27.37 -12.41
C THR E 145 -0.52 26.04 -12.79
N SER E 146 -0.44 25.78 -14.09
CA SER E 146 0.21 24.59 -14.63
C SER E 146 1.05 25.03 -15.82
N GLY E 147 2.33 25.26 -15.58
CA GLY E 147 3.18 25.83 -16.62
C GLY E 147 2.95 27.31 -16.74
N GLY E 148 2.68 27.77 -17.95
CA GLY E 148 2.37 29.16 -18.20
C GLY E 148 0.89 29.48 -18.24
N THR E 149 0.03 28.51 -17.95
CA THR E 149 -1.41 28.68 -18.01
C THR E 149 -2.02 28.55 -16.62
N ALA E 150 -3.01 29.40 -16.34
CA ALA E 150 -3.74 29.37 -15.08
C ALA E 150 -5.20 29.02 -15.34
N ALA E 151 -5.89 28.59 -14.29
CA ALA E 151 -7.28 28.15 -14.38
C ALA E 151 -8.15 29.01 -13.47
N LEU E 152 -9.18 29.61 -14.06
CA LEU E 152 -10.15 30.40 -13.31
C LEU E 152 -11.55 30.12 -13.85
N GLY E 153 -12.54 30.37 -13.02
CA GLY E 153 -13.90 30.12 -13.44
C GLY E 153 -14.92 30.72 -12.50
N CYS E 154 -16.18 30.34 -12.71
CA CYS E 154 -17.29 30.79 -11.90
C CYS E 154 -18.10 29.59 -11.44
N LEU E 155 -18.80 29.75 -10.32
CA LEU E 155 -19.60 28.69 -9.72
C LEU E 155 -21.06 29.16 -9.68
N VAL E 156 -21.87 28.66 -10.60
CA VAL E 156 -23.30 28.93 -10.63
C VAL E 156 -23.96 27.86 -9.76
N LYS E 157 -24.34 28.25 -8.54
CA LYS E 157 -24.82 27.31 -7.54
C LYS E 157 -26.22 27.70 -7.08
N ASP E 158 -27.04 26.67 -6.81
CA ASP E 158 -28.38 26.83 -6.23
C ASP E 158 -29.29 27.65 -7.12
N TYR E 159 -29.90 27.00 -8.11
CA TYR E 159 -30.88 27.67 -8.97
C TYR E 159 -31.86 26.63 -9.50
N PHE E 160 -33.01 27.11 -9.94
CA PHE E 160 -34.05 26.25 -10.49
C PHE E 160 -34.98 27.10 -11.33
N PRO E 161 -35.39 26.64 -12.52
CA PRO E 161 -34.95 25.37 -13.11
C PRO E 161 -33.82 25.56 -14.12
N GLU E 162 -33.70 24.60 -15.03
CA GLU E 162 -32.76 24.71 -16.14
C GLU E 162 -33.37 25.54 -17.27
N PRO E 163 -32.52 26.14 -18.13
CA PRO E 163 -31.07 26.17 -18.07
C PRO E 163 -30.51 27.55 -17.74
N VAL E 164 -29.18 27.65 -17.70
CA VAL E 164 -28.49 28.93 -17.60
C VAL E 164 -27.40 28.96 -18.66
N THR E 165 -27.13 30.16 -19.16
CA THR E 165 -26.10 30.38 -20.16
C THR E 165 -24.96 31.18 -19.54
N VAL E 166 -23.73 30.70 -19.71
CA VAL E 166 -22.55 31.33 -19.14
C VAL E 166 -21.59 31.69 -20.27
N SER E 167 -21.33 32.97 -20.43
CA SER E 167 -20.32 33.47 -21.37
C SER E 167 -19.25 34.20 -20.59
N TRP E 168 -18.13 34.48 -21.26
CA TRP E 168 -16.99 35.13 -20.64
C TRP E 168 -16.63 36.39 -21.42
N ASN E 169 -16.55 37.51 -20.70
CA ASN E 169 -16.25 38.81 -21.31
C ASN E 169 -17.23 39.16 -22.42
N SER E 170 -18.52 38.88 -22.17
CA SER E 170 -19.59 39.14 -23.14
C SER E 170 -19.34 38.42 -24.45
N GLY E 171 -18.85 37.18 -24.37
CA GLY E 171 -18.58 36.37 -25.53
C GLY E 171 -17.25 36.61 -26.20
N ALA E 172 -16.45 37.56 -25.70
CA ALA E 172 -15.16 37.86 -26.31
C ALA E 172 -14.10 36.82 -25.97
N LEU E 173 -14.35 35.93 -25.01
CA LEU E 173 -13.42 34.88 -24.62
C LEU E 173 -14.10 33.53 -24.80
N THR E 174 -13.66 32.78 -25.82
CA THR E 174 -14.22 31.47 -26.10
C THR E 174 -13.19 30.34 -26.07
N SER E 175 -11.92 30.63 -26.29
CA SER E 175 -10.89 29.59 -26.31
C SER E 175 -10.60 29.11 -24.88
N GLY E 176 -10.60 27.80 -24.69
CA GLY E 176 -10.33 27.22 -23.40
C GLY E 176 -11.47 27.29 -22.41
N VAL E 177 -12.65 27.68 -22.83
CA VAL E 177 -13.81 27.78 -21.95
C VAL E 177 -14.48 26.42 -21.86
N HIS E 178 -14.81 26.01 -20.64
CA HIS E 178 -15.48 24.73 -20.39
C HIS E 178 -16.65 24.98 -19.46
N THR E 179 -17.87 24.92 -19.99
CA THR E 179 -19.08 25.05 -19.19
C THR E 179 -19.63 23.64 -18.95
N PHE E 180 -19.58 23.21 -17.68
CA PHE E 180 -19.95 21.84 -17.34
C PHE E 180 -21.47 21.70 -17.24
N PRO E 181 -21.99 20.49 -17.47
CA PRO E 181 -23.42 20.25 -17.25
C PRO E 181 -23.77 20.36 -15.77
N ALA E 182 -24.93 20.96 -15.50
CA ALA E 182 -25.36 21.15 -14.12
C ALA E 182 -25.67 19.80 -13.46
N VAL E 183 -25.42 19.74 -12.16
CA VAL E 183 -25.76 18.58 -11.34
C VAL E 183 -26.98 18.93 -10.50
N LEU E 184 -27.85 17.95 -10.28
CA LEU E 184 -29.07 18.15 -9.50
C LEU E 184 -28.75 17.84 -8.05
N GLN E 185 -28.60 18.89 -7.25
CA GLN E 185 -28.28 18.72 -5.84
C GLN E 185 -29.45 18.10 -5.09
N SER E 186 -29.15 17.55 -3.91
CA SER E 186 -30.18 16.92 -3.09
C SER E 186 -31.25 17.90 -2.65
N SER E 187 -30.94 19.20 -2.65
CA SER E 187 -31.89 20.23 -2.28
C SER E 187 -32.85 20.58 -3.41
N GLY E 188 -32.86 19.81 -4.50
CA GLY E 188 -33.72 20.08 -5.63
C GLY E 188 -33.24 21.18 -6.53
N LEU E 189 -32.19 21.91 -6.17
CA LEU E 189 -31.67 23.01 -6.96
C LEU E 189 -30.49 22.54 -7.81
N TYR E 190 -30.31 23.18 -8.96
CA TYR E 190 -29.22 22.86 -9.86
C TYR E 190 -27.98 23.68 -9.52
N SER E 191 -26.84 23.21 -10.02
CA SER E 191 -25.57 23.89 -9.78
C SER E 191 -24.56 23.41 -10.82
N LEU E 192 -23.83 24.35 -11.41
CA LEU E 192 -22.79 24.03 -12.39
C LEU E 192 -21.62 24.97 -12.20
N SER E 193 -20.59 24.77 -13.01
CA SER E 193 -19.40 25.61 -13.01
C SER E 193 -18.90 25.78 -14.43
N SER E 194 -18.32 26.95 -14.70
CA SER E 194 -17.74 27.26 -16.00
C SER E 194 -16.34 27.81 -15.79
N VAL E 195 -15.34 27.09 -16.28
CA VAL E 195 -13.94 27.43 -16.05
C VAL E 195 -13.28 27.76 -17.37
N VAL E 196 -12.22 28.57 -17.29
CA VAL E 196 -11.43 28.97 -18.45
C VAL E 196 -9.95 28.86 -18.10
N THR E 197 -9.17 28.29 -19.01
CA THR E 197 -7.73 28.21 -18.87
C THR E 197 -7.09 29.33 -19.68
N VAL E 198 -6.39 30.23 -18.99
CA VAL E 198 -5.78 31.39 -19.64
C VAL E 198 -4.32 31.46 -19.23
N PRO E 199 -3.48 32.13 -20.03
CA PRO E 199 -2.08 32.31 -19.64
C PRO E 199 -1.97 33.08 -18.33
N SER E 200 -1.06 32.62 -17.47
CA SER E 200 -0.87 33.25 -16.17
C SER E 200 -0.36 34.68 -16.28
N SER E 201 0.26 35.03 -17.41
CA SER E 201 0.72 36.40 -17.62
C SER E 201 -0.43 37.39 -17.71
N SER E 202 -1.61 36.94 -18.12
CA SER E 202 -2.77 37.81 -18.28
C SER E 202 -3.58 37.97 -17.00
N LEU E 203 -3.14 37.36 -15.89
CA LEU E 203 -3.88 37.45 -14.64
C LEU E 203 -3.74 38.81 -13.97
N GLY E 204 -2.86 39.68 -14.46
CA GLY E 204 -2.68 40.98 -13.86
C GLY E 204 -3.03 42.13 -14.78
N THR E 205 -3.34 41.81 -16.04
CA THR E 205 -3.69 42.81 -17.04
C THR E 205 -5.07 42.61 -17.64
N GLN E 206 -5.44 41.38 -17.98
CA GLN E 206 -6.73 41.09 -18.59
C GLN E 206 -7.76 40.82 -17.51
N THR E 207 -8.91 41.50 -17.59
CA THR E 207 -10.00 41.31 -16.66
C THR E 207 -10.93 40.21 -17.17
N TYR E 208 -11.29 39.29 -16.28
CA TYR E 208 -12.14 38.16 -16.61
C TYR E 208 -13.45 38.27 -15.86
N ILE E 209 -14.56 38.31 -16.60
CA ILE E 209 -15.90 38.41 -16.03
C ILE E 209 -16.79 37.38 -16.71
N CYS E 210 -17.45 36.54 -15.91
CA CYS E 210 -18.40 35.58 -16.44
C CYS E 210 -19.80 36.18 -16.44
N ASN E 211 -20.55 35.93 -17.50
CA ASN E 211 -21.89 36.48 -17.69
C ASN E 211 -22.89 35.33 -17.59
N VAL E 212 -23.57 35.23 -16.45
CA VAL E 212 -24.56 34.20 -16.20
C VAL E 212 -25.94 34.77 -16.45
N ASN E 213 -26.77 34.02 -17.17
CA ASN E 213 -28.14 34.43 -17.48
C ASN E 213 -29.09 33.28 -17.17
N HIS E 214 -30.09 33.55 -16.34
CA HIS E 214 -31.10 32.58 -15.95
C HIS E 214 -32.46 33.13 -16.38
N LYS E 215 -32.84 32.83 -17.62
CA LYS E 215 -34.10 33.33 -18.16
C LYS E 215 -35.33 32.88 -17.37
N PRO E 216 -35.44 31.63 -16.88
CA PRO E 216 -36.62 31.27 -16.09
C PRO E 216 -36.84 32.12 -14.85
N SER E 217 -35.79 32.75 -14.32
CA SER E 217 -35.92 33.60 -13.15
C SER E 217 -35.61 35.07 -13.44
N ASN E 218 -35.30 35.42 -14.68
CA ASN E 218 -34.94 36.79 -15.07
C ASN E 218 -33.77 37.29 -14.23
N THR E 219 -32.74 36.46 -14.13
CA THR E 219 -31.55 36.76 -13.33
C THR E 219 -30.34 36.78 -14.24
N LYS E 220 -29.69 37.93 -14.35
CA LYS E 220 -28.47 38.09 -15.14
C LYS E 220 -27.41 38.68 -14.21
N VAL E 221 -26.36 37.91 -13.95
CA VAL E 221 -25.32 38.27 -12.99
C VAL E 221 -23.98 38.28 -13.72
N ASP E 222 -23.21 39.35 -13.50
CA ASP E 222 -21.86 39.49 -14.03
C ASP E 222 -20.90 39.51 -12.85
N LYS E 223 -20.07 38.48 -12.73
CA LYS E 223 -19.12 38.35 -11.63
C LYS E 223 -17.70 38.47 -12.17
N LYS E 224 -16.92 39.38 -11.58
CA LYS E 224 -15.53 39.56 -11.94
C LYS E 224 -14.66 38.57 -11.16
N VAL E 225 -13.80 37.86 -11.87
CA VAL E 225 -12.92 36.85 -11.28
C VAL E 225 -11.53 37.45 -11.17
N GLU E 226 -11.10 37.72 -9.93
CA GLU E 226 -9.78 38.28 -9.67
C GLU E 226 -8.95 37.27 -8.88
N PRO E 227 -7.63 37.22 -9.13
CA PRO E 227 -6.78 36.26 -8.41
C PRO E 227 -6.75 36.55 -6.92
N LYS E 228 -6.63 35.48 -6.14
CA LYS E 228 -6.54 35.61 -4.69
C LYS E 228 -5.17 36.17 -4.31
N SER E 229 -5.16 37.28 -3.57
CA SER E 229 -3.91 37.91 -3.16
C SER E 229 -3.55 37.52 -1.72
N GLU F 1 -42.86 -7.01 -23.88
CA GLU F 1 -42.35 -6.13 -24.94
C GLU F 1 -41.09 -6.72 -25.58
N ILE F 2 -40.65 -6.11 -26.67
CA ILE F 2 -39.45 -6.52 -27.38
C ILE F 2 -38.33 -5.55 -27.00
N VAL F 3 -37.39 -6.01 -26.19
CA VAL F 3 -36.30 -5.18 -25.70
C VAL F 3 -35.18 -5.18 -26.73
N LEU F 4 -34.69 -4.00 -27.09
CA LEU F 4 -33.58 -3.83 -28.02
C LEU F 4 -32.32 -3.54 -27.22
N THR F 5 -31.31 -4.40 -27.36
CA THR F 5 -30.05 -4.27 -26.65
C THR F 5 -28.95 -3.87 -27.62
N GLN F 6 -28.25 -2.78 -27.32
CA GLN F 6 -27.15 -2.29 -28.14
C GLN F 6 -25.86 -2.44 -27.36
N SER F 7 -24.90 -3.17 -27.94
CA SER F 7 -23.60 -3.37 -27.32
C SER F 7 -22.49 -3.07 -28.31
N PRO F 8 -21.45 -2.34 -27.89
CA PRO F 8 -21.31 -1.79 -26.54
C PRO F 8 -22.00 -0.46 -26.36
N GLY F 9 -22.09 0.02 -25.12
CA GLY F 9 -22.68 1.33 -24.88
C GLY F 9 -21.86 2.46 -25.45
N THR F 10 -20.53 2.32 -25.45
CA THR F 10 -19.63 3.31 -26.02
C THR F 10 -18.64 2.60 -26.92
N LEU F 11 -18.40 3.19 -28.10
CA LEU F 11 -17.50 2.62 -29.10
C LEU F 11 -16.45 3.66 -29.44
N SER F 12 -15.20 3.40 -29.08
CA SER F 12 -14.09 4.33 -29.29
C SER F 12 -13.36 3.94 -30.57
N LEU F 13 -13.51 4.75 -31.61
CA LEU F 13 -12.89 4.50 -32.90
C LEU F 13 -12.28 5.79 -33.44
N SER F 14 -11.21 5.64 -34.21
CA SER F 14 -10.55 6.79 -34.80
C SER F 14 -11.27 7.22 -36.08
N PRO F 15 -11.20 8.51 -36.43
CA PRO F 15 -11.85 8.98 -37.67
C PRO F 15 -11.23 8.30 -38.89
N GLY F 16 -12.08 7.62 -39.66
CA GLY F 16 -11.67 6.90 -40.84
C GLY F 16 -11.81 5.39 -40.73
N GLU F 17 -11.97 4.87 -39.51
CA GLU F 17 -12.11 3.43 -39.34
C GLU F 17 -13.55 2.99 -39.60
N ARG F 18 -13.73 1.68 -39.67
CA ARG F 18 -15.04 1.08 -39.92
C ARG F 18 -15.79 0.93 -38.60
N ALA F 19 -17.01 1.44 -38.55
CA ALA F 19 -17.84 1.38 -37.35
C ALA F 19 -18.92 0.32 -37.53
N THR F 20 -19.05 -0.57 -36.54
CA THR F 20 -20.03 -1.64 -36.56
C THR F 20 -20.81 -1.59 -35.25
N LEU F 21 -22.11 -1.29 -35.34
CA LEU F 21 -22.98 -1.19 -34.18
C LEU F 21 -24.04 -2.28 -34.26
N SER F 22 -24.28 -2.95 -33.14
CA SER F 22 -25.21 -4.06 -33.07
C SER F 22 -26.51 -3.63 -32.38
N CYS F 23 -27.58 -4.37 -32.69
CA CYS F 23 -28.89 -4.14 -32.07
C CYS F 23 -29.62 -5.50 -32.08
N ARG F 24 -29.46 -6.24 -30.99
CA ARG F 24 -30.07 -7.56 -30.86
C ARG F 24 -31.39 -7.46 -30.13
N ALA F 25 -32.43 -8.03 -30.72
CA ALA F 25 -33.78 -7.98 -30.18
C ALA F 25 -34.08 -9.24 -29.36
N SER F 26 -34.91 -9.07 -28.33
CA SER F 26 -35.27 -10.21 -27.49
C SER F 26 -36.12 -11.22 -28.23
N GLN F 27 -36.94 -10.77 -29.17
CA GLN F 27 -37.78 -11.64 -29.99
C GLN F 27 -37.42 -11.44 -31.46
N THR F 28 -38.11 -12.20 -32.32
CA THR F 28 -37.91 -12.09 -33.76
C THR F 28 -38.77 -10.94 -34.29
N VAL F 29 -38.12 -9.93 -34.85
CA VAL F 29 -38.81 -8.79 -35.43
C VAL F 29 -38.62 -8.79 -36.93
N SER F 30 -39.56 -8.16 -37.63
CA SER F 30 -39.48 -8.08 -39.08
C SER F 30 -38.40 -7.10 -39.51
N SER F 31 -37.72 -7.43 -40.60
CA SER F 31 -36.66 -6.56 -41.11
C SER F 31 -37.23 -5.23 -41.60
N THR F 32 -38.49 -5.21 -42.02
CA THR F 32 -39.12 -3.98 -42.48
C THR F 32 -39.55 -3.08 -41.34
N SER F 33 -39.42 -3.52 -40.09
CA SER F 33 -39.88 -2.76 -38.93
C SER F 33 -38.73 -2.28 -38.06
N LEU F 34 -37.51 -2.25 -38.59
CA LEU F 34 -36.34 -1.81 -37.84
C LEU F 34 -35.84 -0.48 -38.41
N ALA F 35 -35.46 0.42 -37.51
CA ALA F 35 -34.97 1.74 -37.90
C ALA F 35 -33.79 2.13 -37.03
N TRP F 36 -32.94 3.01 -37.57
CA TRP F 36 -31.78 3.53 -36.86
C TRP F 36 -31.86 5.05 -36.80
N TYR F 37 -31.41 5.62 -35.68
CA TYR F 37 -31.47 7.05 -35.46
C TYR F 37 -30.14 7.56 -34.95
N GLN F 38 -29.78 8.77 -35.36
CA GLN F 38 -28.56 9.44 -34.93
C GLN F 38 -28.93 10.67 -34.11
N GLN F 39 -28.21 10.89 -33.01
CA GLN F 39 -28.46 12.04 -32.15
C GLN F 39 -27.12 12.58 -31.66
N LYS F 40 -26.88 13.86 -31.91
CA LYS F 40 -25.73 14.57 -31.41
C LYS F 40 -26.09 15.32 -30.13
N PRO F 41 -25.11 15.61 -29.27
CA PRO F 41 -25.41 16.29 -28.00
C PRO F 41 -26.09 17.63 -28.23
N GLY F 42 -27.28 17.79 -27.63
CA GLY F 42 -28.02 19.02 -27.73
C GLY F 42 -28.98 19.11 -28.89
N GLN F 43 -29.02 18.11 -29.76
CA GLN F 43 -29.87 18.10 -30.94
C GLN F 43 -30.89 16.98 -30.84
N ALA F 44 -31.88 17.04 -31.71
CA ALA F 44 -32.92 16.01 -31.78
C ALA F 44 -32.44 14.81 -32.57
N PRO F 45 -33.03 13.63 -32.34
CA PRO F 45 -32.65 12.46 -33.13
C PRO F 45 -32.93 12.67 -34.61
N ARG F 46 -32.14 11.97 -35.44
CA ARG F 46 -32.24 12.07 -36.89
C ARG F 46 -32.32 10.67 -37.48
N LEU F 47 -33.30 10.46 -38.36
CA LEU F 47 -33.51 9.15 -38.96
C LEU F 47 -32.40 8.85 -39.96
N LEU F 48 -31.69 7.75 -39.75
CA LEU F 48 -30.63 7.33 -40.66
C LEU F 48 -31.10 6.20 -41.57
N ILE F 49 -31.39 5.05 -40.98
CA ILE F 49 -31.78 3.85 -41.71
C ILE F 49 -33.18 3.46 -41.28
N TYR F 50 -34.02 3.10 -42.25
CA TYR F 50 -35.34 2.55 -42.00
C TYR F 50 -35.49 1.27 -42.81
N GLY F 51 -36.27 0.33 -42.27
CA GLY F 51 -36.44 -0.95 -42.91
C GLY F 51 -35.13 -1.73 -42.99
N ALA F 52 -34.41 -1.77 -41.87
CA ALA F 52 -33.16 -2.51 -41.72
C ALA F 52 -32.03 -1.97 -42.59
N SER F 53 -32.28 -1.79 -43.90
CA SER F 53 -31.22 -1.46 -44.83
C SER F 53 -31.43 -0.17 -45.61
N SER F 54 -32.67 0.29 -45.79
CA SER F 54 -32.92 1.46 -46.62
C SER F 54 -32.48 2.74 -45.93
N ARG F 55 -31.79 3.60 -46.67
CA ARG F 55 -31.32 4.87 -46.14
C ARG F 55 -32.41 5.93 -46.21
N ALA F 56 -32.40 6.83 -45.24
CA ALA F 56 -33.37 7.91 -45.19
C ALA F 56 -32.91 9.08 -46.07
N THR F 57 -33.74 10.12 -46.14
CA THR F 57 -33.45 11.25 -47.01
C THR F 57 -32.28 12.07 -46.47
N GLY F 58 -31.33 12.39 -47.34
CA GLY F 58 -30.19 13.19 -46.97
C GLY F 58 -29.12 12.46 -46.17
N ILE F 59 -29.15 11.14 -46.13
CA ILE F 59 -28.19 10.35 -45.36
C ILE F 59 -27.06 9.92 -46.30
N PRO F 60 -25.80 10.13 -45.92
CA PRO F 60 -24.70 9.74 -46.81
C PRO F 60 -24.69 8.24 -47.07
N ASP F 61 -24.06 7.87 -48.20
CA ASP F 61 -24.01 6.48 -48.61
C ASP F 61 -23.09 5.63 -47.75
N ARG F 62 -22.21 6.24 -46.95
CA ARG F 62 -21.35 5.47 -46.07
C ARG F 62 -22.14 4.77 -44.95
N PHE F 63 -23.32 5.29 -44.60
CA PHE F 63 -24.19 4.62 -43.66
C PHE F 63 -24.91 3.47 -44.34
N SER F 64 -24.95 2.32 -43.67
CA SER F 64 -25.60 1.15 -44.22
C SER F 64 -26.10 0.27 -43.07
N GLY F 65 -27.27 -0.33 -43.26
CA GLY F 65 -27.84 -1.22 -42.27
C GLY F 65 -28.05 -2.61 -42.86
N SER F 66 -28.03 -3.61 -41.98
CA SER F 66 -28.20 -4.99 -42.40
C SER F 66 -28.67 -5.80 -41.19
N GLY F 67 -29.13 -7.01 -41.47
CA GLY F 67 -29.58 -7.91 -40.42
C GLY F 67 -30.98 -8.45 -40.62
N SER F 68 -31.30 -9.52 -39.90
CA SER F 68 -32.64 -10.11 -39.97
C SER F 68 -32.86 -10.93 -38.71
N GLY F 69 -34.13 -11.21 -38.43
CA GLY F 69 -34.49 -11.98 -37.25
C GLY F 69 -34.32 -11.20 -35.96
N THR F 70 -33.17 -11.38 -35.32
CA THR F 70 -32.86 -10.68 -34.07
C THR F 70 -31.60 -9.84 -34.13
N ASP F 71 -30.60 -10.23 -34.91
CA ASP F 71 -29.35 -9.49 -34.99
C ASP F 71 -29.41 -8.49 -36.14
N PHE F 72 -29.19 -7.21 -35.82
CA PHE F 72 -29.16 -6.15 -36.81
C PHE F 72 -27.91 -5.30 -36.60
N THR F 73 -27.37 -4.78 -37.69
CA THR F 73 -26.10 -4.07 -37.65
C THR F 73 -26.17 -2.78 -38.47
N LEU F 74 -25.79 -1.67 -37.85
CA LEU F 74 -25.60 -0.41 -38.54
C LEU F 74 -24.12 -0.24 -38.82
N THR F 75 -23.76 -0.13 -40.09
CA THR F 75 -22.37 -0.10 -40.51
C THR F 75 -22.01 1.26 -41.09
N ILE F 76 -20.94 1.86 -40.59
CA ILE F 76 -20.37 3.08 -41.12
C ILE F 76 -19.02 2.72 -41.73
N SER F 77 -18.92 2.80 -43.06
CA SER F 77 -17.71 2.35 -43.75
C SER F 77 -16.51 3.21 -43.36
N ARG F 78 -16.64 4.53 -43.47
CA ARG F 78 -15.56 5.46 -43.17
C ARG F 78 -16.09 6.53 -42.22
N LEU F 79 -15.63 6.49 -40.97
CA LEU F 79 -16.12 7.42 -39.97
C LEU F 79 -15.62 8.84 -40.27
N GLU F 80 -16.56 9.78 -40.36
CA GLU F 80 -16.27 11.19 -40.53
C GLU F 80 -16.35 11.91 -39.20
N PRO F 81 -15.70 13.07 -39.06
CA PRO F 81 -15.76 13.79 -37.78
C PRO F 81 -17.16 14.12 -37.32
N GLU F 82 -18.09 14.38 -38.24
CA GLU F 82 -19.46 14.67 -37.87
C GLU F 82 -20.28 13.43 -37.58
N ASP F 83 -19.73 12.23 -37.83
CA ASP F 83 -20.46 10.99 -37.58
C ASP F 83 -20.32 10.50 -36.15
N PHE F 84 -19.48 11.14 -35.33
CA PHE F 84 -19.28 10.72 -33.95
C PHE F 84 -20.42 11.26 -33.11
N ALA F 85 -21.39 10.40 -32.81
CA ALA F 85 -22.57 10.78 -32.03
C ALA F 85 -23.14 9.51 -31.39
N VAL F 86 -24.36 9.62 -30.89
CA VAL F 86 -25.07 8.50 -30.28
C VAL F 86 -26.08 7.96 -31.26
N TYR F 87 -26.15 6.63 -31.38
CA TYR F 87 -27.01 5.96 -32.33
C TYR F 87 -27.99 5.06 -31.61
N TYR F 88 -29.27 5.24 -31.87
CA TYR F 88 -30.33 4.43 -31.30
C TYR F 88 -30.98 3.59 -32.38
N CYS F 89 -31.28 2.33 -32.06
CA CYS F 89 -32.05 1.47 -32.96
C CYS F 89 -33.49 1.38 -32.45
N GLN F 90 -34.41 1.25 -33.40
CA GLN F 90 -35.84 1.28 -33.09
C GLN F 90 -36.54 0.14 -33.83
N GLN F 91 -37.52 -0.46 -33.17
CA GLN F 91 -38.36 -1.48 -33.79
C GLN F 91 -39.82 -1.12 -33.59
N HIS F 92 -40.64 -1.37 -34.62
CA HIS F 92 -42.08 -1.22 -34.52
C HIS F 92 -42.79 -2.46 -35.05
N ASP F 93 -42.16 -3.62 -34.90
CA ASP F 93 -42.82 -4.88 -35.23
C ASP F 93 -43.99 -5.14 -34.29
N THR F 94 -43.72 -5.21 -32.98
CA THR F 94 -44.74 -5.34 -31.96
C THR F 94 -44.64 -4.12 -31.05
N SER F 95 -45.68 -3.30 -31.06
CA SER F 95 -45.70 -2.02 -30.33
C SER F 95 -44.52 -1.19 -30.85
N LEU F 96 -43.76 -0.53 -29.98
CA LEU F 96 -42.61 0.25 -30.41
C LEU F 96 -41.67 0.43 -29.24
N THR F 97 -40.41 0.03 -29.42
CA THR F 97 -39.39 0.18 -28.39
C THR F 97 -38.12 0.73 -29.02
N PHE F 98 -37.28 1.32 -28.19
CA PHE F 98 -36.01 1.88 -28.60
C PHE F 98 -34.86 1.11 -27.97
N GLY F 99 -33.69 1.19 -28.61
CA GLY F 99 -32.50 0.58 -28.07
C GLY F 99 -31.86 1.41 -26.97
N GLY F 100 -30.84 0.82 -26.35
CA GLY F 100 -30.13 1.53 -25.30
C GLY F 100 -29.31 2.69 -25.81
N GLY F 101 -28.86 2.63 -27.06
CA GLY F 101 -28.03 3.68 -27.62
C GLY F 101 -26.55 3.35 -27.55
N THR F 102 -25.80 3.73 -28.57
CA THR F 102 -24.36 3.48 -28.64
C THR F 102 -23.66 4.80 -28.95
N LYS F 103 -22.79 5.22 -28.04
CA LYS F 103 -22.01 6.45 -28.23
C LYS F 103 -20.72 6.11 -28.96
N VAL F 104 -20.49 6.77 -30.09
CA VAL F 104 -19.30 6.55 -30.90
C VAL F 104 -18.40 7.76 -30.70
N GLU F 105 -17.45 7.65 -29.78
CA GLU F 105 -16.52 8.73 -29.49
C GLU F 105 -15.28 8.60 -30.37
N ILE F 106 -14.38 9.57 -30.26
CA ILE F 106 -13.16 9.61 -31.07
C ILE F 106 -12.04 8.94 -30.28
N LYS F 107 -11.44 7.91 -30.85
CA LYS F 107 -10.30 7.26 -30.23
C LYS F 107 -9.08 8.17 -30.30
N ARG F 108 -8.58 8.58 -29.14
CA ARG F 108 -7.48 9.52 -29.04
C ARG F 108 -6.33 8.88 -28.26
N THR F 109 -5.14 9.44 -28.44
CA THR F 109 -4.02 9.06 -27.59
C THR F 109 -4.29 9.47 -26.16
N VAL F 110 -3.68 8.75 -25.21
CA VAL F 110 -3.93 9.00 -23.80
C VAL F 110 -3.40 10.39 -23.44
N ALA F 111 -4.25 11.18 -22.79
CA ALA F 111 -3.91 12.54 -22.40
C ALA F 111 -4.11 12.69 -20.90
N ALA F 112 -3.05 13.06 -20.19
CA ALA F 112 -3.15 13.24 -18.74
C ALA F 112 -3.95 14.50 -18.42
N PRO F 113 -4.72 14.47 -17.34
CA PRO F 113 -5.52 15.64 -16.96
C PRO F 113 -4.68 16.70 -16.25
N SER F 114 -5.11 17.94 -16.40
CA SER F 114 -4.56 19.07 -15.66
C SER F 114 -5.48 19.34 -14.48
N VAL F 115 -4.99 19.10 -13.27
CA VAL F 115 -5.80 19.16 -12.06
C VAL F 115 -5.63 20.52 -11.40
N PHE F 116 -6.75 21.17 -11.08
CA PHE F 116 -6.74 22.43 -10.36
C PHE F 116 -7.81 22.38 -9.27
N ILE F 117 -7.54 23.04 -8.16
CA ILE F 117 -8.46 23.09 -7.04
C ILE F 117 -8.78 24.54 -6.72
N PHE F 118 -10.01 24.77 -6.29
CA PHE F 118 -10.50 26.12 -5.99
C PHE F 118 -11.09 26.17 -4.59
N PRO F 119 -10.50 26.91 -3.67
CA PRO F 119 -11.11 27.08 -2.35
C PRO F 119 -12.43 27.83 -2.47
N PRO F 120 -13.33 27.68 -1.48
CA PRO F 120 -14.60 28.40 -1.55
C PRO F 120 -14.39 29.90 -1.44
N SER F 121 -15.15 30.65 -2.24
CA SER F 121 -15.00 32.10 -2.27
C SER F 121 -15.50 32.73 -0.97
N ASP F 122 -15.08 33.97 -0.74
CA ASP F 122 -15.50 34.68 0.46
C ASP F 122 -16.98 35.05 0.40
N GLU F 123 -17.53 35.21 -0.80
CA GLU F 123 -18.95 35.52 -0.92
C GLU F 123 -19.81 34.36 -0.47
N GLN F 124 -19.45 33.13 -0.86
CA GLN F 124 -20.21 31.96 -0.45
C GLN F 124 -20.00 31.66 1.03
N LEU F 125 -18.79 31.89 1.54
CA LEU F 125 -18.52 31.65 2.96
C LEU F 125 -19.36 32.57 3.84
N LYS F 126 -19.65 33.78 3.36
CA LYS F 126 -20.50 34.69 4.13
C LYS F 126 -21.96 34.29 4.09
N SER F 127 -22.35 33.34 3.25
CA SER F 127 -23.73 32.89 3.16
C SER F 127 -24.04 31.76 4.14
N GLY F 128 -23.11 30.82 4.30
CA GLY F 128 -23.31 29.73 5.24
C GLY F 128 -22.81 28.39 4.76
N THR F 129 -22.45 28.30 3.48
CA THR F 129 -21.95 27.07 2.89
C THR F 129 -20.60 27.31 2.23
N ALA F 130 -19.89 26.22 1.97
CA ALA F 130 -18.57 26.29 1.35
C ALA F 130 -18.46 25.17 0.32
N SER F 131 -18.13 25.54 -0.91
CA SER F 131 -18.01 24.58 -2.01
C SER F 131 -16.58 24.62 -2.53
N VAL F 132 -15.92 23.46 -2.53
CA VAL F 132 -14.59 23.32 -3.09
C VAL F 132 -14.71 22.60 -4.43
N VAL F 133 -14.04 23.12 -5.45
CA VAL F 133 -14.14 22.61 -6.81
C VAL F 133 -12.80 22.02 -7.22
N CYS F 134 -12.82 20.78 -7.71
CA CYS F 134 -11.65 20.12 -8.26
C CYS F 134 -11.83 20.00 -9.77
N LEU F 135 -10.96 20.65 -10.53
CA LEU F 135 -11.07 20.71 -11.97
C LEU F 135 -10.14 19.72 -12.64
N LEU F 136 -10.65 19.01 -13.64
CA LEU F 136 -9.87 18.12 -14.50
C LEU F 136 -10.04 18.64 -15.93
N ASN F 137 -8.96 19.14 -16.52
CA ASN F 137 -9.03 19.88 -17.77
C ASN F 137 -8.34 19.10 -18.88
N ASN F 138 -9.13 18.69 -19.88
CA ASN F 138 -8.63 18.08 -21.11
C ASN F 138 -7.85 16.80 -20.85
N PHE F 139 -8.54 15.66 -20.88
CA PHE F 139 -7.88 14.37 -20.67
C PHE F 139 -8.59 13.30 -21.50
N TYR F 140 -7.92 12.16 -21.65
CA TYR F 140 -8.46 11.02 -22.37
C TYR F 140 -7.75 9.78 -21.87
N PRO F 141 -8.45 8.65 -21.65
CA PRO F 141 -9.89 8.44 -21.88
C PRO F 141 -10.79 9.17 -20.88
N ARG F 142 -12.10 9.04 -21.08
CA ARG F 142 -13.07 9.72 -20.22
C ARG F 142 -13.02 9.22 -18.79
N GLU F 143 -12.69 7.93 -18.61
CA GLU F 143 -12.71 7.33 -17.27
C GLU F 143 -11.65 7.97 -16.39
N ALA F 144 -12.08 8.52 -15.25
CA ALA F 144 -11.18 9.13 -14.29
C ALA F 144 -11.76 8.96 -12.90
N LYS F 145 -10.88 8.87 -11.91
CA LYS F 145 -11.26 8.66 -10.52
C LYS F 145 -10.88 9.89 -9.71
N VAL F 146 -11.88 10.49 -9.06
CA VAL F 146 -11.68 11.68 -8.24
C VAL F 146 -12.18 11.37 -6.83
N GLN F 147 -11.31 11.54 -5.84
CA GLN F 147 -11.64 11.28 -4.45
C GLN F 147 -11.32 12.52 -3.62
N TRP F 148 -12.26 12.92 -2.77
CA TRP F 148 -12.07 14.07 -1.90
C TRP F 148 -11.51 13.61 -0.55
N LYS F 149 -10.48 14.31 -0.07
CA LYS F 149 -9.85 14.00 1.21
C LYS F 149 -9.79 15.27 2.04
N VAL F 150 -10.43 15.25 3.20
CA VAL F 150 -10.46 16.38 4.12
C VAL F 150 -9.76 15.93 5.40
N ASP F 151 -8.53 16.40 5.60
CA ASP F 151 -7.68 15.97 6.70
C ASP F 151 -7.52 14.45 6.72
N ASN F 152 -7.12 13.92 5.56
CA ASN F 152 -6.88 12.49 5.30
C ASN F 152 -8.15 11.66 5.36
N ALA F 153 -9.32 12.26 5.56
CA ALA F 153 -10.58 11.53 5.64
C ALA F 153 -11.25 11.52 4.27
N LEU F 154 -11.45 10.32 3.72
CA LEU F 154 -12.08 10.18 2.42
C LEU F 154 -13.54 10.60 2.51
N GLN F 155 -13.94 11.55 1.67
CA GLN F 155 -15.31 12.03 1.64
C GLN F 155 -16.17 11.15 0.75
N SER F 156 -17.46 11.08 1.08
CA SER F 156 -18.42 10.30 0.31
C SER F 156 -19.82 10.79 0.60
N GLY F 157 -20.64 10.90 -0.44
CA GLY F 157 -22.00 11.34 -0.28
C GLY F 157 -22.19 12.83 -0.09
N ASN F 158 -21.14 13.63 -0.31
CA ASN F 158 -21.25 15.08 -0.17
C ASN F 158 -20.61 15.83 -1.32
N SER F 159 -20.45 15.19 -2.47
CA SER F 159 -19.85 15.83 -3.64
C SER F 159 -20.51 15.29 -4.90
N GLN F 160 -20.54 16.13 -5.93
CA GLN F 160 -21.08 15.75 -7.23
C GLN F 160 -20.09 16.16 -8.32
N GLU F 161 -20.17 15.45 -9.44
CA GLU F 161 -19.28 15.71 -10.57
C GLU F 161 -20.06 15.62 -11.87
N SER F 162 -19.53 16.27 -12.90
CA SER F 162 -20.10 16.21 -14.24
C SER F 162 -18.97 16.31 -15.25
N VAL F 163 -19.15 15.65 -16.39
CA VAL F 163 -18.16 15.59 -17.45
C VAL F 163 -18.73 16.23 -18.70
N THR F 164 -17.95 17.08 -19.34
CA THR F 164 -18.38 17.71 -20.59
C THR F 164 -18.38 16.70 -21.72
N GLU F 165 -18.97 17.11 -22.85
CA GLU F 165 -18.91 16.30 -24.05
C GLU F 165 -17.48 16.28 -24.60
N GLN F 166 -17.22 15.35 -25.50
CA GLN F 166 -15.91 15.25 -26.13
C GLN F 166 -15.63 16.52 -26.92
N ASP F 167 -14.54 17.20 -26.58
CA ASP F 167 -14.25 18.50 -27.19
C ASP F 167 -14.03 18.34 -28.69
N SER F 168 -14.52 19.32 -29.46
CA SER F 168 -14.49 19.25 -30.91
C SER F 168 -13.11 19.51 -31.50
N LYS F 169 -12.14 19.97 -30.70
CA LYS F 169 -10.81 20.28 -31.20
C LYS F 169 -9.81 19.15 -30.90
N ASP F 170 -9.56 18.88 -29.62
CA ASP F 170 -8.58 17.89 -29.22
C ASP F 170 -9.20 16.55 -28.81
N SER F 171 -10.53 16.43 -28.88
CA SER F 171 -11.22 15.18 -28.57
C SER F 171 -10.93 14.72 -27.14
N THR F 172 -10.96 15.66 -26.20
CA THR F 172 -10.70 15.37 -24.80
C THR F 172 -11.93 15.70 -23.96
N TYR F 173 -11.97 15.11 -22.76
CA TYR F 173 -13.04 15.35 -21.80
C TYR F 173 -12.53 16.22 -20.66
N SER F 174 -13.48 16.75 -19.89
CA SER F 174 -13.17 17.57 -18.73
C SER F 174 -14.15 17.26 -17.61
N LEU F 175 -13.65 17.14 -16.40
CA LEU F 175 -14.44 16.79 -15.24
C LEU F 175 -14.39 17.91 -14.20
N SER F 176 -15.50 18.10 -13.50
CA SER F 176 -15.61 19.13 -12.46
C SER F 176 -16.33 18.53 -11.26
N SER F 177 -15.61 18.31 -10.17
CA SER F 177 -16.17 17.79 -8.94
C SER F 177 -16.29 18.93 -7.92
N THR F 178 -17.44 18.98 -7.24
CA THR F 178 -17.75 20.04 -6.29
C THR F 178 -18.05 19.43 -4.93
N LEU F 179 -17.18 19.71 -3.96
CA LEU F 179 -17.37 19.25 -2.59
C LEU F 179 -18.06 20.35 -1.80
N THR F 180 -19.31 20.12 -1.40
CA THR F 180 -20.13 21.11 -0.72
C THR F 180 -20.23 20.74 0.75
N LEU F 181 -19.82 21.67 1.62
CA LEU F 181 -19.92 21.50 3.06
C LEU F 181 -20.46 22.78 3.67
N SER F 182 -20.99 22.66 4.88
CA SER F 182 -21.48 23.83 5.61
C SER F 182 -20.29 24.64 6.14
N LYS F 183 -20.55 25.92 6.42
CA LYS F 183 -19.51 26.78 6.96
C LYS F 183 -19.00 26.26 8.30
N ALA F 184 -19.89 25.69 9.12
CA ALA F 184 -19.47 25.13 10.40
C ALA F 184 -18.58 23.91 10.20
N ASP F 185 -18.93 23.04 9.25
CA ASP F 185 -18.11 21.86 8.99
C ASP F 185 -16.83 22.23 8.25
N TYR F 186 -16.87 23.27 7.42
CA TYR F 186 -15.68 23.65 6.65
C TYR F 186 -14.59 24.21 7.54
N GLU F 187 -14.97 24.96 8.57
CA GLU F 187 -13.99 25.59 9.46
C GLU F 187 -13.41 24.62 10.48
N LYS F 188 -13.97 23.43 10.64
CA LYS F 188 -13.46 22.46 11.60
C LYS F 188 -12.32 21.61 11.03
N HIS F 189 -11.85 21.92 9.83
CA HIS F 189 -10.77 21.15 9.20
C HIS F 189 -9.78 22.11 8.58
N LYS F 190 -8.65 21.56 8.14
CA LYS F 190 -7.54 22.37 7.62
C LYS F 190 -7.22 22.00 6.18
N VAL F 191 -6.69 20.81 5.91
CA VAL F 191 -6.23 20.43 4.58
C VAL F 191 -7.39 19.88 3.78
N TYR F 192 -7.62 20.46 2.60
CA TYR F 192 -8.64 20.00 1.66
C TYR F 192 -7.94 19.61 0.36
N ALA F 193 -8.14 18.37 -0.08
CA ALA F 193 -7.43 17.85 -1.24
C ALA F 193 -8.35 16.94 -2.05
N CYS F 194 -8.10 16.89 -3.36
CA CYS F 194 -8.72 15.94 -4.25
C CYS F 194 -7.63 15.16 -4.97
N GLU F 195 -7.75 13.84 -4.97
CA GLU F 195 -6.77 12.95 -5.59
C GLU F 195 -7.34 12.43 -6.89
N VAL F 196 -6.64 12.67 -7.99
CA VAL F 196 -7.07 12.29 -9.33
C VAL F 196 -6.24 11.10 -9.79
N THR F 197 -6.91 9.99 -10.08
CA THR F 197 -6.27 8.78 -10.60
C THR F 197 -6.70 8.60 -12.05
N HIS F 198 -5.75 8.71 -12.97
CA HIS F 198 -6.05 8.62 -14.40
C HIS F 198 -5.01 7.74 -15.07
N GLN F 199 -5.39 7.22 -16.25
CA GLN F 199 -4.50 6.35 -17.00
C GLN F 199 -3.26 7.10 -17.48
N GLY F 200 -3.41 8.37 -17.81
CA GLY F 200 -2.28 9.17 -18.28
C GLY F 200 -1.32 9.60 -17.19
N LEU F 201 -1.66 9.39 -15.93
CA LEU F 201 -0.81 9.75 -14.81
C LEU F 201 -0.07 8.52 -14.30
N SER F 202 1.26 8.62 -14.22
CA SER F 202 2.04 7.51 -13.67
C SER F 202 1.72 7.27 -12.20
N SER F 203 1.42 8.33 -11.45
CA SER F 203 1.00 8.25 -10.06
C SER F 203 -0.16 9.20 -9.86
N PRO F 204 -1.10 8.87 -8.98
CA PRO F 204 -2.25 9.75 -8.73
C PRO F 204 -1.82 11.13 -8.27
N VAL F 205 -2.22 12.14 -9.03
CA VAL F 205 -1.89 13.52 -8.71
C VAL F 205 -2.84 14.03 -7.63
N THR F 206 -2.27 14.72 -6.64
CA THR F 206 -3.04 15.29 -5.54
C THR F 206 -2.82 16.80 -5.49
N LYS F 207 -3.90 17.56 -5.43
CA LYS F 207 -3.86 19.01 -5.30
C LYS F 207 -4.59 19.40 -4.02
N SER F 208 -3.89 20.09 -3.13
CA SER F 208 -4.41 20.41 -1.81
C SER F 208 -4.26 21.90 -1.53
N PHE F 209 -4.96 22.34 -0.47
CA PHE F 209 -4.81 23.69 0.04
C PHE F 209 -5.19 23.69 1.50
N ASN F 210 -4.46 24.47 2.31
CA ASN F 210 -4.77 24.60 3.72
C ASN F 210 -5.73 25.77 3.91
N ARG F 211 -6.75 25.54 4.76
CA ARG F 211 -7.75 26.56 5.01
C ARG F 211 -7.13 27.77 5.71
N GLY F 212 -6.72 28.76 4.94
CA GLY F 212 -6.08 29.94 5.48
C GLY F 212 -4.70 30.18 4.91
N GLU F 213 -4.61 30.25 3.59
CA GLU F 213 -3.33 30.49 2.91
C GLU F 213 -3.43 31.69 1.98
#